data_7P46
#
_entry.id   7P46
#
_cell.length_a   78.095
_cell.length_b   117.752
_cell.length_c   138.819
_cell.angle_alpha   90.000
_cell.angle_beta   95.520
_cell.angle_gamma   90.000
#
_symmetry.space_group_name_H-M   'P 1 21 1'
#
loop_
_entity.id
_entity.type
_entity.pdbx_description
1 polymer 'Tryptophan 2,3-dioxygenase'
2 non-polymer 'PROTOPORPHYRIN IX CONTAINING FE'
3 non-polymer 'CYANIDE ION'
4 non-polymer '(2S)-2-amino-4-(2-aminophenyl)-4-oxobutanoic acid'
5 non-polymer TRYPTOPHAN
6 non-polymer GLYCEROL
7 water water
#
_entity_poly.entity_id   1
_entity_poly.type   'polypeptide(L)'
_entity_poly.pdbx_seq_one_letter_code
;KNLRDLEPGIHTDLEGRLTYGGYLRLDQLLSAQQPLSEPAHHDEMLFIIQSQTSELWLKLLAHELRAAIVHLQRDEVWQC
RKVLARSKQVLRQLTEQWSVLETLTPSEYMGFRDVLGPSSGFQSLQYRYIEFLLGNKNPQMLQVFAYDPAGQARLREVLE
APSLYEEFLRYLARFGHAIPQQYQARDWTAAHVADDTLRPVFERIYENTDRYWREYSLCEDLVDVETQFQLWRFRHMRTV
MRVIGFKRGTGGSSGVGFLQQALALTFFPELFDVRTSVGVDN
;
_entity_poly.pdbx_strand_id   A,B,C,D,E,F,G,H
#
# COMPACT_ATOMS: atom_id res chain seq x y z
N LYS A 1 9.26 -50.85 -14.92
CA LYS A 1 8.08 -51.54 -15.52
C LYS A 1 6.84 -50.63 -15.44
N ASN A 2 6.75 -49.86 -14.22
CA ASN A 2 5.53 -49.11 -13.85
C ASN A 2 4.38 -50.11 -14.02
N LEU A 3 4.60 -51.26 -13.48
CA LEU A 3 3.59 -52.26 -13.05
CA LEU A 3 3.63 -52.31 -13.07
C LEU A 3 4.00 -52.68 -11.64
N ARG A 4 3.04 -52.96 -10.79
CA ARG A 4 3.30 -53.44 -9.42
C ARG A 4 3.26 -54.97 -9.47
N ASP A 5 4.34 -55.66 -9.09
CA ASP A 5 4.29 -57.13 -9.03
C ASP A 5 3.38 -57.57 -7.88
N LEU A 6 2.64 -58.65 -8.07
CA LEU A 6 1.86 -59.31 -6.99
C LEU A 6 2.86 -59.77 -5.89
N GLU A 7 2.57 -59.47 -4.65
CA GLU A 7 3.41 -59.96 -3.54
C GLU A 7 3.10 -61.43 -3.33
N PRO A 8 4.08 -62.21 -2.83
CA PRO A 8 3.77 -63.55 -2.34
C PRO A 8 2.81 -63.43 -1.15
N GLY A 9 1.99 -64.45 -0.97
CA GLY A 9 1.11 -64.56 0.18
C GLY A 9 -0.29 -64.03 -0.10
N ILE A 10 -0.47 -63.34 -1.20
CA ILE A 10 -1.84 -62.88 -1.59
C ILE A 10 -2.75 -64.07 -1.89
N HIS A 11 -3.95 -64.10 -1.31
CA HIS A 11 -4.97 -65.17 -1.50
C HIS A 11 -5.59 -65.12 -2.90
N THR A 12 -5.49 -66.25 -3.63
CA THR A 12 -6.12 -66.40 -4.99
C THR A 12 -6.96 -67.68 -5.05
N ASP A 13 -6.82 -68.62 -4.12
CA ASP A 13 -7.63 -69.87 -4.07
C ASP A 13 -8.93 -69.59 -3.30
N LEU A 14 -9.86 -68.89 -3.95
CA LEU A 14 -10.99 -68.26 -3.22
C LEU A 14 -12.31 -68.93 -3.55
N GLU A 15 -12.33 -70.06 -4.32
CA GLU A 15 -13.59 -70.68 -4.81
C GLU A 15 -14.45 -71.24 -3.66
N GLY A 16 -13.86 -71.59 -2.52
CA GLY A 16 -14.61 -72.12 -1.37
C GLY A 16 -14.58 -71.22 -0.15
N ARG A 17 -14.28 -69.94 -0.35
CA ARG A 17 -14.14 -69.06 0.84
CA ARG A 17 -13.98 -68.97 0.73
C ARG A 17 -14.93 -67.77 0.64
N LEU A 18 -15.07 -67.04 1.72
CA LEU A 18 -15.68 -65.69 1.68
C LEU A 18 -14.77 -64.74 0.90
N THR A 19 -15.31 -64.00 -0.08
CA THR A 19 -14.57 -62.96 -0.85
C THR A 19 -15.29 -61.61 -0.75
N TYR A 20 -14.63 -60.55 -1.13
CA TYR A 20 -15.22 -59.20 -1.13
C TYR A 20 -16.63 -59.21 -1.73
N GLY A 21 -16.75 -59.73 -2.96
CA GLY A 21 -18.03 -59.80 -3.70
C GLY A 21 -19.06 -60.61 -2.93
N GLY A 22 -18.65 -61.66 -2.24
CA GLY A 22 -19.55 -62.48 -1.44
C GLY A 22 -20.04 -61.71 -0.21
N TYR A 23 -19.12 -61.15 0.56
CA TYR A 23 -19.39 -60.45 1.83
C TYR A 23 -20.35 -59.27 1.54
N LEU A 24 -20.02 -58.52 0.52
CA LEU A 24 -20.81 -57.31 0.13
C LEU A 24 -21.98 -57.65 -0.79
N ARG A 25 -22.19 -58.92 -1.15
N ARG A 25 -22.27 -58.93 -1.07
CA ARG A 25 -23.38 -59.35 -1.93
CA ARG A 25 -23.45 -59.33 -1.91
C ARG A 25 -23.46 -58.50 -3.21
C ARG A 25 -23.47 -58.50 -3.20
N LEU A 26 -22.36 -58.44 -3.92
CA LEU A 26 -22.26 -57.57 -5.10
C LEU A 26 -23.06 -58.13 -6.29
N ASP A 27 -23.25 -59.45 -6.42
CA ASP A 27 -24.14 -59.96 -7.50
C ASP A 27 -25.51 -59.31 -7.30
N GLN A 28 -26.01 -59.28 -6.09
CA GLN A 28 -27.33 -58.71 -5.74
C GLN A 28 -27.28 -57.17 -5.88
N LEU A 29 -26.30 -56.53 -5.28
CA LEU A 29 -26.20 -55.03 -5.32
C LEU A 29 -26.10 -54.53 -6.76
N LEU A 30 -25.24 -55.14 -7.59
CA LEU A 30 -24.91 -54.59 -8.90
C LEU A 30 -25.82 -55.16 -10.00
N SER A 31 -26.85 -55.90 -9.64
CA SER A 31 -27.93 -56.28 -10.59
C SER A 31 -29.18 -55.44 -10.29
N ALA A 32 -29.10 -54.50 -9.35
CA ALA A 32 -30.23 -53.66 -8.89
C ALA A 32 -30.44 -52.42 -9.78
N GLN A 33 -29.65 -52.21 -10.82
CA GLN A 33 -29.70 -51.03 -11.70
C GLN A 33 -30.41 -51.54 -12.97
N GLN A 34 -31.64 -51.05 -13.22
CA GLN A 34 -32.47 -51.59 -14.33
C GLN A 34 -33.04 -50.39 -15.06
N PRO A 35 -32.23 -49.67 -15.87
CA PRO A 35 -32.78 -48.57 -16.67
C PRO A 35 -33.95 -49.07 -17.52
N LEU A 36 -34.96 -48.20 -17.70
CA LEU A 36 -36.20 -48.58 -18.43
C LEU A 36 -36.26 -47.95 -19.81
N SER A 37 -35.47 -46.90 -20.11
CA SER A 37 -35.51 -46.25 -21.45
CA SER A 37 -35.54 -46.25 -21.43
C SER A 37 -35.25 -47.28 -22.55
N GLU A 38 -36.00 -47.17 -23.65
CA GLU A 38 -35.84 -48.00 -24.89
C GLU A 38 -35.85 -47.06 -26.09
N PRO A 39 -34.75 -46.90 -26.85
CA PRO A 39 -33.49 -47.54 -26.54
C PRO A 39 -32.83 -46.88 -25.31
N ALA A 40 -31.73 -47.44 -24.86
CA ALA A 40 -31.02 -47.04 -23.64
C ALA A 40 -30.69 -45.55 -23.70
N HIS A 41 -30.83 -44.87 -22.57
CA HIS A 41 -30.41 -43.46 -22.47
C HIS A 41 -29.16 -43.43 -21.58
N HIS A 42 -28.08 -42.86 -22.10
CA HIS A 42 -26.78 -42.84 -21.39
C HIS A 42 -26.95 -42.35 -19.94
N ASP A 43 -27.73 -41.30 -19.74
CA ASP A 43 -27.85 -40.57 -18.44
C ASP A 43 -28.72 -41.29 -17.41
N GLU A 44 -29.42 -42.34 -17.77
CA GLU A 44 -30.30 -43.02 -16.83
C GLU A 44 -29.49 -43.81 -15.78
N MET A 45 -28.30 -44.25 -16.09
CA MET A 45 -27.49 -45.00 -15.10
C MET A 45 -27.08 -44.04 -13.97
N LEU A 46 -26.59 -42.85 -14.30
CA LEU A 46 -26.31 -41.81 -13.30
C LEU A 46 -27.56 -41.61 -12.43
N PHE A 47 -28.70 -41.46 -13.07
CA PHE A 47 -29.93 -41.13 -12.34
C PHE A 47 -30.23 -42.21 -11.28
N ILE A 48 -30.12 -43.47 -11.67
CA ILE A 48 -30.45 -44.57 -10.75
C ILE A 48 -29.40 -44.61 -9.64
N ILE A 49 -28.12 -44.56 -10.00
CA ILE A 49 -26.98 -44.65 -9.04
CA ILE A 49 -27.05 -44.71 -8.98
C ILE A 49 -27.07 -43.52 -8.01
N GLN A 50 -27.43 -42.30 -8.46
CA GLN A 50 -27.52 -41.12 -7.60
C GLN A 50 -28.50 -41.40 -6.44
N SER A 51 -29.66 -41.96 -6.76
CA SER A 51 -30.73 -42.21 -5.74
C SER A 51 -30.35 -43.45 -4.90
N GLN A 52 -29.69 -44.44 -5.52
CA GLN A 52 -29.37 -45.69 -4.78
C GLN A 52 -28.28 -45.42 -3.74
N THR A 53 -27.22 -44.68 -4.11
CA THR A 53 -26.16 -44.30 -3.14
C THR A 53 -26.86 -43.53 -2.01
N SER A 54 -27.75 -42.61 -2.32
CA SER A 54 -28.47 -41.81 -1.31
C SER A 54 -29.23 -42.76 -0.38
N GLU A 55 -29.95 -43.74 -0.92
CA GLU A 55 -30.71 -44.69 -0.08
C GLU A 55 -29.76 -45.51 0.80
N LEU A 56 -28.61 -45.90 0.30
CA LEU A 56 -27.65 -46.63 1.20
C LEU A 56 -27.20 -45.72 2.32
N TRP A 57 -26.82 -44.47 2.06
CA TRP A 57 -26.42 -43.54 3.12
C TRP A 57 -27.59 -43.30 4.08
N LEU A 58 -28.81 -43.16 3.58
CA LEU A 58 -29.98 -42.98 4.50
C LEU A 58 -30.14 -44.21 5.39
N LYS A 59 -29.96 -45.42 4.87
CA LYS A 59 -30.02 -46.64 5.69
C LYS A 59 -28.97 -46.56 6.83
N LEU A 60 -27.74 -46.17 6.54
CA LEU A 60 -26.70 -46.02 7.58
C LEU A 60 -27.10 -44.91 8.57
N LEU A 61 -27.61 -43.78 8.06
CA LEU A 61 -27.96 -42.63 8.93
C LEU A 61 -29.03 -43.07 9.93
N ALA A 62 -30.03 -43.86 9.53
CA ALA A 62 -31.09 -44.34 10.46
C ALA A 62 -30.46 -45.26 11.51
N HIS A 63 -29.54 -46.11 11.10
CA HIS A 63 -28.84 -47.08 11.95
C HIS A 63 -28.07 -46.29 13.01
N GLU A 64 -27.33 -45.26 12.61
CA GLU A 64 -26.56 -44.44 13.56
C GLU A 64 -27.48 -43.63 14.48
N LEU A 65 -28.46 -42.93 13.94
CA LEU A 65 -29.34 -42.11 14.80
C LEU A 65 -30.06 -42.99 15.84
N ARG A 66 -30.53 -44.20 15.50
CA ARG A 66 -31.13 -45.08 16.53
C ARG A 66 -30.14 -45.29 17.67
N ALA A 67 -28.87 -45.54 17.35
CA ALA A 67 -27.84 -45.80 18.38
C ALA A 67 -27.57 -44.52 19.22
N ALA A 68 -27.61 -43.35 18.62
CA ALA A 68 -27.40 -42.06 19.31
C ALA A 68 -28.56 -41.93 20.32
N ILE A 69 -29.79 -42.25 19.94
CA ILE A 69 -30.98 -42.21 20.85
C ILE A 69 -30.78 -43.19 22.02
N VAL A 70 -30.37 -44.43 21.76
CA VAL A 70 -30.09 -45.39 22.88
C VAL A 70 -29.06 -44.80 23.86
N HIS A 71 -27.93 -44.29 23.37
CA HIS A 71 -26.91 -43.66 24.22
C HIS A 71 -27.53 -42.50 25.04
N LEU A 72 -28.32 -41.62 24.45
CA LEU A 72 -28.93 -40.48 25.17
C LEU A 72 -29.83 -41.02 26.28
N GLN A 73 -30.63 -42.05 25.98
CA GLN A 73 -31.56 -42.67 26.96
C GLN A 73 -30.79 -43.18 28.16
N ARG A 74 -29.54 -43.61 27.97
CA ARG A 74 -28.66 -44.16 29.02
C ARG A 74 -27.72 -43.11 29.60
N ASP A 75 -27.85 -41.87 29.23
CA ASP A 75 -26.97 -40.75 29.66
C ASP A 75 -25.51 -41.02 29.27
N GLU A 76 -25.30 -41.69 28.14
CA GLU A 76 -23.96 -41.99 27.61
C GLU A 76 -23.58 -40.87 26.65
N VAL A 77 -23.13 -39.74 27.16
CA VAL A 77 -23.00 -38.51 26.34
C VAL A 77 -21.84 -38.71 25.36
N TRP A 78 -20.65 -39.14 25.82
CA TRP A 78 -19.50 -39.19 24.87
C TRP A 78 -19.82 -40.15 23.72
N GLN A 79 -20.46 -41.28 24.00
CA GLN A 79 -20.82 -42.27 22.95
C GLN A 79 -21.83 -41.62 22.01
N CYS A 80 -22.84 -40.94 22.56
CA CYS A 80 -23.85 -40.25 21.74
C CYS A 80 -23.14 -39.26 20.79
N ARG A 81 -22.23 -38.46 21.30
CA ARG A 81 -21.53 -37.45 20.48
C ARG A 81 -20.68 -38.12 19.39
N LYS A 82 -20.06 -39.26 19.69
CA LYS A 82 -19.28 -39.98 18.66
C LYS A 82 -20.22 -40.47 17.54
N VAL A 83 -21.38 -41.03 17.88
CA VAL A 83 -22.37 -41.47 16.88
C VAL A 83 -22.89 -40.27 16.10
N LEU A 84 -23.18 -39.16 16.78
CA LEU A 84 -23.59 -37.92 16.08
C LEU A 84 -22.50 -37.45 15.13
N ALA A 85 -21.22 -37.57 15.47
CA ALA A 85 -20.11 -37.12 14.60
C ALA A 85 -20.16 -37.94 13.28
N ARG A 86 -20.37 -39.24 13.39
CA ARG A 86 -20.51 -40.09 12.17
C ARG A 86 -21.75 -39.63 11.38
N SER A 87 -22.85 -39.36 12.08
CA SER A 87 -24.14 -38.99 11.44
C SER A 87 -23.92 -37.75 10.60
N LYS A 88 -23.20 -36.79 11.15
CA LYS A 88 -22.86 -35.55 10.44
C LYS A 88 -22.09 -35.89 9.15
N GLN A 89 -21.09 -36.74 9.23
CA GLN A 89 -20.29 -37.12 8.03
C GLN A 89 -21.22 -37.74 6.98
N VAL A 90 -22.13 -38.61 7.37
CA VAL A 90 -23.08 -39.27 6.43
C VAL A 90 -23.95 -38.17 5.76
N LEU A 91 -24.47 -37.24 6.52
CA LEU A 91 -25.26 -36.12 5.99
C LEU A 91 -24.41 -35.28 5.05
N ARG A 92 -23.14 -35.13 5.38
CA ARG A 92 -22.22 -34.38 4.52
C ARG A 92 -22.06 -35.10 3.17
N GLN A 93 -21.94 -36.43 3.15
CA GLN A 93 -21.77 -37.14 1.85
C GLN A 93 -23.07 -37.01 1.04
N LEU A 94 -24.21 -37.18 1.70
CA LEU A 94 -25.55 -36.98 1.03
C LEU A 94 -25.64 -35.58 0.42
N THR A 95 -25.06 -34.58 1.04
CA THR A 95 -25.12 -33.20 0.54
C THR A 95 -24.11 -33.01 -0.60
N GLU A 96 -22.90 -33.47 -0.41
CA GLU A 96 -21.80 -33.28 -1.40
C GLU A 96 -22.15 -33.93 -2.72
N GLN A 97 -22.83 -35.08 -2.73
CA GLN A 97 -23.02 -35.83 -3.98
C GLN A 97 -23.94 -35.12 -4.97
N TRP A 98 -24.69 -34.10 -4.55
CA TRP A 98 -25.48 -33.25 -5.51
C TRP A 98 -24.58 -32.75 -6.67
N SER A 99 -23.29 -32.53 -6.43
CA SER A 99 -22.35 -32.06 -7.48
C SER A 99 -22.29 -33.03 -8.66
N VAL A 100 -22.54 -34.32 -8.46
CA VAL A 100 -22.56 -35.30 -9.57
C VAL A 100 -23.79 -35.01 -10.41
N LEU A 101 -24.97 -34.97 -9.77
CA LEU A 101 -26.24 -34.89 -10.53
C LEU A 101 -26.40 -33.55 -11.21
N GLU A 102 -25.71 -32.52 -10.77
CA GLU A 102 -25.77 -31.22 -11.44
C GLU A 102 -25.09 -31.26 -12.82
N THR A 103 -24.38 -32.32 -13.21
CA THR A 103 -23.91 -32.49 -14.61
C THR A 103 -25.02 -33.02 -15.52
N LEU A 104 -26.24 -33.23 -14.99
CA LEU A 104 -27.40 -33.70 -15.78
C LEU A 104 -28.15 -32.45 -16.27
N THR A 105 -28.25 -32.27 -17.57
CA THR A 105 -28.92 -31.06 -18.12
C THR A 105 -30.37 -31.38 -18.38
N PRO A 106 -31.21 -30.34 -18.54
CA PRO A 106 -32.61 -30.57 -18.85
C PRO A 106 -32.83 -31.32 -20.17
N SER A 107 -31.95 -31.09 -21.14
CA SER A 107 -31.89 -31.77 -22.46
C SER A 107 -31.74 -33.28 -22.31
N GLU A 108 -30.83 -33.69 -21.45
CA GLU A 108 -30.59 -35.09 -21.12
C GLU A 108 -31.82 -35.64 -20.38
N TYR A 109 -32.24 -34.98 -19.31
CA TYR A 109 -33.32 -35.52 -18.44
C TYR A 109 -34.61 -35.71 -19.24
N MET A 110 -34.92 -34.78 -20.13
CA MET A 110 -36.17 -34.89 -20.91
C MET A 110 -36.15 -36.12 -21.82
N GLY A 111 -34.99 -36.71 -22.12
CA GLY A 111 -34.93 -37.96 -22.84
C GLY A 111 -35.45 -39.14 -22.07
N PHE A 112 -35.57 -39.08 -20.74
CA PHE A 112 -36.07 -40.27 -20.01
C PHE A 112 -37.00 -39.97 -18.82
N ARG A 113 -37.25 -38.72 -18.47
CA ARG A 113 -38.12 -38.42 -17.30
C ARG A 113 -39.48 -39.15 -17.43
N ASP A 114 -40.04 -39.25 -18.64
N ASP A 114 -39.99 -39.22 -18.66
CA ASP A 114 -41.37 -39.90 -18.84
CA ASP A 114 -41.29 -39.89 -18.99
C ASP A 114 -41.35 -41.36 -18.42
C ASP A 114 -41.32 -41.32 -18.43
N VAL A 115 -40.20 -42.03 -18.44
CA VAL A 115 -40.14 -43.47 -18.03
C VAL A 115 -40.47 -43.59 -16.55
N LEU A 116 -40.25 -42.54 -15.77
CA LEU A 116 -40.40 -42.57 -14.29
C LEU A 116 -41.87 -42.62 -13.86
N GLY A 117 -42.78 -42.26 -14.75
CA GLY A 117 -44.20 -42.22 -14.38
C GLY A 117 -44.39 -41.35 -13.17
N PRO A 118 -45.15 -41.82 -12.17
CA PRO A 118 -45.40 -41.02 -10.96
C PRO A 118 -44.39 -41.21 -9.82
N SER A 119 -43.35 -41.97 -10.09
CA SER A 119 -42.36 -42.34 -9.07
C SER A 119 -41.62 -41.05 -8.65
N SER A 120 -41.27 -40.96 -7.38
CA SER A 120 -40.64 -39.80 -6.74
C SER A 120 -40.00 -40.18 -5.41
N GLY A 121 -38.92 -39.49 -5.08
CA GLY A 121 -38.23 -39.56 -3.78
C GLY A 121 -39.15 -39.16 -2.64
N PHE A 122 -40.24 -38.45 -2.92
CA PHE A 122 -41.29 -38.15 -1.94
C PHE A 122 -41.82 -39.43 -1.34
N GLN A 123 -41.78 -40.51 -2.09
CA GLN A 123 -42.24 -41.86 -1.70
C GLN A 123 -41.10 -42.63 -1.02
N SER A 124 -40.01 -41.99 -0.61
CA SER A 124 -38.90 -42.73 0.07
C SER A 124 -39.30 -43.03 1.51
N LEU A 125 -39.45 -44.29 1.85
CA LEU A 125 -39.74 -44.69 3.24
C LEU A 125 -38.56 -44.33 4.16
N GLN A 126 -37.31 -44.55 3.73
CA GLN A 126 -36.18 -44.29 4.65
C GLN A 126 -36.00 -42.78 4.90
N TYR A 127 -36.25 -41.96 3.90
CA TYR A 127 -36.19 -40.50 4.06
C TYR A 127 -37.25 -40.09 5.11
N ARG A 128 -38.46 -40.61 4.92
CA ARG A 128 -39.60 -40.18 5.81
C ARG A 128 -39.30 -40.67 7.22
N TYR A 129 -38.71 -41.83 7.37
CA TYR A 129 -38.32 -42.39 8.68
C TYR A 129 -37.39 -41.41 9.39
N ILE A 130 -36.38 -40.89 8.68
CA ILE A 130 -35.38 -39.94 9.24
CA ILE A 130 -35.40 -39.95 9.26
C ILE A 130 -36.09 -38.63 9.63
N GLU A 131 -36.95 -38.11 8.76
CA GLU A 131 -37.69 -36.87 9.05
C GLU A 131 -38.47 -37.06 10.35
N PHE A 132 -39.13 -38.21 10.51
CA PHE A 132 -39.97 -38.46 11.73
C PHE A 132 -39.04 -38.58 12.92
N LEU A 133 -37.93 -39.29 12.79
CA LEU A 133 -37.02 -39.53 13.93
CA LEU A 133 -37.02 -39.53 13.93
C LEU A 133 -36.43 -38.21 14.44
N LEU A 134 -36.12 -37.31 13.53
CA LEU A 134 -35.58 -36.01 13.93
C LEU A 134 -36.72 -35.14 14.52
N GLY A 135 -37.97 -35.44 14.21
CA GLY A 135 -39.14 -34.80 14.87
C GLY A 135 -40.13 -34.15 13.95
N ASN A 136 -39.90 -34.13 12.63
CA ASN A 136 -40.86 -33.55 11.64
C ASN A 136 -41.96 -34.57 11.37
N LYS A 137 -42.81 -34.79 12.35
CA LYS A 137 -43.83 -35.85 12.28
C LYS A 137 -45.11 -35.31 11.65
N ASN A 138 -45.44 -35.76 10.46
CA ASN A 138 -46.64 -35.29 9.73
C ASN A 138 -47.45 -36.56 9.50
N PRO A 139 -48.49 -36.84 10.32
CA PRO A 139 -49.28 -38.07 10.12
C PRO A 139 -49.93 -38.15 8.73
N GLN A 140 -50.11 -37.03 8.05
CA GLN A 140 -50.63 -37.00 6.64
C GLN A 140 -49.74 -37.89 5.77
N MET A 141 -48.44 -38.01 6.11
CA MET A 141 -47.50 -38.78 5.25
C MET A 141 -47.80 -40.29 5.33
N LEU A 142 -48.48 -40.79 6.37
CA LEU A 142 -48.78 -42.24 6.48
C LEU A 142 -49.59 -42.70 5.28
N GLN A 143 -50.44 -41.85 4.69
CA GLN A 143 -51.32 -42.25 3.57
C GLN A 143 -50.47 -42.49 2.30
N VAL A 144 -49.27 -41.91 2.21
CA VAL A 144 -48.34 -42.16 1.05
C VAL A 144 -47.87 -43.62 1.07
N PHE A 145 -47.85 -44.25 2.25
CA PHE A 145 -47.34 -45.62 2.48
C PHE A 145 -48.53 -46.59 2.76
N ALA A 146 -49.75 -46.17 2.47
CA ALA A 146 -51.00 -46.92 2.77
C ALA A 146 -50.98 -48.30 2.13
N TYR A 147 -50.26 -48.47 1.02
CA TYR A 147 -50.29 -49.69 0.19
C TYR A 147 -49.02 -50.48 0.46
N ASP A 148 -48.26 -50.09 1.49
CA ASP A 148 -47.07 -50.81 2.00
C ASP A 148 -47.21 -51.04 3.51
N PRO A 149 -48.05 -51.99 3.93
CA PRO A 149 -48.39 -52.12 5.34
C PRO A 149 -47.18 -52.24 6.28
N ALA A 150 -46.18 -53.03 5.90
CA ALA A 150 -45.00 -53.22 6.78
C ALA A 150 -44.25 -51.87 6.88
N GLY A 151 -44.13 -51.13 5.77
CA GLY A 151 -43.44 -49.81 5.79
C GLY A 151 -44.19 -48.82 6.65
N GLN A 152 -45.50 -48.76 6.46
CA GLN A 152 -46.39 -47.88 7.25
C GLN A 152 -46.25 -48.21 8.74
N ALA A 153 -46.21 -49.48 9.11
CA ALA A 153 -46.03 -49.89 10.53
C ALA A 153 -44.68 -49.39 11.07
N ARG A 154 -43.61 -49.46 10.28
CA ARG A 154 -42.28 -48.95 10.72
C ARG A 154 -42.36 -47.43 10.96
N LEU A 155 -43.05 -46.70 10.08
N LEU A 155 -43.02 -46.67 10.07
CA LEU A 155 -43.20 -45.22 10.20
CA LEU A 155 -43.16 -45.22 10.29
C LEU A 155 -44.10 -44.91 11.42
C LEU A 155 -44.00 -44.99 11.56
N ARG A 156 -45.06 -45.79 11.75
CA ARG A 156 -45.94 -45.56 12.92
C ARG A 156 -45.13 -45.74 14.22
N GLU A 157 -44.17 -46.66 14.24
N GLU A 157 -44.21 -46.70 14.25
CA GLU A 157 -43.39 -46.95 15.46
CA GLU A 157 -43.38 -46.94 15.45
C GLU A 157 -42.51 -45.74 15.80
C GLU A 157 -42.66 -45.62 15.77
N VAL A 158 -42.02 -45.02 14.79
N VAL A 158 -41.88 -45.10 14.83
CA VAL A 158 -41.14 -43.84 15.04
CA VAL A 158 -41.15 -43.81 15.02
C VAL A 158 -42.03 -42.62 15.30
C VAL A 158 -42.13 -42.72 15.46
N LEU A 159 -43.25 -42.58 14.74
CA LEU A 159 -44.26 -41.58 15.05
C LEU A 159 -44.63 -41.65 16.55
N GLU A 160 -44.80 -42.83 17.10
CA GLU A 160 -45.33 -43.04 18.48
C GLU A 160 -44.24 -42.87 19.54
N ALA A 161 -42.97 -42.77 19.17
CA ALA A 161 -41.83 -42.68 20.13
C ALA A 161 -41.32 -41.26 20.15
N PRO A 162 -40.72 -40.80 21.27
CA PRO A 162 -40.08 -39.49 21.32
C PRO A 162 -39.06 -39.39 20.19
N SER A 163 -38.96 -38.20 19.66
CA SER A 163 -37.94 -37.90 18.66
C SER A 163 -36.53 -37.88 19.28
N LEU A 164 -35.50 -37.76 18.43
CA LEU A 164 -34.13 -37.50 18.94
C LEU A 164 -34.10 -36.22 19.79
N TYR A 165 -34.83 -35.18 19.40
CA TYR A 165 -34.85 -33.90 20.11
C TYR A 165 -35.58 -34.10 21.45
N GLU A 166 -36.68 -34.84 21.46
CA GLU A 166 -37.45 -35.08 22.72
C GLU A 166 -36.58 -35.92 23.67
N GLU A 167 -35.82 -36.91 23.15
CA GLU A 167 -34.88 -37.66 24.00
C GLU A 167 -33.83 -36.72 24.57
N PHE A 168 -33.36 -35.73 23.85
CA PHE A 168 -32.39 -34.75 24.41
C PHE A 168 -33.04 -33.99 25.59
N LEU A 169 -34.25 -33.51 25.39
CA LEU A 169 -34.99 -32.82 26.48
C LEU A 169 -35.15 -33.73 27.70
N ARG A 170 -35.48 -35.00 27.49
CA ARG A 170 -35.58 -35.97 28.61
C ARG A 170 -34.25 -36.18 29.30
N TYR A 171 -33.15 -36.24 28.55
CA TYR A 171 -31.80 -36.26 29.15
C TYR A 171 -31.60 -34.99 30.02
N LEU A 172 -31.92 -33.81 29.54
CA LEU A 172 -31.76 -32.55 30.30
C LEU A 172 -32.60 -32.63 31.60
N ALA A 173 -33.79 -33.23 31.53
CA ALA A 173 -34.68 -33.38 32.73
C ALA A 173 -34.00 -34.24 33.79
N ARG A 174 -33.30 -35.30 33.38
CA ARG A 174 -32.61 -36.23 34.31
C ARG A 174 -31.44 -35.55 35.02
N PHE A 175 -30.90 -34.46 34.48
CA PHE A 175 -29.75 -33.72 35.06
C PHE A 175 -30.23 -32.40 35.68
N GLY A 176 -31.52 -32.31 36.03
CA GLY A 176 -32.01 -31.23 36.91
C GLY A 176 -32.34 -29.95 36.19
N HIS A 177 -32.33 -29.91 34.84
CA HIS A 177 -32.77 -28.71 34.09
C HIS A 177 -34.28 -28.55 34.27
N ALA A 178 -34.77 -27.34 34.06
CA ALA A 178 -36.18 -26.95 34.30
C ALA A 178 -36.99 -27.35 33.07
N ILE A 179 -37.09 -28.66 32.87
CA ILE A 179 -37.84 -29.22 31.71
C ILE A 179 -39.27 -29.47 32.19
N PRO A 180 -40.27 -28.95 31.47
CA PRO A 180 -41.66 -29.23 31.82
C PRO A 180 -41.96 -30.72 31.90
N GLN A 181 -42.87 -31.11 32.80
N GLN A 181 -42.93 -31.07 32.74
CA GLN A 181 -43.19 -32.54 33.09
CA GLN A 181 -43.24 -32.46 33.09
C GLN A 181 -43.82 -33.20 31.86
C GLN A 181 -43.83 -33.18 31.88
N GLN A 182 -44.43 -32.43 30.95
CA GLN A 182 -45.05 -33.04 29.75
C GLN A 182 -44.03 -33.84 28.90
N TYR A 183 -42.76 -33.44 28.93
CA TYR A 183 -41.71 -34.21 28.20
C TYR A 183 -41.44 -35.61 28.81
N GLN A 184 -41.99 -35.95 29.99
N GLN A 184 -41.98 -35.87 30.02
CA GLN A 184 -41.85 -37.33 30.55
CA GLN A 184 -41.94 -37.17 30.73
C GLN A 184 -42.82 -38.28 29.86
C GLN A 184 -42.80 -38.20 29.96
N ALA A 185 -43.96 -37.77 29.39
CA ALA A 185 -44.93 -38.64 28.71
C ALA A 185 -46.00 -37.75 28.12
N ARG A 186 -46.27 -37.89 26.83
CA ARG A 186 -47.23 -37.07 26.07
C ARG A 186 -47.53 -37.81 24.78
N ASP A 187 -48.46 -37.28 23.98
CA ASP A 187 -48.78 -37.86 22.66
C ASP A 187 -47.64 -37.52 21.67
N TRP A 188 -46.70 -38.43 21.54
CA TRP A 188 -45.48 -38.21 20.70
C TRP A 188 -45.83 -38.14 19.20
N THR A 189 -47.01 -38.60 18.77
CA THR A 189 -47.41 -38.56 17.32
C THR A 189 -47.65 -37.13 16.92
N ALA A 190 -47.88 -36.25 17.89
CA ALA A 190 -48.09 -34.82 17.65
C ALA A 190 -46.73 -34.15 17.57
N ALA A 191 -46.41 -33.54 16.44
CA ALA A 191 -45.09 -32.90 16.28
C ALA A 191 -44.86 -31.84 17.37
N HIS A 192 -43.64 -31.83 17.91
CA HIS A 192 -43.14 -30.87 18.91
C HIS A 192 -43.53 -29.44 18.50
N VAL A 193 -44.17 -28.71 19.43
N VAL A 193 -44.14 -28.68 19.42
CA VAL A 193 -44.45 -27.24 19.33
CA VAL A 193 -44.50 -27.25 19.23
C VAL A 193 -43.36 -26.46 20.08
C VAL A 193 -43.52 -26.42 20.08
N ALA A 194 -42.89 -25.37 19.51
CA ALA A 194 -41.87 -24.51 20.14
C ALA A 194 -42.39 -24.04 21.50
N ASP A 195 -41.56 -24.18 22.53
CA ASP A 195 -41.91 -24.05 23.96
C ASP A 195 -41.08 -22.92 24.55
N ASP A 196 -41.70 -21.73 24.77
CA ASP A 196 -40.98 -20.56 25.31
C ASP A 196 -40.40 -20.86 26.71
N THR A 197 -40.91 -21.85 27.45
CA THR A 197 -40.40 -22.11 28.82
C THR A 197 -39.05 -22.78 28.75
N LEU A 198 -38.66 -23.23 27.56
CA LEU A 198 -37.32 -23.81 27.40
C LEU A 198 -36.29 -22.70 27.17
N ARG A 199 -36.68 -21.49 26.83
CA ARG A 199 -35.71 -20.37 26.57
C ARG A 199 -34.73 -20.22 27.74
N PRO A 200 -35.20 -20.06 29.01
CA PRO A 200 -34.26 -19.89 30.12
C PRO A 200 -33.37 -21.11 30.40
N VAL A 201 -33.88 -22.31 30.06
CA VAL A 201 -33.07 -23.56 30.18
C VAL A 201 -31.84 -23.45 29.25
N PHE A 202 -32.06 -23.08 27.97
CA PHE A 202 -30.93 -23.03 26.99
C PHE A 202 -30.04 -21.82 27.29
N GLU A 203 -30.61 -20.73 27.83
CA GLU A 203 -29.78 -19.52 28.14
C GLU A 203 -28.77 -19.93 29.20
N ARG A 204 -29.21 -20.68 30.21
CA ARG A 204 -28.37 -21.08 31.36
C ARG A 204 -27.23 -21.97 30.86
N ILE A 205 -27.54 -22.92 29.96
CA ILE A 205 -26.51 -23.82 29.39
C ILE A 205 -25.46 -22.99 28.61
N TYR A 206 -25.89 -22.12 27.69
CA TYR A 206 -24.97 -21.36 26.79
C TYR A 206 -24.21 -20.29 27.55
N GLU A 207 -24.67 -19.94 28.75
CA GLU A 207 -24.03 -18.84 29.54
C GLU A 207 -23.18 -19.39 30.68
N ASN A 208 -23.16 -20.71 30.89
CA ASN A 208 -22.39 -21.41 31.95
C ASN A 208 -21.78 -22.66 31.32
N THR A 209 -21.00 -22.49 30.24
CA THR A 209 -20.47 -23.63 29.43
C THR A 209 -19.53 -24.46 30.26
N ASP A 210 -18.79 -23.87 31.22
CA ASP A 210 -17.88 -24.67 32.10
C ASP A 210 -18.71 -25.65 32.95
N ARG A 211 -19.81 -25.20 33.53
CA ARG A 211 -20.71 -26.11 34.28
C ARG A 211 -21.45 -27.08 33.35
N TYR A 212 -22.03 -26.58 32.29
CA TYR A 212 -22.95 -27.39 31.45
C TYR A 212 -22.24 -27.76 30.13
N TRP A 213 -20.98 -28.16 30.19
CA TRP A 213 -20.19 -28.51 28.96
C TRP A 213 -20.86 -29.65 28.16
N ARG A 214 -21.40 -30.67 28.81
CA ARG A 214 -22.00 -31.85 28.15
CA ARG A 214 -22.00 -31.85 28.14
C ARG A 214 -23.23 -31.37 27.38
N GLU A 215 -24.10 -30.63 28.05
CA GLU A 215 -25.32 -30.09 27.43
C GLU A 215 -25.00 -29.16 26.25
N TYR A 216 -24.07 -28.24 26.45
CA TYR A 216 -23.68 -27.26 25.41
C TYR A 216 -23.17 -28.03 24.19
N SER A 217 -22.33 -29.01 24.42
CA SER A 217 -21.74 -29.77 23.27
CA SER A 217 -21.74 -29.85 23.32
C SER A 217 -22.86 -30.50 22.50
N LEU A 218 -23.82 -31.08 23.21
CA LEU A 218 -24.95 -31.75 22.53
C LEU A 218 -25.86 -30.73 21.84
N CYS A 219 -26.15 -29.55 22.42
CA CYS A 219 -26.90 -28.51 21.71
C CYS A 219 -26.21 -28.24 20.35
N GLU A 220 -24.91 -28.01 20.39
CA GLU A 220 -24.14 -27.65 19.16
C GLU A 220 -24.12 -28.83 18.16
N ASP A 221 -24.02 -30.07 18.63
CA ASP A 221 -24.19 -31.28 17.79
C ASP A 221 -25.53 -31.25 17.07
N LEU A 222 -26.62 -30.95 17.79
CA LEU A 222 -27.97 -30.93 17.16
C LEU A 222 -28.08 -29.78 16.18
N VAL A 223 -27.50 -28.61 16.46
CA VAL A 223 -27.55 -27.48 15.52
C VAL A 223 -26.78 -27.90 14.25
N ASP A 224 -25.67 -28.58 14.42
CA ASP A 224 -24.88 -29.11 13.26
C ASP A 224 -25.73 -30.06 12.41
N VAL A 225 -26.45 -30.98 13.03
CA VAL A 225 -27.26 -31.98 12.30
C VAL A 225 -28.35 -31.23 11.54
N GLU A 226 -29.06 -30.34 12.22
CA GLU A 226 -30.14 -29.57 11.54
C GLU A 226 -29.54 -28.82 10.34
N THR A 227 -28.45 -28.10 10.56
CA THR A 227 -27.88 -27.21 9.51
C THR A 227 -27.49 -28.10 8.32
N GLN A 228 -26.87 -29.26 8.55
CA GLN A 228 -26.46 -30.15 7.42
C GLN A 228 -27.71 -30.67 6.69
N PHE A 229 -28.79 -31.02 7.42
CA PHE A 229 -30.04 -31.52 6.81
C PHE A 229 -30.61 -30.42 5.92
N GLN A 230 -30.64 -29.16 6.39
CA GLN A 230 -31.19 -28.02 5.63
C GLN A 230 -30.33 -27.84 4.37
N LEU A 231 -28.99 -28.02 4.48
N LEU A 231 -29.02 -28.07 4.46
CA LEU A 231 -28.08 -27.92 3.31
CA LEU A 231 -28.16 -27.90 3.26
C LEU A 231 -28.50 -29.01 2.29
C LEU A 231 -28.45 -29.03 2.26
N TRP A 232 -28.74 -30.25 2.73
CA TRP A 232 -29.23 -31.31 1.84
C TRP A 232 -30.49 -30.80 1.14
N ARG A 233 -31.44 -30.31 1.89
CA ARG A 233 -32.74 -29.87 1.28
C ARG A 233 -32.43 -28.79 0.24
N PHE A 234 -31.58 -27.84 0.58
CA PHE A 234 -31.32 -26.68 -0.30
C PHE A 234 -30.65 -27.14 -1.61
N ARG A 235 -29.67 -28.04 -1.49
CA ARG A 235 -28.96 -28.53 -2.69
C ARG A 235 -29.88 -29.35 -3.56
N HIS A 236 -30.75 -30.20 -2.99
CA HIS A 236 -31.74 -30.98 -3.73
C HIS A 236 -32.62 -29.95 -4.49
N MET A 237 -33.10 -28.93 -3.78
N MET A 237 -33.10 -28.93 -3.77
CA MET A 237 -34.03 -27.95 -4.37
CA MET A 237 -34.04 -27.93 -4.37
C MET A 237 -33.35 -27.16 -5.51
C MET A 237 -33.34 -27.18 -5.52
N ARG A 238 -32.08 -26.77 -5.34
CA ARG A 238 -31.30 -26.10 -6.40
C ARG A 238 -31.13 -27.06 -7.59
N THR A 239 -30.91 -28.35 -7.36
CA THR A 239 -30.79 -29.34 -8.44
C THR A 239 -32.14 -29.40 -9.20
N VAL A 240 -33.24 -29.43 -8.47
CA VAL A 240 -34.60 -29.52 -9.09
C VAL A 240 -34.77 -28.27 -9.99
N MET A 241 -34.39 -27.10 -9.48
CA MET A 241 -34.54 -25.83 -10.23
C MET A 241 -33.74 -25.91 -11.54
N ARG A 242 -32.51 -26.47 -11.52
CA ARG A 242 -31.73 -26.49 -12.78
C ARG A 242 -32.13 -27.63 -13.68
N VAL A 243 -32.78 -28.70 -13.21
CA VAL A 243 -33.12 -29.81 -14.10
C VAL A 243 -34.57 -29.65 -14.63
N ILE A 244 -35.54 -29.34 -13.77
CA ILE A 244 -36.96 -29.20 -14.22
C ILE A 244 -37.52 -27.81 -13.99
N GLY A 245 -36.78 -26.88 -13.43
CA GLY A 245 -37.29 -25.53 -13.23
C GLY A 245 -38.51 -25.53 -12.34
N PHE A 246 -39.56 -24.87 -12.78
CA PHE A 246 -40.81 -24.74 -11.98
C PHE A 246 -41.86 -25.69 -12.53
N LYS A 247 -41.46 -26.75 -13.22
CA LYS A 247 -42.40 -27.84 -13.63
C LYS A 247 -42.96 -28.53 -12.37
N ARG A 248 -44.18 -29.02 -12.49
CA ARG A 248 -44.73 -29.88 -11.42
C ARG A 248 -43.87 -31.16 -11.37
N GLY A 249 -43.88 -31.77 -10.19
CA GLY A 249 -43.11 -32.99 -9.92
C GLY A 249 -43.82 -34.24 -10.40
N THR A 250 -43.05 -35.30 -10.67
CA THR A 250 -43.61 -36.63 -11.00
C THR A 250 -44.57 -37.12 -9.91
N GLY A 251 -44.29 -36.81 -8.65
CA GLY A 251 -45.08 -37.23 -7.48
C GLY A 251 -46.40 -36.49 -7.37
N GLY A 252 -46.57 -35.46 -8.18
CA GLY A 252 -47.86 -34.71 -8.23
C GLY A 252 -47.81 -33.39 -7.48
N SER A 253 -46.69 -32.99 -6.88
CA SER A 253 -46.61 -31.69 -6.17
C SER A 253 -46.27 -30.54 -7.12
N SER A 254 -46.33 -29.32 -6.59
CA SER A 254 -45.93 -28.06 -7.29
C SER A 254 -44.42 -28.03 -7.58
N GLY A 255 -43.66 -28.93 -6.94
CA GLY A 255 -42.21 -29.05 -7.15
C GLY A 255 -41.45 -28.12 -6.26
N VAL A 256 -40.69 -27.18 -6.82
CA VAL A 256 -39.80 -26.29 -6.01
C VAL A 256 -40.55 -25.67 -4.85
N GLY A 257 -41.76 -25.13 -5.06
CA GLY A 257 -42.46 -24.49 -3.93
C GLY A 257 -42.72 -25.43 -2.79
N PHE A 258 -43.12 -26.66 -3.10
CA PHE A 258 -43.43 -27.69 -2.08
C PHE A 258 -42.15 -28.01 -1.30
N LEU A 259 -41.03 -28.08 -2.00
CA LEU A 259 -39.69 -28.31 -1.35
C LEU A 259 -39.29 -27.14 -0.45
N GLN A 260 -39.57 -25.91 -0.90
N GLN A 260 -39.56 -25.92 -0.90
CA GLN A 260 -39.26 -24.67 -0.15
CA GLN A 260 -39.25 -24.68 -0.15
C GLN A 260 -40.05 -24.67 1.17
C GLN A 260 -40.04 -24.66 1.16
N GLN A 261 -41.23 -25.28 1.21
CA GLN A 261 -42.07 -25.35 2.43
C GLN A 261 -41.36 -26.17 3.52
N ALA A 262 -40.60 -27.22 3.13
CA ALA A 262 -39.85 -28.02 4.14
C ALA A 262 -38.63 -27.23 4.61
N LEU A 263 -37.98 -26.45 3.74
CA LEU A 263 -36.80 -25.61 4.11
C LEU A 263 -37.18 -24.58 5.18
N ALA A 264 -38.45 -24.22 5.21
CA ALA A 264 -39.00 -23.24 6.14
C ALA A 264 -39.19 -23.88 7.50
N LEU A 265 -39.19 -25.21 7.63
CA LEU A 265 -39.43 -25.90 8.91
C LEU A 265 -38.15 -25.93 9.75
N THR A 266 -38.31 -26.03 11.05
CA THR A 266 -37.16 -26.21 11.99
C THR A 266 -37.37 -27.47 12.83
N PHE A 267 -36.36 -28.33 12.93
CA PHE A 267 -36.44 -29.52 13.80
C PHE A 267 -36.30 -29.15 15.29
N PHE A 268 -35.42 -28.22 15.64
CA PHE A 268 -34.95 -27.99 17.04
C PHE A 268 -35.16 -26.51 17.38
N PRO A 269 -36.42 -26.03 17.39
CA PRO A 269 -36.68 -24.60 17.34
C PRO A 269 -36.05 -23.85 18.51
N GLU A 270 -36.15 -24.40 19.73
CA GLU A 270 -35.65 -23.62 20.89
C GLU A 270 -34.15 -23.39 20.82
N LEU A 271 -33.40 -24.26 20.14
CA LEU A 271 -31.95 -24.09 20.01
C LEU A 271 -31.65 -22.92 19.10
N PHE A 272 -32.44 -22.72 18.03
CA PHE A 272 -32.32 -21.51 17.19
C PHE A 272 -32.86 -20.29 17.93
N ASP A 273 -33.99 -20.43 18.60
CA ASP A 273 -34.68 -19.26 19.21
C ASP A 273 -33.79 -18.64 20.29
N VAL A 274 -33.05 -19.46 21.03
CA VAL A 274 -32.22 -18.99 22.15
C VAL A 274 -31.16 -17.99 21.66
N ARG A 275 -30.77 -18.03 20.39
CA ARG A 275 -29.73 -17.08 19.89
C ARG A 275 -30.18 -15.63 20.12
N THR A 276 -31.48 -15.32 20.07
CA THR A 276 -31.96 -13.91 20.17
C THR A 276 -31.71 -13.37 21.57
N SER A 277 -31.53 -14.20 22.60
CA SER A 277 -31.42 -13.73 24.00
C SER A 277 -30.14 -14.15 24.70
N VAL A 278 -29.31 -15.03 24.12
CA VAL A 278 -28.10 -15.52 24.82
C VAL A 278 -27.18 -14.30 24.99
N GLY A 279 -26.52 -14.25 26.12
CA GLY A 279 -25.43 -13.29 26.39
C GLY A 279 -24.10 -14.00 26.45
N VAL A 280 -23.12 -13.33 27.04
CA VAL A 280 -21.74 -13.85 27.08
C VAL A 280 -21.74 -15.06 28.03
N ASP A 281 -20.84 -16.01 27.79
CA ASP A 281 -20.62 -17.19 28.66
C ASP A 281 -20.15 -16.75 30.05
N ASN B 2 -45.59 -25.53 12.32
CA ASN B 2 -44.36 -26.37 12.35
C ASN B 2 -44.57 -27.62 11.49
N LEU B 3 -45.56 -27.65 10.57
CA LEU B 3 -45.82 -28.80 9.66
C LEU B 3 -46.12 -28.30 8.26
N ARG B 4 -45.69 -29.03 7.24
CA ARG B 4 -46.03 -28.74 5.85
C ARG B 4 -47.29 -29.54 5.50
N ASP B 5 -48.37 -28.89 5.09
CA ASP B 5 -49.55 -29.65 4.62
C ASP B 5 -49.21 -30.37 3.29
N LEU B 6 -49.73 -31.56 3.11
CA LEU B 6 -49.71 -32.30 1.83
C LEU B 6 -50.48 -31.48 0.77
N GLU B 7 -49.87 -31.18 -0.36
CA GLU B 7 -50.56 -30.42 -1.43
C GLU B 7 -51.58 -31.30 -2.07
N PRO B 8 -52.68 -30.71 -2.57
CA PRO B 8 -53.56 -31.46 -3.45
C PRO B 8 -52.76 -31.84 -4.71
N GLY B 9 -53.12 -32.98 -5.29
CA GLY B 9 -52.56 -33.44 -6.58
C GLY B 9 -51.48 -34.48 -6.37
N ILE B 10 -51.04 -34.63 -5.12
CA ILE B 10 -49.96 -35.63 -4.81
C ILE B 10 -50.56 -37.04 -4.93
N HIS B 11 -49.99 -37.87 -5.79
CA HIS B 11 -50.36 -39.31 -6.00
C HIS B 11 -50.09 -40.12 -4.72
N THR B 12 -51.02 -40.98 -4.27
CA THR B 12 -50.73 -41.95 -3.17
C THR B 12 -51.00 -43.42 -3.58
N ASP B 13 -51.88 -43.71 -4.54
CA ASP B 13 -52.02 -45.12 -5.00
C ASP B 13 -51.25 -45.37 -6.31
N LEU B 14 -50.02 -45.90 -6.22
N LEU B 14 -50.03 -45.89 -6.25
CA LEU B 14 -49.20 -46.26 -7.42
CA LEU B 14 -49.30 -46.27 -7.49
C LEU B 14 -49.21 -47.79 -7.65
C LEU B 14 -49.15 -47.80 -7.53
N GLU B 15 -50.16 -48.53 -7.06
CA GLU B 15 -50.06 -50.02 -7.03
C GLU B 15 -50.17 -50.64 -8.42
N GLY B 16 -50.66 -49.92 -9.43
CA GLY B 16 -50.67 -50.44 -10.80
C GLY B 16 -49.83 -49.61 -11.72
N ARG B 17 -48.83 -48.95 -11.17
CA ARG B 17 -47.93 -48.03 -11.89
C ARG B 17 -46.49 -48.25 -11.39
N LEU B 18 -45.54 -47.69 -12.10
CA LEU B 18 -44.13 -47.69 -11.59
C LEU B 18 -44.05 -46.99 -10.24
N THR B 19 -43.29 -47.61 -9.34
N THR B 19 -43.46 -47.66 -9.24
CA THR B 19 -43.08 -47.11 -7.99
CA THR B 19 -43.17 -47.12 -7.89
C THR B 19 -41.61 -46.65 -7.81
C THR B 19 -41.68 -46.73 -7.75
N TYR B 20 -41.37 -45.83 -6.82
CA TYR B 20 -39.99 -45.41 -6.43
C TYR B 20 -39.19 -46.64 -6.04
N GLY B 21 -39.70 -47.46 -5.12
CA GLY B 21 -39.04 -48.73 -4.70
C GLY B 21 -38.92 -49.72 -5.82
N GLY B 22 -39.87 -49.75 -6.79
CA GLY B 22 -39.79 -50.66 -7.92
C GLY B 22 -38.74 -50.18 -8.91
N TYR B 23 -38.76 -48.89 -9.25
CA TYR B 23 -37.81 -48.30 -10.21
C TYR B 23 -36.37 -48.56 -9.70
N LEU B 24 -36.14 -48.23 -8.44
CA LEU B 24 -34.78 -48.31 -7.85
C LEU B 24 -34.48 -49.71 -7.27
N ARG B 25 -35.38 -50.68 -7.42
CA ARG B 25 -35.20 -52.06 -6.93
C ARG B 25 -34.72 -52.03 -5.47
N LEU B 26 -35.40 -51.27 -4.65
CA LEU B 26 -34.94 -51.03 -3.26
C LEU B 26 -35.08 -52.27 -2.38
N ASP B 27 -36.02 -53.18 -2.63
CA ASP B 27 -36.07 -54.39 -1.79
C ASP B 27 -34.81 -55.19 -2.03
N GLN B 28 -34.34 -55.27 -3.27
CA GLN B 28 -33.10 -55.98 -3.61
C GLN B 28 -31.92 -55.20 -3.02
N LEU B 29 -31.84 -53.94 -3.31
CA LEU B 29 -30.69 -53.10 -2.86
C LEU B 29 -30.52 -53.09 -1.34
N LEU B 30 -31.61 -52.93 -0.60
CA LEU B 30 -31.58 -52.73 0.86
C LEU B 30 -31.72 -54.06 1.61
N SER B 31 -31.66 -55.20 0.92
CA SER B 31 -31.49 -56.54 1.55
C SER B 31 -30.06 -57.06 1.28
N ALA B 32 -29.18 -56.25 0.68
CA ALA B 32 -27.81 -56.66 0.26
C ALA B 32 -26.81 -56.43 1.41
N GLN B 33 -27.28 -55.89 2.52
CA GLN B 33 -26.43 -55.61 3.72
C GLN B 33 -26.64 -56.82 4.66
N GLN B 34 -25.62 -57.66 4.80
CA GLN B 34 -25.72 -58.91 5.61
C GLN B 34 -24.50 -59.01 6.54
N PRO B 35 -24.51 -58.25 7.65
CA PRO B 35 -23.41 -58.30 8.64
C PRO B 35 -23.33 -59.71 9.22
N LEU B 36 -22.12 -60.12 9.53
CA LEU B 36 -21.82 -61.50 9.91
C LEU B 36 -21.49 -61.58 11.39
N SER B 37 -21.18 -60.49 12.08
CA SER B 37 -20.85 -60.57 13.53
C SER B 37 -21.99 -61.18 14.33
N GLU B 38 -21.58 -61.95 15.34
CA GLU B 38 -22.54 -62.53 16.31
C GLU B 38 -21.92 -62.42 17.69
N PRO B 39 -22.49 -61.64 18.63
CA PRO B 39 -23.67 -60.81 18.39
C PRO B 39 -23.34 -59.68 17.39
N ALA B 40 -24.37 -59.00 16.94
CA ALA B 40 -24.24 -57.93 15.93
C ALA B 40 -23.29 -56.85 16.48
N HIS B 41 -22.39 -56.37 15.65
CA HIS B 41 -21.47 -55.27 15.98
C HIS B 41 -21.99 -53.97 15.36
N HIS B 42 -22.22 -52.92 16.13
CA HIS B 42 -22.80 -51.66 15.62
C HIS B 42 -22.08 -51.16 14.34
N ASP B 43 -20.75 -51.25 14.31
CA ASP B 43 -19.90 -50.61 13.27
C ASP B 43 -19.86 -51.40 11.97
N GLU B 44 -20.35 -52.63 11.94
CA GLU B 44 -20.28 -53.45 10.71
C GLU B 44 -21.23 -52.87 9.65
N MET B 45 -22.29 -52.19 10.03
CA MET B 45 -23.19 -51.64 8.99
C MET B 45 -22.48 -50.50 8.24
N LEU B 46 -21.84 -49.58 8.95
CA LEU B 46 -20.97 -48.57 8.31
C LEU B 46 -20.03 -49.29 7.33
N PHE B 47 -19.37 -50.32 7.81
CA PHE B 47 -18.31 -50.97 7.01
C PHE B 47 -18.88 -51.46 5.65
N ILE B 48 -19.98 -52.15 5.71
CA ILE B 48 -20.64 -52.67 4.48
C ILE B 48 -21.07 -51.50 3.58
N ILE B 49 -21.80 -50.55 4.12
CA ILE B 49 -22.34 -49.41 3.31
C ILE B 49 -21.22 -48.59 2.67
N GLN B 50 -20.08 -48.42 3.37
CA GLN B 50 -18.91 -47.66 2.88
C GLN B 50 -18.43 -48.30 1.57
N SER B 51 -18.28 -49.63 1.51
CA SER B 51 -17.75 -50.32 0.28
C SER B 51 -18.87 -50.41 -0.78
N GLN B 52 -20.14 -50.56 -0.37
CA GLN B 52 -21.27 -50.73 -1.32
C GLN B 52 -21.50 -49.42 -2.04
N THR B 53 -21.52 -48.28 -1.33
CA THR B 53 -21.67 -46.95 -1.99
C THR B 53 -20.50 -46.83 -2.98
N SER B 54 -19.28 -47.20 -2.57
CA SER B 54 -18.08 -47.09 -3.44
C SER B 54 -18.30 -47.94 -4.69
N GLU B 55 -18.81 -49.18 -4.58
CA GLU B 55 -19.02 -50.06 -5.74
C GLU B 55 -20.10 -49.44 -6.64
N LEU B 56 -21.14 -48.82 -6.11
CA LEU B 56 -22.10 -48.17 -7.00
C LEU B 56 -21.42 -47.03 -7.78
N TRP B 57 -20.59 -46.20 -7.15
CA TRP B 57 -19.92 -45.08 -7.84
C TRP B 57 -18.95 -45.66 -8.88
N LEU B 58 -18.27 -46.76 -8.52
CA LEU B 58 -17.35 -47.39 -9.50
C LEU B 58 -18.13 -47.91 -10.71
N LYS B 59 -19.33 -48.45 -10.53
CA LYS B 59 -20.18 -48.92 -11.64
C LYS B 59 -20.48 -47.73 -12.57
N LEU B 60 -20.90 -46.61 -11.98
CA LEU B 60 -21.17 -45.41 -12.78
C LEU B 60 -19.88 -44.92 -13.46
N LEU B 61 -18.77 -44.91 -12.74
CA LEU B 61 -17.51 -44.42 -13.35
C LEU B 61 -17.17 -45.26 -14.57
N ALA B 62 -17.34 -46.58 -14.54
CA ALA B 62 -17.01 -47.45 -15.70
C ALA B 62 -17.94 -47.15 -16.87
N HIS B 63 -19.19 -46.91 -16.57
CA HIS B 63 -20.24 -46.55 -17.57
C HIS B 63 -19.84 -45.25 -18.24
N GLU B 64 -19.46 -44.24 -17.49
CA GLU B 64 -19.06 -42.92 -18.06
C GLU B 64 -17.76 -43.06 -18.89
N LEU B 65 -16.73 -43.68 -18.33
CA LEU B 65 -15.44 -43.82 -19.03
C LEU B 65 -15.61 -44.56 -20.36
N ARG B 66 -16.42 -45.60 -20.43
CA ARG B 66 -16.65 -46.31 -21.72
C ARG B 66 -17.24 -45.30 -22.73
N ALA B 67 -18.17 -44.45 -22.30
CA ALA B 67 -18.79 -43.44 -23.19
C ALA B 67 -17.76 -42.37 -23.60
N ALA B 68 -16.85 -41.99 -22.71
CA ALA B 68 -15.79 -41.03 -23.04
C ALA B 68 -14.90 -41.64 -24.14
N ILE B 69 -14.60 -42.93 -24.04
CA ILE B 69 -13.80 -43.64 -25.09
C ILE B 69 -14.55 -43.63 -26.43
N VAL B 70 -15.84 -43.93 -26.45
CA VAL B 70 -16.62 -43.90 -27.72
C VAL B 70 -16.54 -42.51 -28.32
N HIS B 71 -16.74 -41.47 -27.53
CA HIS B 71 -16.66 -40.08 -28.03
C HIS B 71 -15.27 -39.84 -28.63
N LEU B 72 -14.19 -40.22 -27.95
CA LEU B 72 -12.81 -39.99 -28.46
C LEU B 72 -12.67 -40.68 -29.81
N GLN B 73 -13.15 -41.91 -29.92
CA GLN B 73 -13.02 -42.73 -31.13
C GLN B 73 -13.70 -41.99 -32.29
N ARG B 74 -14.72 -41.19 -32.00
CA ARG B 74 -15.55 -40.47 -33.01
C ARG B 74 -15.12 -39.01 -33.14
N ASP B 75 -14.03 -38.61 -32.51
CA ASP B 75 -13.50 -37.24 -32.53
C ASP B 75 -14.57 -36.27 -31.98
N GLU B 76 -15.42 -36.74 -31.05
CA GLU B 76 -16.48 -35.90 -30.41
C GLU B 76 -15.90 -35.30 -29.14
N VAL B 77 -15.15 -34.21 -29.28
CA VAL B 77 -14.33 -33.64 -28.17
C VAL B 77 -15.27 -33.06 -27.13
N TRP B 78 -16.20 -32.18 -27.50
CA TRP B 78 -16.99 -31.52 -26.45
C TRP B 78 -17.77 -32.58 -25.66
N GLN B 79 -18.30 -33.61 -26.29
CA GLN B 79 -19.05 -34.71 -25.62
C GLN B 79 -18.13 -35.48 -24.69
N CYS B 80 -16.93 -35.86 -25.17
CA CYS B 80 -15.92 -36.50 -24.31
C CYS B 80 -15.66 -35.66 -23.04
N ARG B 81 -15.41 -34.37 -23.20
CA ARG B 81 -15.10 -33.47 -22.08
C ARG B 81 -16.26 -33.43 -21.07
N LYS B 82 -17.48 -33.43 -21.54
CA LYS B 82 -18.65 -33.40 -20.61
C LYS B 82 -18.69 -34.71 -19.82
N VAL B 83 -18.42 -35.82 -20.49
CA VAL B 83 -18.43 -37.14 -19.82
C VAL B 83 -17.26 -37.19 -18.81
N LEU B 84 -16.09 -36.67 -19.16
CA LEU B 84 -14.94 -36.62 -18.24
C LEU B 84 -15.26 -35.70 -17.03
N ALA B 85 -16.02 -34.62 -17.23
CA ALA B 85 -16.40 -33.68 -16.15
C ALA B 85 -17.22 -34.49 -15.10
N ARG B 86 -18.14 -35.33 -15.57
CA ARG B 86 -18.98 -36.15 -14.66
C ARG B 86 -18.08 -37.19 -13.99
N SER B 87 -17.16 -37.78 -14.75
CA SER B 87 -16.21 -38.80 -14.21
C SER B 87 -15.43 -38.19 -13.07
N LYS B 88 -14.99 -36.95 -13.21
CA LYS B 88 -14.26 -36.26 -12.15
C LYS B 88 -15.14 -36.14 -10.90
N GLN B 89 -16.38 -35.77 -11.07
CA GLN B 89 -17.28 -35.58 -9.90
C GLN B 89 -17.45 -36.95 -9.23
N VAL B 90 -17.60 -38.02 -9.99
CA VAL B 90 -17.75 -39.38 -9.39
C VAL B 90 -16.50 -39.72 -8.57
N LEU B 91 -15.32 -39.51 -9.15
CA LEU B 91 -14.05 -39.75 -8.39
C LEU B 91 -13.99 -38.83 -7.18
N ARG B 92 -14.47 -37.58 -7.26
CA ARG B 92 -14.48 -36.70 -6.07
C ARG B 92 -15.35 -37.32 -4.97
N GLN B 93 -16.52 -37.91 -5.28
CA GLN B 93 -17.39 -38.46 -4.21
C GLN B 93 -16.69 -39.68 -3.61
N LEU B 94 -16.09 -40.52 -4.46
CA LEU B 94 -15.30 -41.70 -3.99
C LEU B 94 -14.19 -41.25 -3.04
N THR B 95 -13.58 -40.09 -3.27
N THR B 95 -13.56 -40.08 -3.28
CA THR B 95 -12.46 -39.61 -2.43
CA THR B 95 -12.46 -39.56 -2.40
C THR B 95 -13.00 -38.98 -1.15
C THR B 95 -13.05 -38.93 -1.14
N GLU B 96 -14.06 -38.20 -1.28
N GLU B 96 -14.11 -38.12 -1.25
CA GLU B 96 -14.65 -37.42 -0.15
CA GLU B 96 -14.64 -37.36 -0.10
C GLU B 96 -15.12 -38.40 0.93
C GLU B 96 -15.18 -38.37 0.95
N GLN B 97 -15.74 -39.51 0.53
CA GLN B 97 -16.47 -40.37 1.47
C GLN B 97 -15.52 -41.05 2.49
N TRP B 98 -14.20 -41.08 2.24
CA TRP B 98 -13.24 -41.57 3.27
C TRP B 98 -13.53 -40.90 4.62
N SER B 99 -13.97 -39.64 4.65
CA SER B 99 -14.22 -38.92 5.94
C SER B 99 -15.24 -39.69 6.80
N VAL B 100 -16.20 -40.42 6.24
CA VAL B 100 -17.13 -41.25 7.04
C VAL B 100 -16.34 -42.37 7.72
N LEU B 101 -15.57 -43.14 6.94
CA LEU B 101 -14.94 -44.39 7.48
C LEU B 101 -13.86 -44.01 8.48
N GLU B 102 -13.32 -42.80 8.42
CA GLU B 102 -12.31 -42.39 9.38
C GLU B 102 -12.90 -42.24 10.79
N THR B 103 -14.24 -42.29 10.95
CA THR B 103 -14.85 -42.33 12.31
C THR B 103 -14.82 -43.76 12.88
N LEU B 104 -14.23 -44.73 12.17
CA LEU B 104 -14.08 -46.13 12.66
C LEU B 104 -12.72 -46.21 13.33
N THR B 105 -12.68 -46.61 14.58
CA THR B 105 -11.43 -46.72 15.33
C THR B 105 -10.93 -48.15 15.28
N PRO B 106 -9.62 -48.35 15.57
CA PRO B 106 -9.09 -49.69 15.68
C PRO B 106 -9.80 -50.55 16.73
N SER B 107 -10.23 -49.95 17.83
CA SER B 107 -11.01 -50.64 18.89
C SER B 107 -12.31 -51.24 18.33
N GLU B 108 -13.00 -50.47 17.54
CA GLU B 108 -14.26 -50.87 16.86
C GLU B 108 -13.95 -51.95 15.82
N TYR B 109 -13.00 -51.72 14.93
CA TYR B 109 -12.74 -52.65 13.82
C TYR B 109 -12.33 -54.03 14.36
N MET B 110 -11.54 -54.06 15.44
CA MET B 110 -11.05 -55.37 15.96
C MET B 110 -12.22 -56.20 16.48
N GLY B 111 -13.37 -55.61 16.79
CA GLY B 111 -14.60 -56.32 17.14
C GLY B 111 -15.14 -57.19 16.00
N PHE B 112 -14.82 -56.96 14.70
CA PHE B 112 -15.48 -57.73 13.63
C PHE B 112 -14.52 -58.01 12.45
N ARG B 113 -13.30 -57.51 12.43
CA ARG B 113 -12.38 -57.78 11.30
C ARG B 113 -12.30 -59.30 11.00
N ASP B 114 -12.26 -60.15 12.03
N ASP B 114 -12.30 -60.13 12.06
CA ASP B 114 -12.10 -61.60 11.80
CA ASP B 114 -12.18 -61.60 11.96
C ASP B 114 -13.27 -62.16 10.97
C ASP B 114 -13.31 -62.21 11.10
N VAL B 115 -14.48 -61.57 11.00
CA VAL B 115 -15.59 -62.18 10.22
C VAL B 115 -15.31 -62.08 8.72
N LEU B 116 -14.48 -61.14 8.30
CA LEU B 116 -14.20 -60.93 6.85
C LEU B 116 -13.41 -62.07 6.23
N GLY B 117 -12.70 -62.88 7.03
CA GLY B 117 -11.83 -63.93 6.47
C GLY B 117 -10.81 -63.31 5.54
N PRO B 118 -10.61 -63.83 4.32
CA PRO B 118 -9.66 -63.23 3.39
C PRO B 118 -10.21 -62.16 2.45
N SER B 119 -11.44 -61.75 2.65
N SER B 119 -11.42 -61.70 2.74
CA SER B 119 -12.11 -60.82 1.73
CA SER B 119 -12.16 -60.69 1.95
C SER B 119 -11.40 -59.46 1.82
C SER B 119 -11.30 -59.41 1.86
N SER B 120 -11.19 -58.85 0.67
CA SER B 120 -10.42 -57.60 0.47
C SER B 120 -10.90 -56.91 -0.80
N GLY B 121 -10.79 -55.59 -0.80
CA GLY B 121 -10.97 -54.72 -1.97
C GLY B 121 -10.03 -55.09 -3.11
N PHE B 122 -8.88 -55.73 -2.83
CA PHE B 122 -8.01 -56.27 -3.87
C PHE B 122 -8.81 -57.17 -4.80
N GLN B 123 -9.85 -57.81 -4.30
CA GLN B 123 -10.74 -58.68 -5.08
C GLN B 123 -11.89 -57.89 -5.75
N SER B 124 -11.82 -56.59 -5.85
CA SER B 124 -12.90 -55.78 -6.49
C SER B 124 -12.73 -55.91 -8.00
N LEU B 125 -13.65 -56.60 -8.68
CA LEU B 125 -13.63 -56.66 -10.15
C LEU B 125 -13.78 -55.25 -10.75
N GLN B 126 -14.71 -54.43 -10.25
CA GLN B 126 -14.99 -53.14 -10.87
C GLN B 126 -13.81 -52.21 -10.69
N TYR B 127 -13.13 -52.28 -9.55
CA TYR B 127 -11.96 -51.43 -9.33
C TYR B 127 -10.90 -51.84 -10.39
N ARG B 128 -10.69 -53.13 -10.52
CA ARG B 128 -9.61 -53.65 -11.42
C ARG B 128 -9.96 -53.29 -12.86
N TYR B 129 -11.22 -53.42 -13.22
CA TYR B 129 -11.72 -53.00 -14.56
C TYR B 129 -11.32 -51.54 -14.84
N ILE B 130 -11.56 -50.63 -13.89
CA ILE B 130 -11.23 -49.19 -14.10
CA ILE B 130 -11.24 -49.19 -14.08
C ILE B 130 -9.72 -49.01 -14.17
N GLU B 131 -8.95 -49.68 -13.30
CA GLU B 131 -7.47 -49.61 -13.33
CA GLU B 131 -7.49 -49.53 -13.36
C GLU B 131 -7.01 -49.95 -14.76
N PHE B 132 -7.55 -51.04 -15.30
CA PHE B 132 -7.14 -51.54 -16.62
C PHE B 132 -7.57 -50.55 -17.71
N LEU B 133 -8.77 -50.01 -17.60
CA LEU B 133 -9.31 -49.10 -18.65
CA LEU B 133 -9.31 -49.11 -18.66
C LEU B 133 -8.48 -47.81 -18.69
N LEU B 134 -8.01 -47.34 -17.53
CA LEU B 134 -7.18 -46.11 -17.49
C LEU B 134 -5.75 -46.46 -17.95
N GLY B 135 -5.38 -47.72 -17.91
CA GLY B 135 -4.11 -48.18 -18.52
C GLY B 135 -3.20 -49.01 -17.66
N ASN B 136 -3.48 -49.15 -16.36
N ASN B 136 -3.49 -49.15 -16.37
CA ASN B 136 -2.59 -49.88 -15.41
CA ASN B 136 -2.57 -49.85 -15.44
C ASN B 136 -2.89 -51.37 -15.61
C ASN B 136 -2.84 -51.35 -15.60
N LYS B 137 -2.45 -51.93 -16.73
CA LYS B 137 -2.73 -53.33 -17.07
C LYS B 137 -1.71 -54.24 -16.42
N ASN B 138 -2.15 -55.11 -15.53
CA ASN B 138 -1.27 -56.10 -14.92
C ASN B 138 -1.88 -57.48 -15.18
N PRO B 139 -1.37 -58.28 -16.14
CA PRO B 139 -1.96 -59.59 -16.42
C PRO B 139 -1.92 -60.54 -15.21
N GLN B 140 -1.03 -60.32 -14.26
CA GLN B 140 -0.97 -61.10 -12.99
C GLN B 140 -2.31 -61.02 -12.26
N MET B 141 -3.08 -59.93 -12.47
CA MET B 141 -4.40 -59.81 -11.80
C MET B 141 -5.41 -60.81 -12.35
N LEU B 142 -5.25 -61.35 -13.56
CA LEU B 142 -6.26 -62.31 -14.07
C LEU B 142 -6.26 -63.56 -13.19
N GLN B 143 -5.07 -64.03 -12.77
CA GLN B 143 -4.92 -65.26 -11.94
C GLN B 143 -5.60 -65.02 -10.59
N VAL B 144 -5.60 -63.78 -10.09
CA VAL B 144 -6.31 -63.39 -8.84
C VAL B 144 -7.81 -63.68 -9.00
N PHE B 145 -8.35 -63.55 -10.20
CA PHE B 145 -9.78 -63.75 -10.50
C PHE B 145 -10.01 -65.14 -11.14
N ALA B 146 -9.00 -66.02 -11.20
CA ALA B 146 -9.08 -67.33 -11.90
C ALA B 146 -10.16 -68.16 -11.22
N TYR B 147 -10.34 -67.96 -9.91
CA TYR B 147 -11.41 -68.63 -9.14
C TYR B 147 -12.79 -68.13 -9.61
N ASP B 148 -12.86 -67.13 -10.47
CA ASP B 148 -14.14 -66.60 -11.02
C ASP B 148 -14.06 -66.35 -12.54
N PRO B 149 -14.23 -67.41 -13.36
CA PRO B 149 -13.99 -67.36 -14.80
C PRO B 149 -14.74 -66.26 -15.55
N ALA B 150 -16.02 -66.05 -15.25
CA ALA B 150 -16.81 -65.02 -15.94
C ALA B 150 -16.24 -63.59 -15.65
N GLY B 151 -15.93 -63.29 -14.40
CA GLY B 151 -15.27 -61.99 -14.09
C GLY B 151 -13.93 -61.87 -14.80
N GLN B 152 -13.15 -62.93 -14.77
CA GLN B 152 -11.82 -62.98 -15.45
C GLN B 152 -12.00 -62.60 -16.92
N ALA B 153 -13.08 -63.07 -17.57
CA ALA B 153 -13.30 -62.83 -19.01
C ALA B 153 -13.56 -61.34 -19.24
N ARG B 154 -14.34 -60.69 -18.36
CA ARG B 154 -14.67 -59.25 -18.57
C ARG B 154 -13.38 -58.47 -18.36
N LEU B 155 -12.50 -58.87 -17.42
CA LEU B 155 -11.18 -58.17 -17.27
CA LEU B 155 -11.18 -58.20 -17.24
C LEU B 155 -10.31 -58.42 -18.48
N ARG B 156 -10.27 -59.64 -19.00
CA ARG B 156 -9.46 -59.94 -20.23
C ARG B 156 -9.92 -59.03 -21.39
N GLU B 157 -11.21 -58.83 -21.53
CA GLU B 157 -11.77 -57.96 -22.60
C GLU B 157 -11.15 -56.55 -22.53
N VAL B 158 -11.14 -55.94 -21.35
CA VAL B 158 -10.59 -54.57 -21.20
C VAL B 158 -9.05 -54.63 -21.33
N LEU B 159 -8.41 -55.65 -20.79
CA LEU B 159 -6.97 -55.89 -20.97
C LEU B 159 -6.63 -55.84 -22.47
N GLU B 160 -7.44 -56.44 -23.34
CA GLU B 160 -7.08 -56.60 -24.80
C GLU B 160 -7.43 -55.36 -25.62
N ALA B 161 -8.12 -54.38 -25.07
CA ALA B 161 -8.56 -53.16 -25.77
C ALA B 161 -7.63 -52.00 -25.42
N PRO B 162 -7.43 -51.05 -26.36
CA PRO B 162 -6.68 -49.84 -26.05
C PRO B 162 -7.28 -49.16 -24.79
N SER B 163 -6.41 -48.65 -23.96
CA SER B 163 -6.81 -47.87 -22.76
C SER B 163 -7.46 -46.52 -23.15
N LEU B 164 -8.09 -45.83 -22.20
CA LEU B 164 -8.50 -44.42 -22.42
C LEU B 164 -7.33 -43.56 -22.93
N TYR B 165 -6.12 -43.74 -22.40
CA TYR B 165 -4.95 -42.93 -22.78
C TYR B 165 -4.53 -43.27 -24.23
N GLU B 166 -4.51 -44.54 -24.58
CA GLU B 166 -4.16 -44.99 -25.96
C GLU B 166 -5.20 -44.47 -26.92
N GLU B 167 -6.49 -44.43 -26.54
CA GLU B 167 -7.56 -43.84 -27.39
C GLU B 167 -7.30 -42.36 -27.54
N PHE B 168 -6.80 -41.65 -26.53
CA PHE B 168 -6.41 -40.22 -26.66
C PHE B 168 -5.27 -40.08 -27.69
N LEU B 169 -4.24 -40.90 -27.58
CA LEU B 169 -3.12 -40.81 -28.56
C LEU B 169 -3.63 -41.06 -29.99
N ARG B 170 -4.52 -42.03 -30.18
CA ARG B 170 -5.11 -42.31 -31.50
C ARG B 170 -5.91 -41.13 -32.01
N TYR B 171 -6.65 -40.43 -31.14
CA TYR B 171 -7.29 -39.16 -31.49
C TYR B 171 -6.23 -38.12 -31.94
N LEU B 172 -5.12 -37.91 -31.24
CA LEU B 172 -4.04 -36.95 -31.62
C LEU B 172 -3.46 -37.34 -33.01
N ALA B 173 -3.34 -38.65 -33.28
CA ALA B 173 -2.80 -39.16 -34.58
C ALA B 173 -3.74 -38.76 -35.72
N ARG B 174 -5.06 -38.85 -35.53
CA ARG B 174 -6.08 -38.47 -36.55
C ARG B 174 -6.04 -36.96 -36.87
N PHE B 175 -5.48 -36.13 -35.98
CA PHE B 175 -5.42 -34.66 -36.15
C PHE B 175 -3.99 -34.19 -36.45
N GLY B 176 -3.15 -35.09 -36.93
CA GLY B 176 -1.84 -34.76 -37.54
C GLY B 176 -0.68 -34.58 -36.56
N HIS B 177 -0.87 -34.83 -35.27
CA HIS B 177 0.24 -34.86 -34.31
C HIS B 177 1.21 -36.01 -34.70
N ALA B 178 2.44 -35.90 -34.25
CA ALA B 178 3.57 -36.81 -34.57
C ALA B 178 3.51 -38.01 -33.62
N ILE B 179 2.42 -38.75 -33.69
CA ILE B 179 2.16 -39.96 -32.88
C ILE B 179 2.83 -41.13 -33.60
N PRO B 180 3.72 -41.87 -32.92
CA PRO B 180 4.32 -43.07 -33.48
C PRO B 180 3.28 -44.07 -33.98
N GLN B 181 3.65 -44.84 -35.01
CA GLN B 181 2.72 -45.74 -35.71
C GLN B 181 2.25 -46.89 -34.81
N GLN B 182 3.02 -47.29 -33.80
CA GLN B 182 2.67 -48.44 -32.94
C GLN B 182 1.33 -48.17 -32.20
N TYR B 183 0.94 -46.90 -32.04
CA TYR B 183 -0.32 -46.55 -31.32
C TYR B 183 -1.52 -46.86 -32.21
N GLN B 184 -1.29 -47.16 -33.50
CA GLN B 184 -2.36 -47.61 -34.41
C GLN B 184 -2.72 -49.07 -34.14
N ALA B 185 -1.78 -49.91 -33.72
CA ALA B 185 -2.03 -51.33 -33.49
C ALA B 185 -0.82 -51.89 -32.81
N ARG B 186 -1.02 -52.55 -31.67
CA ARG B 186 0.06 -53.19 -30.89
CA ARG B 186 0.06 -53.17 -30.88
C ARG B 186 -0.58 -54.14 -29.89
N ASP B 187 0.24 -54.77 -29.06
CA ASP B 187 -0.26 -55.72 -28.05
C ASP B 187 -0.79 -54.90 -26.86
N TRP B 188 -2.08 -54.62 -26.88
CA TRP B 188 -2.73 -53.74 -25.88
C TRP B 188 -2.64 -54.35 -24.47
N THR B 189 -2.42 -55.67 -24.34
CA THR B 189 -2.39 -56.34 -23.01
C THR B 189 -1.11 -55.95 -22.28
N ALA B 190 -0.09 -55.42 -22.97
CA ALA B 190 1.16 -54.96 -22.34
C ALA B 190 0.91 -53.51 -21.91
N ALA B 191 1.15 -53.21 -20.66
CA ALA B 191 0.92 -51.87 -20.10
C ALA B 191 1.79 -50.88 -20.87
N HIS B 192 1.21 -49.74 -21.17
CA HIS B 192 1.90 -48.61 -21.84
C HIS B 192 3.22 -48.29 -21.13
N VAL B 193 4.33 -48.19 -21.90
CA VAL B 193 5.65 -47.71 -21.39
CA VAL B 193 5.67 -47.73 -21.43
C VAL B 193 5.86 -46.26 -21.83
N ALA B 194 6.31 -45.42 -20.91
CA ALA B 194 6.64 -43.99 -21.15
C ALA B 194 7.48 -43.88 -22.44
N ASP B 195 7.12 -42.94 -23.29
CA ASP B 195 7.64 -42.82 -24.67
C ASP B 195 8.14 -41.38 -24.82
N ASP B 196 9.46 -41.21 -24.82
CA ASP B 196 10.09 -39.88 -24.90
C ASP B 196 9.76 -39.23 -26.24
N THR B 197 9.39 -40.00 -27.25
CA THR B 197 9.04 -39.39 -28.55
C THR B 197 7.73 -38.61 -28.48
N LEU B 198 6.94 -38.78 -27.42
CA LEU B 198 5.70 -37.96 -27.29
C LEU B 198 6.00 -36.59 -26.66
N ARG B 199 7.17 -36.37 -26.06
CA ARG B 199 7.54 -35.09 -25.41
C ARG B 199 7.34 -33.91 -26.38
N PRO B 200 7.88 -33.92 -27.62
CA PRO B 200 7.66 -32.78 -28.51
C PRO B 200 6.20 -32.63 -28.96
N VAL B 201 5.40 -33.71 -29.02
CA VAL B 201 3.95 -33.64 -29.32
C VAL B 201 3.25 -32.81 -28.22
N PHE B 202 3.50 -33.11 -26.96
CA PHE B 202 2.81 -32.40 -25.83
C PHE B 202 3.40 -31.00 -25.63
N GLU B 203 4.68 -30.80 -25.92
CA GLU B 203 5.25 -29.43 -25.81
C GLU B 203 4.52 -28.55 -26.83
N ARG B 204 4.30 -29.05 -28.04
CA ARG B 204 3.67 -28.25 -29.10
C ARG B 204 2.22 -27.87 -28.73
N ILE B 205 1.48 -28.84 -28.20
CA ILE B 205 0.12 -28.57 -27.66
C ILE B 205 0.17 -27.52 -26.55
N TYR B 206 0.99 -27.64 -25.50
CA TYR B 206 0.91 -26.74 -24.33
C TYR B 206 1.43 -25.36 -24.70
N GLU B 207 2.22 -25.26 -25.76
CA GLU B 207 2.88 -23.96 -26.11
C GLU B 207 2.13 -23.22 -27.21
N ASN B 208 1.08 -23.79 -27.76
CA ASN B 208 0.27 -23.22 -28.88
C ASN B 208 -1.18 -23.53 -28.54
N THR B 209 -1.66 -23.07 -27.38
CA THR B 209 -2.99 -23.47 -26.88
C THR B 209 -4.09 -22.85 -27.75
N ASP B 210 -3.86 -21.69 -28.39
CA ASP B 210 -4.89 -21.09 -29.29
C ASP B 210 -5.17 -22.06 -30.46
N ARG B 211 -4.12 -22.64 -31.04
CA ARG B 211 -4.25 -23.62 -32.13
C ARG B 211 -4.75 -24.98 -31.62
N TYR B 212 -4.20 -25.45 -30.50
CA TYR B 212 -4.47 -26.83 -30.04
C TYR B 212 -5.31 -26.77 -28.75
N TRP B 213 -6.32 -25.93 -28.71
CA TRP B 213 -7.21 -25.81 -27.52
C TRP B 213 -7.94 -27.13 -27.23
N ARG B 214 -8.42 -27.85 -28.22
CA ARG B 214 -9.16 -29.13 -27.98
C ARG B 214 -8.22 -30.14 -27.28
N GLU B 215 -7.03 -30.32 -27.86
CA GLU B 215 -6.00 -31.22 -27.35
C GLU B 215 -5.56 -30.76 -25.96
N TYR B 216 -5.29 -29.48 -25.76
CA TYR B 216 -4.81 -28.97 -24.47
C TYR B 216 -5.86 -29.24 -23.38
N SER B 217 -7.10 -28.96 -23.70
CA SER B 217 -8.17 -29.14 -22.68
CA SER B 217 -8.25 -29.15 -22.76
C SER B 217 -8.33 -30.62 -22.31
N LEU B 218 -8.19 -31.53 -23.26
CA LEU B 218 -8.25 -32.99 -23.02
C LEU B 218 -7.03 -33.42 -22.21
N CYS B 219 -5.82 -32.92 -22.50
CA CYS B 219 -4.62 -33.21 -21.69
C CYS B 219 -4.94 -32.87 -20.21
N GLU B 220 -5.40 -31.65 -19.96
CA GLU B 220 -5.70 -31.18 -18.57
C GLU B 220 -6.82 -32.06 -17.93
N ASP B 221 -7.87 -32.43 -18.65
CA ASP B 221 -8.93 -33.36 -18.17
C ASP B 221 -8.27 -34.67 -17.74
N LEU B 222 -7.33 -35.22 -18.50
CA LEU B 222 -6.66 -36.49 -18.12
C LEU B 222 -5.77 -36.29 -16.88
N VAL B 223 -5.10 -35.16 -16.74
CA VAL B 223 -4.26 -34.90 -15.53
C VAL B 223 -5.20 -34.79 -14.35
N ASP B 224 -6.34 -34.17 -14.54
CA ASP B 224 -7.35 -34.05 -13.45
C ASP B 224 -7.80 -35.46 -13.03
N VAL B 225 -8.13 -36.31 -13.98
CA VAL B 225 -8.61 -37.69 -13.67
C VAL B 225 -7.53 -38.46 -12.92
N GLU B 226 -6.30 -38.43 -13.40
CA GLU B 226 -5.18 -39.13 -12.70
C GLU B 226 -5.02 -38.56 -11.29
N THR B 227 -5.01 -37.24 -11.16
CA THR B 227 -4.74 -36.60 -9.86
C THR B 227 -5.81 -37.08 -8.87
N GLN B 228 -7.08 -37.08 -9.27
CA GLN B 228 -8.19 -37.45 -8.34
CA GLN B 228 -8.16 -37.45 -8.33
C GLN B 228 -8.09 -38.94 -8.00
N PHE B 229 -7.69 -39.78 -8.97
CA PHE B 229 -7.54 -41.22 -8.69
C PHE B 229 -6.41 -41.43 -7.68
N GLN B 230 -5.32 -40.68 -7.80
CA GLN B 230 -4.16 -40.78 -6.84
C GLN B 230 -4.65 -40.28 -5.48
N LEU B 231 -5.50 -39.29 -5.40
N LEU B 231 -5.50 -39.25 -5.40
CA LEU B 231 -6.01 -38.85 -4.10
CA LEU B 231 -6.08 -38.77 -4.11
C LEU B 231 -6.88 -39.95 -3.50
C LEU B 231 -6.90 -39.92 -3.50
N TRP B 232 -7.69 -40.62 -4.31
CA TRP B 232 -8.48 -41.79 -3.78
C TRP B 232 -7.51 -42.79 -3.15
N ARG B 233 -6.47 -43.15 -3.89
CA ARG B 233 -5.47 -44.12 -3.38
C ARG B 233 -4.87 -43.63 -2.07
N PHE B 234 -4.46 -42.36 -1.99
CA PHE B 234 -3.79 -41.82 -0.80
C PHE B 234 -4.76 -41.82 0.39
N ARG B 235 -6.02 -41.44 0.19
CA ARG B 235 -6.98 -41.36 1.30
C ARG B 235 -7.31 -42.78 1.78
N HIS B 236 -7.42 -43.74 0.87
CA HIS B 236 -7.61 -45.17 1.21
C HIS B 236 -6.40 -45.60 2.10
N MET B 237 -5.18 -45.33 1.63
N MET B 237 -5.19 -45.35 1.62
CA MET B 237 -3.95 -45.76 2.32
CA MET B 237 -3.94 -45.74 2.32
C MET B 237 -3.84 -45.08 3.70
C MET B 237 -3.91 -45.10 3.73
N ARG B 238 -4.20 -43.80 3.83
CA ARG B 238 -4.24 -43.12 5.14
C ARG B 238 -5.33 -43.69 6.05
N THR B 239 -6.46 -44.13 5.53
CA THR B 239 -7.50 -44.86 6.30
C THR B 239 -6.95 -46.20 6.81
N VAL B 240 -6.28 -46.96 5.94
CA VAL B 240 -5.65 -48.26 6.34
C VAL B 240 -4.69 -47.97 7.52
N MET B 241 -3.84 -46.94 7.40
CA MET B 241 -2.85 -46.65 8.44
C MET B 241 -3.58 -46.40 9.74
N ARG B 242 -4.70 -45.68 9.74
CA ARG B 242 -5.31 -45.35 11.04
C ARG B 242 -6.16 -46.50 11.57
N VAL B 243 -6.59 -47.42 10.74
CA VAL B 243 -7.45 -48.54 11.18
C VAL B 243 -6.61 -49.77 11.52
N ILE B 244 -5.72 -50.25 10.67
CA ILE B 244 -4.90 -51.46 10.95
C ILE B 244 -3.42 -51.14 11.06
N GLY B 245 -2.98 -49.90 10.88
CA GLY B 245 -1.56 -49.59 10.87
C GLY B 245 -0.78 -50.37 9.86
N PHE B 246 0.30 -50.99 10.30
CA PHE B 246 1.20 -51.74 9.39
C PHE B 246 0.92 -53.22 9.52
N LYS B 247 -0.24 -53.62 9.99
CA LYS B 247 -0.64 -55.07 9.99
C LYS B 247 -0.76 -55.57 8.55
N ARG B 248 -0.56 -56.86 8.33
CA ARG B 248 -0.79 -57.43 6.99
C ARG B 248 -2.30 -57.33 6.69
N GLY B 249 -2.62 -57.37 5.41
CA GLY B 249 -4.01 -57.22 4.94
C GLY B 249 -4.76 -58.53 5.00
N THR B 250 -6.08 -58.48 5.12
CA THR B 250 -6.96 -59.69 4.98
C THR B 250 -6.71 -60.41 3.65
N GLY B 251 -6.35 -59.69 2.61
CA GLY B 251 -6.19 -60.24 1.26
C GLY B 251 -4.82 -60.91 1.11
N GLY B 252 -4.00 -60.84 2.16
CA GLY B 252 -2.70 -61.57 2.19
C GLY B 252 -1.51 -60.72 1.77
N SER B 253 -1.67 -59.42 1.50
CA SER B 253 -0.55 -58.50 1.21
C SER B 253 0.08 -57.96 2.48
N SER B 254 1.18 -57.26 2.28
CA SER B 254 1.90 -56.55 3.39
C SER B 254 1.09 -55.33 3.88
N GLY B 255 0.08 -54.93 3.11
CA GLY B 255 -0.83 -53.85 3.51
C GLY B 255 -0.34 -52.51 3.01
N VAL B 256 -0.13 -51.57 3.90
CA VAL B 256 0.28 -50.19 3.48
C VAL B 256 1.40 -50.20 2.42
N GLY B 257 2.49 -50.95 2.61
CA GLY B 257 3.58 -50.90 1.63
C GLY B 257 3.12 -51.30 0.24
N PHE B 258 2.29 -52.33 0.16
CA PHE B 258 1.74 -52.82 -1.12
C PHE B 258 0.90 -51.70 -1.73
N LEU B 259 0.10 -50.99 -0.92
CA LEU B 259 -0.74 -49.86 -1.43
C LEU B 259 0.15 -48.71 -1.92
N GLN B 260 1.26 -48.49 -1.25
CA GLN B 260 2.20 -47.37 -1.59
C GLN B 260 2.82 -47.64 -2.97
N GLN B 261 3.01 -48.89 -3.36
CA GLN B 261 3.57 -49.29 -4.67
C GLN B 261 2.63 -48.83 -5.78
N ALA B 262 1.32 -48.82 -5.55
CA ALA B 262 0.38 -48.36 -6.60
C ALA B 262 0.40 -46.84 -6.68
N LEU B 263 0.58 -46.15 -5.58
CA LEU B 263 0.70 -44.67 -5.57
C LEU B 263 1.90 -44.22 -6.37
N ALA B 264 2.87 -45.11 -6.60
CA ALA B 264 4.07 -44.73 -7.35
C ALA B 264 3.84 -44.94 -8.81
N LEU B 265 2.75 -45.55 -9.23
CA LEU B 265 2.45 -45.71 -10.66
C LEU B 265 1.82 -44.46 -11.24
N THR B 266 1.94 -44.31 -12.54
CA THR B 266 1.36 -43.18 -13.30
CA THR B 266 1.36 -43.16 -13.29
C THR B 266 0.58 -43.75 -14.47
N PHE B 267 -0.64 -43.30 -14.70
CA PHE B 267 -1.46 -43.70 -15.87
C PHE B 267 -0.97 -43.00 -17.15
N PHE B 268 -0.63 -41.70 -17.10
CA PHE B 268 -0.48 -40.79 -18.27
C PHE B 268 0.92 -40.15 -18.19
N PRO B 269 1.99 -40.98 -18.22
CA PRO B 269 3.32 -40.55 -17.85
C PRO B 269 3.79 -39.32 -18.64
N GLU B 270 3.52 -39.29 -19.95
CA GLU B 270 4.06 -38.21 -20.82
C GLU B 270 3.41 -36.86 -20.53
N LEU B 271 2.18 -36.86 -19.99
CA LEU B 271 1.52 -35.62 -19.55
C LEU B 271 2.20 -35.05 -18.33
N PHE B 272 2.67 -35.88 -17.40
CA PHE B 272 3.51 -35.38 -16.28
C PHE B 272 4.93 -35.03 -16.77
N ASP B 273 5.52 -35.89 -17.59
CA ASP B 273 6.94 -35.71 -18.00
C ASP B 273 7.10 -34.36 -18.71
N VAL B 274 6.12 -33.95 -19.52
CA VAL B 274 6.23 -32.71 -20.35
C VAL B 274 6.39 -31.48 -19.46
N ARG B 275 5.95 -31.54 -18.22
CA ARG B 275 6.16 -30.40 -17.32
C ARG B 275 7.63 -30.00 -17.24
N THR B 276 8.58 -30.91 -17.34
CA THR B 276 10.01 -30.55 -17.14
C THR B 276 10.53 -29.74 -18.31
N SER B 277 9.87 -29.73 -19.46
CA SER B 277 10.41 -29.06 -20.69
C SER B 277 9.47 -28.01 -21.27
N VAL B 278 8.23 -27.90 -20.80
CA VAL B 278 7.27 -26.93 -21.38
CA VAL B 278 7.24 -26.93 -21.33
C VAL B 278 7.76 -25.52 -21.06
N GLY B 279 7.60 -24.63 -22.02
CA GLY B 279 7.91 -23.20 -21.89
C GLY B 279 6.59 -22.43 -21.82
N VAL B 280 6.63 -21.14 -22.13
CA VAL B 280 5.45 -20.22 -22.01
C VAL B 280 4.51 -20.52 -23.19
N ASP B 281 3.20 -20.28 -23.04
CA ASP B 281 2.26 -20.36 -24.18
C ASP B 281 2.59 -19.17 -25.10
N ASN B 282 2.62 -19.38 -26.43
CA ASN B 282 3.07 -18.38 -27.44
C ASN B 282 1.87 -17.54 -27.89
N ASN C 2 13.20 -39.49 12.40
CA ASN C 2 11.88 -38.72 12.20
C ASN C 2 12.22 -37.27 11.91
N LEU C 3 13.16 -37.09 10.98
CA LEU C 3 13.71 -35.77 10.62
C LEU C 3 14.24 -35.89 9.20
N ARG C 4 13.92 -34.92 8.37
CA ARG C 4 14.35 -34.90 6.96
C ARG C 4 15.56 -33.97 6.89
N ASP C 5 16.70 -34.44 6.38
CA ASP C 5 17.87 -33.56 6.22
C ASP C 5 17.60 -32.57 5.07
N LEU C 6 18.12 -31.37 5.22
CA LEU C 6 18.19 -30.39 4.10
C LEU C 6 19.07 -31.00 3.03
N GLU C 7 18.69 -30.92 1.76
CA GLU C 7 19.58 -31.26 0.62
C GLU C 7 20.57 -30.11 0.47
N PRO C 8 21.79 -30.37 -0.05
CA PRO C 8 22.81 -29.33 -0.09
C PRO C 8 22.51 -28.18 -1.05
N GLY C 9 21.73 -28.40 -2.11
CA GLY C 9 21.39 -27.35 -3.09
C GLY C 9 20.36 -26.34 -2.56
N ILE C 10 19.76 -26.55 -1.40
CA ILE C 10 18.66 -25.67 -0.93
C ILE C 10 19.26 -24.30 -0.57
N HIS C 11 18.64 -23.22 -1.05
CA HIS C 11 19.05 -21.85 -0.68
C HIS C 11 18.75 -21.57 0.80
N THR C 12 19.78 -21.43 1.64
CA THR C 12 19.60 -21.08 3.08
C THR C 12 20.04 -19.63 3.35
N ASP C 13 20.86 -19.02 2.48
CA ASP C 13 21.34 -17.63 2.68
C ASP C 13 20.48 -16.68 1.85
N LEU C 14 19.42 -16.11 2.43
CA LEU C 14 18.44 -15.34 1.63
C LEU C 14 18.53 -13.85 1.93
N GLU C 15 19.54 -13.43 2.72
CA GLU C 15 19.76 -11.97 2.90
C GLU C 15 19.92 -11.36 1.49
N GLY C 16 19.10 -10.35 1.20
CA GLY C 16 19.17 -9.54 -0.03
C GLY C 16 18.52 -10.20 -1.23
N ARG C 17 17.94 -11.40 -1.06
CA ARG C 17 17.26 -12.12 -2.17
C ARG C 17 15.73 -12.04 -1.95
N LEU C 18 14.95 -12.22 -3.02
CA LEU C 18 13.47 -12.30 -2.98
C LEU C 18 13.07 -13.59 -2.25
N THR C 19 12.38 -13.46 -1.12
CA THR C 19 11.90 -14.58 -0.28
C THR C 19 10.39 -14.72 -0.44
N TYR C 20 9.85 -15.84 -0.03
CA TYR C 20 8.39 -16.09 -0.03
C TYR C 20 7.67 -14.94 0.64
N GLY C 21 8.08 -14.62 1.87
CA GLY C 21 7.49 -13.58 2.71
C GLY C 21 7.57 -12.23 2.01
N GLY C 22 8.65 -12.00 1.26
CA GLY C 22 8.85 -10.74 0.56
C GLY C 22 7.95 -10.58 -0.64
N TYR C 23 7.87 -11.61 -1.48
CA TYR C 23 7.04 -11.69 -2.70
C TYR C 23 5.57 -11.54 -2.34
N LEU C 24 5.13 -12.28 -1.32
CA LEU C 24 3.70 -12.26 -0.86
C LEU C 24 3.41 -11.10 0.10
N ARG C 25 4.36 -10.19 0.36
CA ARG C 25 4.14 -9.06 1.31
C ARG C 25 3.50 -9.59 2.59
N LEU C 26 4.07 -10.60 3.22
CA LEU C 26 3.41 -11.18 4.43
C LEU C 26 3.61 -10.27 5.65
N ASP C 27 4.60 -9.37 5.63
CA ASP C 27 4.65 -8.37 6.73
C ASP C 27 3.34 -7.59 6.72
N GLN C 28 2.88 -7.12 5.55
CA GLN C 28 1.70 -6.25 5.36
C GLN C 28 0.43 -7.10 5.58
N LEU C 29 0.42 -8.30 5.04
CA LEU C 29 -0.79 -9.18 5.11
C LEU C 29 -1.05 -9.64 6.54
N LEU C 30 -0.02 -10.06 7.25
CA LEU C 30 -0.11 -10.68 8.58
C LEU C 30 -0.03 -9.64 9.72
N SER C 31 -0.03 -8.35 9.41
CA SER C 31 -0.22 -7.27 10.40
C SER C 31 -1.64 -6.71 10.26
N ALA C 32 -2.46 -7.23 9.34
CA ALA C 32 -3.78 -6.68 8.99
C ALA C 32 -4.88 -7.21 9.93
N GLN C 33 -4.53 -8.01 10.91
CA GLN C 33 -5.47 -8.57 11.90
C GLN C 33 -5.32 -7.72 13.16
N GLN C 34 -6.27 -6.84 13.44
CA GLN C 34 -6.17 -5.87 14.57
C GLN C 34 -7.46 -5.96 15.36
N PRO C 35 -7.61 -7.03 16.18
CA PRO C 35 -8.81 -7.23 16.96
C PRO C 35 -8.96 -6.09 17.98
N LEU C 36 -10.19 -5.80 18.34
CA LEU C 36 -10.53 -4.61 19.15
C LEU C 36 -10.92 -4.97 20.58
N SER C 37 -11.21 -6.24 20.89
CA SER C 37 -11.60 -6.68 22.25
C SER C 37 -10.51 -6.34 23.27
N GLU C 38 -10.91 -5.87 24.46
CA GLU C 38 -9.99 -5.65 25.62
C GLU C 38 -10.71 -6.18 26.85
N PRO C 39 -10.23 -7.25 27.53
CA PRO C 39 -9.06 -7.99 27.10
C PRO C 39 -9.36 -8.79 25.80
N ALA C 40 -8.32 -9.25 25.13
CA ALA C 40 -8.39 -9.99 23.84
C ALA C 40 -9.39 -11.15 23.99
N HIS C 41 -10.24 -11.35 22.98
CA HIS C 41 -11.20 -12.49 22.95
C HIS C 41 -10.62 -13.52 21.97
N HIS C 42 -10.41 -14.74 22.44
CA HIS C 42 -9.85 -15.87 21.64
C HIS C 42 -10.49 -15.94 20.26
N ASP C 43 -11.81 -15.81 20.14
CA ASP C 43 -12.57 -16.12 18.91
C ASP C 43 -12.58 -14.95 17.95
N GLU C 44 -12.07 -13.76 18.35
CA GLU C 44 -12.06 -12.64 17.41
C GLU C 44 -11.06 -12.90 16.26
N MET C 45 -10.01 -13.69 16.47
CA MET C 45 -9.02 -13.98 15.40
C MET C 45 -9.71 -14.78 14.27
N LEU C 46 -10.41 -15.85 14.64
CA LEU C 46 -11.22 -16.59 13.64
C LEU C 46 -12.11 -15.60 12.90
N PHE C 47 -12.81 -14.73 13.64
CA PHE C 47 -13.81 -13.84 13.06
C PHE C 47 -13.15 -13.00 11.95
N ILE C 48 -11.99 -12.40 12.24
CA ILE C 48 -11.32 -11.48 11.28
C ILE C 48 -10.80 -12.30 10.09
N ILE C 49 -10.17 -13.41 10.35
CA ILE C 49 -9.54 -14.29 9.30
CA ILE C 49 -9.53 -14.21 9.26
C ILE C 49 -10.62 -14.85 8.36
N GLN C 50 -11.79 -15.21 8.90
CA GLN C 50 -12.92 -15.74 8.09
C GLN C 50 -13.30 -14.76 6.99
N SER C 51 -13.47 -13.46 7.32
CA SER C 51 -13.86 -12.42 6.35
C SER C 51 -12.66 -12.05 5.44
N GLN C 52 -11.46 -12.08 5.94
CA GLN C 52 -10.24 -11.62 5.23
C GLN C 52 -9.91 -12.67 4.18
N THR C 53 -9.99 -13.95 4.51
CA THR C 53 -9.84 -15.02 3.49
C THR C 53 -10.92 -14.86 2.44
N SER C 54 -12.16 -14.57 2.83
CA SER C 54 -13.25 -14.38 1.87
C SER C 54 -12.93 -13.20 0.94
N GLU C 55 -12.41 -12.09 1.53
CA GLU C 55 -12.14 -10.90 0.70
C GLU C 55 -11.01 -11.20 -0.30
N LEU C 56 -10.01 -11.97 0.08
CA LEU C 56 -8.95 -12.36 -0.90
C LEU C 56 -9.58 -13.17 -2.01
N TRP C 57 -10.45 -14.13 -1.69
CA TRP C 57 -11.08 -14.92 -2.75
C TRP C 57 -11.96 -14.04 -3.64
N LEU C 58 -12.72 -13.10 -3.06
CA LEU C 58 -13.57 -12.17 -3.85
C LEU C 58 -12.69 -11.30 -4.78
N LYS C 59 -11.50 -10.91 -4.32
CA LYS C 59 -10.54 -10.15 -5.18
C LYS C 59 -10.14 -10.97 -6.41
N LEU C 60 -9.79 -12.24 -6.21
CA LEU C 60 -9.48 -13.14 -7.37
C LEU C 60 -10.71 -13.31 -8.24
N LEU C 61 -11.90 -13.50 -7.63
CA LEU C 61 -13.13 -13.82 -8.38
C LEU C 61 -13.43 -12.65 -9.32
N ALA C 62 -13.28 -11.43 -8.84
CA ALA C 62 -13.51 -10.20 -9.66
C ALA C 62 -12.48 -10.19 -10.82
N HIS C 63 -11.24 -10.44 -10.49
CA HIS C 63 -10.12 -10.54 -11.48
C HIS C 63 -10.44 -11.56 -12.58
N GLU C 64 -10.90 -12.75 -12.20
CA GLU C 64 -11.26 -13.79 -13.18
C GLU C 64 -12.51 -13.37 -14.00
N LEU C 65 -13.58 -12.89 -13.35
CA LEU C 65 -14.83 -12.65 -14.10
C LEU C 65 -14.58 -11.51 -15.11
N ARG C 66 -13.76 -10.53 -14.78
CA ARG C 66 -13.49 -9.42 -15.73
C ARG C 66 -12.83 -10.03 -16.96
N ALA C 67 -11.90 -10.96 -16.76
CA ALA C 67 -11.25 -11.65 -17.88
C ALA C 67 -12.26 -12.50 -18.66
N ALA C 68 -13.22 -13.17 -17.99
CA ALA C 68 -14.25 -13.95 -18.69
C ALA C 68 -15.08 -13.03 -19.61
N ILE C 69 -15.37 -11.82 -19.17
CA ILE C 69 -16.14 -10.84 -19.99
C ILE C 69 -15.33 -10.44 -21.23
N VAL C 70 -14.06 -10.11 -21.06
CA VAL C 70 -13.16 -9.75 -22.21
C VAL C 70 -13.14 -10.91 -23.20
N HIS C 71 -13.00 -12.17 -22.76
CA HIS C 71 -13.03 -13.31 -23.70
C HIS C 71 -14.38 -13.38 -24.39
N LEU C 72 -15.47 -13.19 -23.66
CA LEU C 72 -16.82 -13.21 -24.28
C LEU C 72 -16.91 -12.10 -25.34
N GLN C 73 -16.51 -10.89 -24.99
CA GLN C 73 -16.56 -9.76 -25.97
C GLN C 73 -15.84 -10.12 -27.26
N ARG C 74 -14.81 -10.96 -27.19
CA ARG C 74 -13.96 -11.38 -28.33
C ARG C 74 -14.38 -12.72 -28.92
N ASP C 75 -15.52 -13.29 -28.52
CA ASP C 75 -16.01 -14.59 -29.06
C ASP C 75 -15.00 -15.71 -28.75
N GLU C 76 -14.17 -15.54 -27.72
CA GLU C 76 -13.17 -16.55 -27.28
C GLU C 76 -13.83 -17.50 -26.26
N VAL C 77 -14.58 -18.46 -26.75
CA VAL C 77 -15.48 -19.32 -25.93
C VAL C 77 -14.64 -20.25 -25.05
N TRP C 78 -13.64 -20.93 -25.61
CA TRP C 78 -12.87 -21.92 -24.81
C TRP C 78 -12.16 -21.20 -23.69
N GLN C 79 -11.56 -20.01 -23.95
CA GLN C 79 -10.82 -19.27 -22.90
C GLN C 79 -11.84 -18.82 -21.84
N CYS C 80 -12.98 -18.32 -22.29
CA CYS C 80 -14.07 -17.91 -21.35
C CYS C 80 -14.39 -19.08 -20.39
N ARG C 81 -14.62 -20.23 -20.97
CA ARG C 81 -15.04 -21.42 -20.21
C ARG C 81 -13.91 -21.78 -19.23
N LYS C 82 -12.64 -21.70 -19.63
CA LYS C 82 -11.53 -22.02 -18.68
C LYS C 82 -11.52 -21.05 -17.50
N VAL C 83 -11.70 -19.76 -17.73
CA VAL C 83 -11.76 -18.75 -16.65
C VAL C 83 -13.03 -18.99 -15.78
N LEU C 84 -14.18 -19.33 -16.37
CA LEU C 84 -15.40 -19.66 -15.57
C LEU C 84 -15.17 -20.93 -14.72
N ALA C 85 -14.35 -21.88 -15.19
CA ALA C 85 -14.05 -23.10 -14.39
C ALA C 85 -13.27 -22.69 -13.14
N ARG C 86 -12.30 -21.77 -13.26
CA ARG C 86 -11.54 -21.30 -12.11
C ARG C 86 -12.50 -20.53 -11.18
N SER C 87 -13.32 -19.65 -11.73
CA SER C 87 -14.35 -18.85 -11.00
C SER C 87 -15.24 -19.78 -10.16
N LYS C 88 -15.70 -20.88 -10.75
CA LYS C 88 -16.46 -21.90 -9.99
C LYS C 88 -15.66 -22.45 -8.81
N GLN C 89 -14.36 -22.71 -8.98
CA GLN C 89 -13.56 -23.29 -7.89
C GLN C 89 -13.42 -22.24 -6.77
N VAL C 90 -13.28 -20.98 -7.13
CA VAL C 90 -13.14 -19.90 -6.14
C VAL C 90 -14.46 -19.78 -5.35
N LEU C 91 -15.58 -19.82 -6.05
CA LEU C 91 -16.91 -19.77 -5.37
C LEU C 91 -17.09 -21.00 -4.47
N ARG C 92 -16.58 -22.18 -4.87
CA ARG C 92 -16.63 -23.37 -4.00
C ARG C 92 -15.82 -23.13 -2.73
N GLN C 93 -14.64 -22.50 -2.79
CA GLN C 93 -13.86 -22.29 -1.54
C GLN C 93 -14.66 -21.32 -0.63
N LEU C 94 -15.20 -20.24 -1.22
CA LEU C 94 -16.01 -19.25 -0.46
C LEU C 94 -17.18 -19.96 0.23
N THR C 95 -17.74 -20.99 -0.38
CA THR C 95 -18.89 -21.72 0.19
CA THR C 95 -18.90 -21.74 0.19
C THR C 95 -18.40 -22.74 1.21
N GLU C 96 -17.34 -23.47 0.92
CA GLU C 96 -16.91 -24.56 1.85
C GLU C 96 -16.48 -23.98 3.18
N GLN C 97 -15.83 -22.79 3.17
CA GLN C 97 -15.17 -22.28 4.38
C GLN C 97 -16.19 -21.94 5.48
N TRP C 98 -17.49 -21.83 5.20
CA TRP C 98 -18.51 -21.63 6.29
C TRP C 98 -18.34 -22.68 7.38
N SER C 99 -17.86 -23.88 7.08
CA SER C 99 -17.69 -24.95 8.10
CA SER C 99 -17.68 -24.95 8.09
C SER C 99 -16.72 -24.52 9.21
N VAL C 100 -15.76 -23.62 8.95
CA VAL C 100 -14.89 -23.14 10.03
C VAL C 100 -15.74 -22.24 10.97
N LEU C 101 -16.42 -21.24 10.41
CA LEU C 101 -17.14 -20.21 11.23
C LEU C 101 -18.30 -20.86 11.97
N GLU C 102 -18.83 -22.00 11.50
CA GLU C 102 -19.90 -22.68 12.26
C GLU C 102 -19.41 -23.26 13.59
N THR C 103 -18.09 -23.30 13.84
CA THR C 103 -17.55 -23.68 15.18
C THR C 103 -17.57 -22.46 16.15
N LEU C 104 -18.10 -21.32 15.72
CA LEU C 104 -18.32 -20.13 16.58
C LEU C 104 -19.71 -20.23 17.19
N THR C 105 -19.81 -20.32 18.49
CA THR C 105 -21.12 -20.42 19.17
C THR C 105 -21.60 -19.03 19.57
N PRO C 106 -22.90 -18.90 19.85
CA PRO C 106 -23.44 -17.58 20.21
C PRO C 106 -22.86 -17.03 21.51
N SER C 107 -22.49 -17.89 22.42
CA SER C 107 -21.95 -17.38 23.70
C SER C 107 -20.47 -16.97 23.54
N GLU C 108 -19.75 -17.50 22.53
CA GLU C 108 -18.44 -16.92 22.12
C GLU C 108 -18.69 -15.57 21.46
N TYR C 109 -19.54 -15.50 20.44
CA TYR C 109 -19.69 -14.28 19.62
C TYR C 109 -20.17 -13.13 20.50
N MET C 110 -20.99 -13.41 21.49
CA MET C 110 -21.52 -12.31 22.35
C MET C 110 -20.39 -11.69 23.18
N GLY C 111 -19.26 -12.36 23.33
CA GLY C 111 -18.08 -11.79 24.01
C GLY C 111 -17.47 -10.62 23.23
N PHE C 112 -17.73 -10.42 21.92
CA PHE C 112 -17.02 -9.35 21.15
C PHE C 112 -17.90 -8.72 20.08
N ARG C 113 -19.13 -9.19 19.86
CA ARG C 113 -20.00 -8.60 18.83
C ARG C 113 -20.05 -7.07 19.04
N ASP C 114 -20.07 -6.60 20.27
CA ASP C 114 -20.31 -5.15 20.49
CA ASP C 114 -20.30 -5.15 20.51
C ASP C 114 -19.12 -4.33 19.98
N VAL C 115 -17.91 -4.90 19.89
CA VAL C 115 -16.73 -4.11 19.38
C VAL C 115 -16.93 -3.74 17.92
N LEU C 116 -17.80 -4.44 17.19
CA LEU C 116 -17.96 -4.23 15.73
C LEU C 116 -18.74 -2.95 15.41
N GLY C 117 -19.50 -2.41 16.36
CA GLY C 117 -20.37 -1.25 16.06
C GLY C 117 -21.30 -1.57 14.90
N PRO C 118 -21.45 -0.67 13.91
CA PRO C 118 -22.31 -0.92 12.76
C PRO C 118 -21.65 -1.70 11.59
N SER C 119 -20.44 -2.18 11.75
CA SER C 119 -19.72 -2.81 10.62
C SER C 119 -20.47 -4.10 10.22
N SER C 120 -20.58 -4.34 8.92
CA SER C 120 -21.30 -5.51 8.36
C SER C 120 -20.74 -5.81 6.98
N GLY C 121 -20.79 -7.09 6.56
CA GLY C 121 -20.52 -7.48 5.17
C GLY C 121 -21.48 -6.87 4.20
N PHE C 122 -22.60 -6.30 4.66
CA PHE C 122 -23.46 -5.48 3.79
C PHE C 122 -22.63 -4.35 3.17
N GLN C 123 -21.58 -3.96 3.85
CA GLN C 123 -20.65 -2.88 3.40
C GLN C 123 -19.40 -3.46 2.70
N SER C 124 -19.43 -4.71 2.22
CA SER C 124 -18.32 -5.28 1.39
C SER C 124 -18.47 -4.76 -0.03
N LEU C 125 -17.55 -3.87 -0.41
CA LEU C 125 -17.42 -3.32 -1.78
C LEU C 125 -17.20 -4.43 -2.81
N GLN C 126 -16.28 -5.34 -2.52
CA GLN C 126 -15.93 -6.43 -3.45
C GLN C 126 -17.11 -7.39 -3.63
N TYR C 127 -17.83 -7.69 -2.56
CA TYR C 127 -19.05 -8.53 -2.69
C TYR C 127 -20.04 -7.85 -3.65
N ARG C 128 -20.26 -6.56 -3.43
CA ARG C 128 -21.27 -5.82 -4.21
C ARG C 128 -20.84 -5.66 -5.66
N TYR C 129 -19.55 -5.46 -5.88
CA TYR C 129 -18.96 -5.40 -7.23
C TYR C 129 -19.31 -6.69 -7.97
N ILE C 130 -19.11 -7.85 -7.35
CA ILE C 130 -19.40 -9.18 -7.95
CA ILE C 130 -19.38 -9.15 -8.01
C ILE C 130 -20.90 -9.29 -8.26
N GLU C 131 -21.74 -8.96 -7.28
CA GLU C 131 -23.22 -9.00 -7.40
CA GLU C 131 -23.20 -9.06 -7.43
C GLU C 131 -23.64 -8.20 -8.63
N PHE C 132 -23.09 -6.99 -8.76
CA PHE C 132 -23.43 -6.07 -9.88
C PHE C 132 -22.94 -6.66 -11.20
N LEU C 133 -21.71 -7.17 -11.25
CA LEU C 133 -21.13 -7.74 -12.49
C LEU C 133 -21.95 -8.93 -12.99
N LEU C 134 -22.41 -9.77 -12.05
CA LEU C 134 -23.20 -10.96 -12.43
C LEU C 134 -24.61 -10.54 -12.85
N GLY C 135 -25.10 -9.38 -12.40
CA GLY C 135 -26.36 -8.83 -12.95
C GLY C 135 -27.34 -8.31 -11.92
N ASN C 136 -27.12 -8.48 -10.62
CA ASN C 136 -28.07 -7.98 -9.58
C ASN C 136 -27.70 -6.51 -9.26
N LYS C 137 -27.98 -5.62 -10.19
CA LYS C 137 -27.71 -4.18 -10.03
C LYS C 137 -28.73 -3.54 -9.09
N ASN C 138 -28.26 -2.69 -8.20
CA ASN C 138 -29.17 -1.96 -7.28
C ASN C 138 -28.54 -0.60 -6.96
N PRO C 139 -28.98 0.48 -7.67
CA PRO C 139 -28.44 1.82 -7.45
C PRO C 139 -28.53 2.27 -5.98
N GLN C 140 -29.44 1.70 -5.19
CA GLN C 140 -29.62 2.12 -3.77
C GLN C 140 -28.35 1.80 -2.99
N MET C 141 -27.46 0.93 -3.50
CA MET C 141 -26.23 0.58 -2.72
C MET C 141 -25.17 1.66 -2.83
N LEU C 142 -25.20 2.53 -3.87
CA LEU C 142 -24.10 3.53 -4.01
C LEU C 142 -23.98 4.38 -2.72
N GLN C 143 -25.10 4.75 -2.09
CA GLN C 143 -25.09 5.67 -0.90
C GLN C 143 -24.33 5.01 0.25
N VAL C 144 -24.34 3.67 0.33
CA VAL C 144 -23.63 2.97 1.43
C VAL C 144 -22.14 3.30 1.36
N PHE C 145 -21.59 3.55 0.18
CA PHE C 145 -20.14 3.73 -0.03
C PHE C 145 -19.75 5.21 -0.20
N ALA C 146 -20.62 6.13 0.21
CA ALA C 146 -20.37 7.60 0.20
C ALA C 146 -19.10 7.89 1.00
N TYR C 147 -18.91 7.20 2.15
CA TYR C 147 -17.73 7.34 3.04
C TYR C 147 -16.43 7.06 2.26
N ASP C 148 -16.49 6.40 1.09
CA ASP C 148 -15.31 5.93 0.30
C ASP C 148 -15.50 6.31 -1.17
N PRO C 149 -15.18 7.58 -1.51
CA PRO C 149 -15.44 8.12 -2.83
C PRO C 149 -14.83 7.30 -3.97
N ALA C 150 -13.62 6.80 -3.78
CA ALA C 150 -12.92 6.00 -4.81
C ALA C 150 -13.68 4.67 -4.99
N GLY C 151 -14.06 4.05 -3.88
CA GLY C 151 -14.80 2.77 -3.90
C GLY C 151 -16.15 2.93 -4.57
N GLN C 152 -16.90 3.94 -4.16
CA GLN C 152 -18.22 4.28 -4.75
C GLN C 152 -18.10 4.37 -6.27
N ALA C 153 -17.08 5.08 -6.78
CA ALA C 153 -16.94 5.30 -8.24
C ALA C 153 -16.66 3.96 -8.93
N ARG C 154 -15.83 3.10 -8.35
CA ARG C 154 -15.61 1.76 -8.94
C ARG C 154 -16.94 1.00 -8.95
N LEU C 155 -17.77 1.17 -7.93
CA LEU C 155 -19.08 0.48 -7.93
C LEU C 155 -20.02 1.10 -8.96
N ARG C 156 -19.97 2.42 -9.16
CA ARG C 156 -20.84 3.05 -10.19
C ARG C 156 -20.38 2.59 -11.57
N GLU C 157 -19.09 2.40 -11.78
CA GLU C 157 -18.59 1.95 -13.10
C GLU C 157 -19.20 0.59 -13.45
N VAL C 158 -19.18 -0.37 -12.52
CA VAL C 158 -19.68 -1.74 -12.86
C VAL C 158 -21.21 -1.67 -13.03
N LEU C 159 -21.87 -0.87 -12.20
CA LEU C 159 -23.33 -0.57 -12.35
C LEU C 159 -23.64 -0.15 -13.79
N GLU C 160 -22.83 0.72 -14.41
CA GLU C 160 -23.14 1.33 -15.74
C GLU C 160 -22.67 0.43 -16.89
N ALA C 161 -21.80 -0.56 -16.65
CA ALA C 161 -21.29 -1.51 -17.66
C ALA C 161 -22.26 -2.66 -17.87
N PRO C 162 -22.35 -3.28 -19.06
CA PRO C 162 -23.17 -4.47 -19.24
C PRO C 162 -22.72 -5.57 -18.26
N SER C 163 -23.67 -6.40 -17.82
CA SER C 163 -23.35 -7.52 -16.91
C SER C 163 -22.63 -8.63 -17.68
N LEU C 164 -22.10 -9.63 -16.96
CA LEU C 164 -21.69 -10.90 -17.58
C LEU C 164 -22.85 -11.46 -18.40
N TYR C 165 -24.09 -11.44 -17.92
CA TYR C 165 -25.24 -12.04 -18.62
C TYR C 165 -25.52 -11.27 -19.92
N GLU C 166 -25.47 -9.96 -19.84
CA GLU C 166 -25.75 -9.06 -21.01
C GLU C 166 -24.66 -9.31 -22.07
N GLU C 167 -23.43 -9.48 -21.63
CA GLU C 167 -22.29 -9.80 -22.53
C GLU C 167 -22.54 -11.16 -23.19
N PHE C 168 -23.06 -12.15 -22.46
CA PHE C 168 -23.46 -13.44 -23.05
C PHE C 168 -24.54 -13.26 -24.14
N LEU C 169 -25.58 -12.50 -23.83
CA LEU C 169 -26.66 -12.25 -24.81
C LEU C 169 -26.08 -11.55 -26.06
N ARG C 170 -25.19 -10.60 -25.87
CA ARG C 170 -24.54 -9.88 -27.02
C ARG C 170 -23.71 -10.86 -27.83
N TYR C 171 -23.02 -11.80 -27.17
CA TYR C 171 -22.31 -12.91 -27.85
C TYR C 171 -23.31 -13.74 -28.68
N LEU C 172 -24.47 -14.14 -28.13
CA LEU C 172 -25.45 -14.96 -28.87
C LEU C 172 -25.94 -14.15 -30.09
N ALA C 173 -26.12 -12.84 -29.92
CA ALA C 173 -26.66 -11.95 -30.99
C ALA C 173 -25.65 -11.94 -32.16
N ARG C 174 -24.36 -11.93 -31.87
CA ARG C 174 -23.27 -11.94 -32.89
C ARG C 174 -23.27 -13.24 -33.68
N PHE C 175 -23.85 -14.36 -33.19
CA PHE C 175 -23.81 -15.67 -33.88
C PHE C 175 -25.20 -16.03 -34.40
N GLY C 176 -26.04 -15.02 -34.62
CA GLY C 176 -27.30 -15.16 -35.36
C GLY C 176 -28.50 -15.61 -34.53
N HIS C 177 -28.39 -15.62 -33.20
CA HIS C 177 -29.55 -15.92 -32.30
C HIS C 177 -30.45 -14.67 -32.25
N ALA C 178 -31.76 -14.90 -32.08
CA ALA C 178 -32.84 -13.89 -32.16
C ALA C 178 -32.93 -13.14 -30.84
N ILE C 179 -31.87 -12.41 -30.52
CA ILE C 179 -31.70 -11.56 -29.32
C ILE C 179 -32.28 -10.18 -29.63
N PRO C 180 -33.34 -9.72 -28.93
CA PRO C 180 -33.85 -8.35 -29.13
C PRO C 180 -32.78 -7.25 -29.17
N GLN C 181 -33.02 -6.27 -30.06
CA GLN C 181 -32.18 -5.09 -30.36
C GLN C 181 -31.84 -4.33 -29.07
N GLN C 182 -32.70 -4.39 -28.04
CA GLN C 182 -32.52 -3.61 -26.78
C GLN C 182 -31.21 -4.02 -26.09
N TYR C 183 -30.74 -5.25 -26.28
CA TYR C 183 -29.50 -5.76 -25.62
C TYR C 183 -28.25 -5.18 -26.30
N GLN C 184 -28.38 -4.38 -27.39
CA GLN C 184 -27.25 -3.63 -28.03
C GLN C 184 -26.93 -2.33 -27.26
N ALA C 185 -27.95 -1.61 -26.79
CA ALA C 185 -27.81 -0.38 -25.98
C ALA C 185 -29.08 -0.18 -25.14
N ARG C 186 -28.93 -0.23 -23.82
CA ARG C 186 -30.01 -0.12 -22.81
C ARG C 186 -29.41 0.66 -21.64
N ASP C 187 -30.23 1.11 -20.71
CA ASP C 187 -29.75 1.73 -19.45
C ASP C 187 -29.29 0.59 -18.52
N TRP C 188 -27.98 0.29 -18.52
CA TRP C 188 -27.41 -0.94 -17.87
C TRP C 188 -27.56 -0.88 -16.35
N THR C 189 -27.72 0.32 -15.74
CA THR C 189 -27.91 0.52 -14.27
C THR C 189 -29.21 -0.13 -13.81
N ALA C 190 -30.18 -0.38 -14.72
CA ALA C 190 -31.43 -1.13 -14.43
C ALA C 190 -31.07 -2.61 -14.33
N ALA C 191 -31.51 -3.29 -13.26
CA ALA C 191 -31.38 -4.77 -13.14
C ALA C 191 -32.17 -5.45 -14.28
N HIS C 192 -31.60 -6.48 -14.90
CA HIS C 192 -32.29 -7.34 -15.91
C HIS C 192 -33.51 -8.00 -15.26
N VAL C 193 -34.69 -7.70 -15.83
CA VAL C 193 -35.98 -8.42 -15.65
C VAL C 193 -36.01 -9.57 -16.65
N ALA C 194 -36.62 -10.71 -16.28
CA ALA C 194 -36.90 -11.86 -17.17
C ALA C 194 -37.60 -11.37 -18.46
N ASP C 195 -37.20 -11.90 -19.61
CA ASP C 195 -37.67 -11.53 -20.96
C ASP C 195 -38.18 -12.79 -21.68
N ASP C 196 -39.51 -12.92 -21.85
CA ASP C 196 -40.17 -14.12 -22.45
C ASP C 196 -39.77 -14.27 -23.93
N THR C 197 -39.28 -13.21 -24.58
CA THR C 197 -38.86 -13.29 -26.01
C THR C 197 -37.56 -14.10 -26.11
N LEU C 198 -36.86 -14.37 -25.00
CA LEU C 198 -35.60 -15.15 -25.02
C LEU C 198 -35.91 -16.66 -24.96
N ARG C 199 -37.13 -17.04 -24.62
CA ARG C 199 -37.46 -18.48 -24.41
C ARG C 199 -37.14 -19.29 -25.66
N PRO C 200 -37.58 -18.88 -26.88
CA PRO C 200 -37.30 -19.62 -28.09
C PRO C 200 -35.80 -19.74 -28.39
N VAL C 201 -35.02 -18.72 -28.03
CA VAL C 201 -33.55 -18.70 -28.21
C VAL C 201 -32.97 -19.87 -27.39
N PHE C 202 -33.32 -19.94 -26.10
CA PHE C 202 -32.76 -21.02 -25.23
C PHE C 202 -33.37 -22.37 -25.57
N GLU C 203 -34.63 -22.45 -26.01
CA GLU C 203 -35.21 -23.75 -26.41
C GLU C 203 -34.38 -24.29 -27.56
N ARG C 204 -34.03 -23.43 -28.54
CA ARG C 204 -33.31 -23.93 -29.74
C ARG C 204 -31.93 -24.45 -29.30
N ILE C 205 -31.24 -23.73 -28.44
CA ILE C 205 -29.90 -24.13 -27.95
C ILE C 205 -30.02 -25.51 -27.27
N TYR C 206 -30.95 -25.64 -26.31
CA TYR C 206 -31.02 -26.89 -25.47
C TYR C 206 -31.60 -28.04 -26.29
N GLU C 207 -32.27 -27.77 -27.42
CA GLU C 207 -32.89 -28.86 -28.21
C GLU C 207 -32.01 -29.26 -29.38
N ASN C 208 -30.90 -28.56 -29.57
CA ASN C 208 -29.99 -28.80 -30.71
C ASN C 208 -28.56 -28.66 -30.20
N THR C 209 -28.16 -29.50 -29.24
CA THR C 209 -26.86 -29.34 -28.54
C THR C 209 -25.69 -29.67 -29.47
N ASP C 210 -25.84 -30.55 -30.46
CA ASP C 210 -24.79 -30.85 -31.47
C ASP C 210 -24.44 -29.56 -32.23
N ARG C 211 -25.45 -28.82 -32.68
CA ARG C 211 -25.26 -27.56 -33.44
C ARG C 211 -24.77 -26.46 -32.51
N TYR C 212 -25.39 -26.29 -31.33
CA TYR C 212 -25.20 -25.12 -30.46
C TYR C 212 -24.40 -25.56 -29.23
N TRP C 213 -23.42 -26.42 -29.41
CA TRP C 213 -22.58 -26.95 -28.31
C TRP C 213 -21.82 -25.85 -27.55
N ARG C 214 -21.31 -24.80 -28.22
CA ARG C 214 -20.64 -23.70 -27.48
C ARG C 214 -21.63 -22.98 -26.55
N GLU C 215 -22.77 -22.60 -27.11
CA GLU C 215 -23.82 -21.85 -26.38
C GLU C 215 -24.32 -22.70 -25.22
N TYR C 216 -24.61 -23.95 -25.48
CA TYR C 216 -25.12 -24.91 -24.46
C TYR C 216 -24.14 -25.01 -23.28
N SER C 217 -22.87 -25.16 -23.61
CA SER C 217 -21.78 -25.29 -22.60
CA SER C 217 -21.77 -25.26 -22.62
C SER C 217 -21.73 -24.00 -21.77
N LEU C 218 -21.82 -22.83 -22.41
CA LEU C 218 -21.80 -21.56 -21.65
C LEU C 218 -23.07 -21.41 -20.81
N CYS C 219 -24.25 -21.77 -21.33
CA CYS C 219 -25.53 -21.73 -20.56
C CYS C 219 -25.32 -22.51 -19.24
N GLU C 220 -24.81 -23.74 -19.36
CA GLU C 220 -24.55 -24.61 -18.17
C GLU C 220 -23.50 -23.99 -17.25
N ASP C 221 -22.43 -23.36 -17.75
CA ASP C 221 -21.44 -22.65 -16.92
C ASP C 221 -22.14 -21.59 -16.09
N LEU C 222 -23.03 -20.81 -16.70
CA LEU C 222 -23.68 -19.70 -15.96
C LEU C 222 -24.66 -20.28 -14.93
N VAL C 223 -25.37 -21.35 -15.26
CA VAL C 223 -26.27 -21.99 -14.27
C VAL C 223 -25.39 -22.49 -13.12
N ASP C 224 -24.21 -23.04 -13.42
CA ASP C 224 -23.28 -23.45 -12.34
C ASP C 224 -22.89 -22.29 -11.43
N VAL C 225 -22.51 -21.14 -12.02
CA VAL C 225 -22.07 -19.97 -11.22
C VAL C 225 -23.23 -19.47 -10.34
N GLU C 226 -24.43 -19.36 -10.90
CA GLU C 226 -25.59 -18.88 -10.13
C GLU C 226 -25.88 -19.88 -9.02
N THR C 227 -25.84 -21.17 -9.30
CA THR C 227 -26.18 -22.19 -8.28
C THR C 227 -25.18 -22.03 -7.10
N GLN C 228 -23.87 -21.94 -7.38
N GLN C 228 -23.88 -21.96 -7.39
CA GLN C 228 -22.81 -21.88 -6.36
CA GLN C 228 -22.82 -21.84 -6.36
C GLN C 228 -22.94 -20.55 -5.58
C GLN C 228 -23.04 -20.56 -5.56
N PHE C 229 -23.31 -19.45 -6.26
CA PHE C 229 -23.54 -18.15 -5.58
C PHE C 229 -24.73 -18.28 -4.61
N GLN C 230 -25.81 -18.90 -5.03
CA GLN C 230 -27.02 -19.10 -4.15
C GLN C 230 -26.61 -19.98 -2.96
N LEU C 231 -25.72 -20.95 -3.14
N LEU C 231 -25.77 -21.00 -3.19
CA LEU C 231 -25.28 -21.82 -2.03
CA LEU C 231 -25.20 -21.86 -2.11
C LEU C 231 -24.41 -21.00 -1.07
C LEU C 231 -24.49 -20.96 -1.10
N TRP C 232 -23.62 -20.05 -1.55
CA TRP C 232 -22.90 -19.13 -0.63
C TRP C 232 -23.94 -18.36 0.20
N ARG C 233 -24.94 -17.77 -0.43
CA ARG C 233 -26.00 -16.99 0.26
C ARG C 233 -26.66 -17.87 1.32
N PHE C 234 -26.94 -19.12 0.98
CA PHE C 234 -27.68 -20.03 1.88
C PHE C 234 -26.80 -20.39 3.07
N ARG C 235 -25.54 -20.75 2.82
CA ARG C 235 -24.65 -21.12 3.92
C ARG C 235 -24.40 -19.93 4.82
N HIS C 236 -24.24 -18.74 4.26
CA HIS C 236 -24.07 -17.51 5.09
C HIS C 236 -25.33 -17.40 5.97
N MET C 237 -26.50 -17.51 5.36
N MET C 237 -26.51 -17.49 5.36
CA MET C 237 -27.79 -17.26 6.05
CA MET C 237 -27.78 -17.27 6.11
C MET C 237 -27.94 -18.31 7.16
C MET C 237 -27.87 -18.31 7.22
N ARG C 238 -27.59 -19.58 6.90
CA ARG C 238 -27.65 -20.63 7.94
C ARG C 238 -26.65 -20.34 9.06
N THR C 239 -25.47 -19.76 8.77
CA THR C 239 -24.49 -19.40 9.79
C THR C 239 -25.06 -18.25 10.67
N VAL C 240 -25.67 -17.28 10.01
CA VAL C 240 -26.30 -16.13 10.75
C VAL C 240 -27.34 -16.71 11.70
N MET C 241 -28.16 -17.65 11.22
CA MET C 241 -29.19 -18.30 12.06
C MET C 241 -28.57 -18.95 13.28
N ARG C 242 -27.43 -19.60 13.17
CA ARG C 242 -26.90 -20.31 14.35
C ARG C 242 -26.06 -19.41 15.24
N VAL C 243 -25.68 -18.23 14.78
CA VAL C 243 -24.81 -17.34 15.59
C VAL C 243 -25.67 -16.24 16.24
N ILE C 244 -26.49 -15.54 15.48
CA ILE C 244 -27.35 -14.47 16.08
C ILE C 244 -28.83 -14.81 16.00
N GLY C 245 -29.24 -15.92 15.40
CA GLY C 245 -30.66 -16.18 15.17
C GLY C 245 -31.38 -15.06 14.46
N PHE C 246 -32.51 -14.62 15.01
CA PHE C 246 -33.36 -13.61 14.34
C PHE C 246 -33.12 -12.23 14.96
N LYS C 247 -31.96 -12.01 15.58
CA LYS C 247 -31.54 -10.63 15.96
C LYS C 247 -31.38 -9.73 14.75
N ARG C 248 -31.60 -8.42 14.96
CA ARG C 248 -31.24 -7.36 13.99
C ARG C 248 -29.72 -7.41 13.75
N GLY C 249 -29.32 -7.11 12.53
CA GLY C 249 -27.90 -7.12 12.13
C GLY C 249 -27.20 -5.86 12.61
N THR C 250 -25.90 -5.94 12.85
CA THR C 250 -25.03 -4.76 13.10
C THR C 250 -25.26 -3.68 12.04
N GLY C 251 -25.47 -4.05 10.78
CA GLY C 251 -25.64 -3.13 9.64
C GLY C 251 -26.97 -2.40 9.64
N GLY C 252 -27.86 -2.80 10.54
CA GLY C 252 -29.18 -2.16 10.76
C GLY C 252 -30.32 -2.86 10.05
N SER C 253 -30.12 -4.01 9.37
CA SER C 253 -31.19 -4.77 8.69
C SER C 253 -31.87 -5.72 9.68
N SER C 254 -32.96 -6.34 9.24
CA SER C 254 -33.75 -7.32 10.04
C SER C 254 -32.98 -8.64 10.17
N GLY C 255 -31.85 -8.77 9.46
CA GLY C 255 -30.96 -9.95 9.51
C GLY C 255 -31.43 -11.08 8.59
N VAL C 256 -31.72 -12.26 9.15
CA VAL C 256 -32.09 -13.45 8.33
C VAL C 256 -33.13 -13.11 7.28
N GLY C 257 -34.25 -12.46 7.61
CA GLY C 257 -35.28 -12.24 6.58
C GLY C 257 -34.80 -11.41 5.40
N PHE C 258 -33.99 -10.39 5.68
CA PHE C 258 -33.41 -9.50 4.64
C PHE C 258 -32.45 -10.31 3.79
N LEU C 259 -31.68 -11.22 4.41
CA LEU C 259 -30.77 -12.15 3.66
C LEU C 259 -31.60 -13.09 2.74
N GLN C 260 -32.73 -13.59 3.25
CA GLN C 260 -33.58 -14.56 2.53
C GLN C 260 -34.12 -13.91 1.25
N GLN C 261 -34.42 -12.60 1.29
CA GLN C 261 -34.89 -11.83 0.10
C GLN C 261 -33.88 -11.97 -1.05
N ALA C 262 -32.57 -11.92 -0.77
CA ALA C 262 -31.53 -12.09 -1.84
C ALA C 262 -31.58 -13.51 -2.43
N LEU C 263 -31.91 -14.56 -1.65
CA LEU C 263 -32.03 -15.93 -2.22
C LEU C 263 -33.10 -16.01 -3.30
N ALA C 264 -34.08 -15.08 -3.30
CA ALA C 264 -35.12 -15.06 -4.36
C ALA C 264 -34.66 -14.31 -5.63
N LEU C 265 -33.54 -13.59 -5.61
CA LEU C 265 -32.97 -12.85 -6.78
C LEU C 265 -32.40 -13.90 -7.75
N THR C 266 -32.39 -13.59 -9.05
CA THR C 266 -31.77 -14.47 -10.07
CA THR C 266 -31.80 -14.46 -10.10
C THR C 266 -30.87 -13.62 -10.96
N PHE C 267 -29.70 -14.13 -11.28
CA PHE C 267 -28.80 -13.47 -12.26
C PHE C 267 -29.26 -13.78 -13.68
N PHE C 268 -29.64 -15.02 -13.97
CA PHE C 268 -29.80 -15.51 -15.37
C PHE C 268 -31.20 -16.09 -15.51
N PRO C 269 -32.26 -15.27 -15.32
CA PRO C 269 -33.60 -15.84 -15.19
C PRO C 269 -34.09 -16.68 -16.37
N GLU C 270 -33.81 -16.28 -17.62
CA GLU C 270 -34.33 -17.03 -18.78
C GLU C 270 -33.69 -18.42 -18.86
N LEU C 271 -32.48 -18.59 -18.32
CA LEU C 271 -31.80 -19.93 -18.25
C LEU C 271 -32.57 -20.87 -17.34
N PHE C 272 -33.12 -20.37 -16.23
CA PHE C 272 -33.97 -21.20 -15.35
C PHE C 272 -35.36 -21.39 -15.95
N ASP C 273 -35.93 -20.31 -16.52
CA ASP C 273 -37.29 -20.35 -17.08
C ASP C 273 -37.37 -21.36 -18.20
N VAL C 274 -36.32 -21.52 -19.00
CA VAL C 274 -36.44 -22.40 -20.16
C VAL C 274 -36.61 -23.86 -19.70
N ARG C 275 -36.23 -24.22 -18.48
CA ARG C 275 -36.49 -25.60 -17.99
C ARG C 275 -37.97 -26.01 -18.15
N THR C 276 -38.94 -25.09 -18.06
CA THR C 276 -40.35 -25.52 -18.13
C THR C 276 -40.79 -25.86 -19.57
N SER C 277 -40.08 -25.45 -20.61
CA SER C 277 -40.52 -25.74 -22.01
C SER C 277 -39.53 -26.57 -22.85
N VAL C 278 -38.30 -26.86 -22.38
CA VAL C 278 -37.35 -27.66 -23.21
CA VAL C 278 -37.31 -27.69 -23.13
C VAL C 278 -37.90 -29.09 -23.39
N GLY C 279 -37.72 -29.63 -24.60
CA GLY C 279 -38.03 -31.00 -25.00
C GLY C 279 -36.77 -31.88 -25.08
N VAL C 280 -36.89 -33.04 -25.63
CA VAL C 280 -35.84 -34.07 -25.59
C VAL C 280 -34.54 -33.55 -26.24
N ASN D 2 -36.59 -7.73 -9.85
CA ASN D 2 -35.32 -8.55 -9.62
C ASN D 2 -34.37 -7.69 -8.80
N LEU D 3 -34.90 -7.10 -7.72
CA LEU D 3 -34.26 -6.00 -6.96
C LEU D 3 -34.78 -6.06 -5.54
N ARG D 4 -33.89 -6.13 -4.56
CA ARG D 4 -34.28 -6.08 -3.14
C ARG D 4 -34.17 -4.64 -2.65
N ASP D 5 -35.26 -4.06 -2.13
CA ASP D 5 -35.17 -2.68 -1.61
C ASP D 5 -34.45 -2.69 -0.28
N LEU D 6 -33.66 -1.66 -0.04
CA LEU D 6 -33.01 -1.38 1.27
C LEU D 6 -34.13 -1.24 2.29
N GLU D 7 -34.03 -1.85 3.47
CA GLU D 7 -34.95 -1.57 4.60
C GLU D 7 -34.54 -0.24 5.24
N PRO D 8 -35.48 0.54 5.80
CA PRO D 8 -35.17 1.84 6.41
C PRO D 8 -34.12 1.90 7.52
N GLY D 9 -34.03 0.89 8.39
CA GLY D 9 -33.09 0.91 9.52
C GLY D 9 -31.63 0.68 9.15
N ILE D 10 -31.36 0.34 7.89
CA ILE D 10 -29.98 0.01 7.43
C ILE D 10 -29.12 1.29 7.49
N HIS D 11 -27.94 1.20 8.11
CA HIS D 11 -26.95 2.32 8.26
C HIS D 11 -26.32 2.60 6.90
N THR D 12 -26.58 3.78 6.31
CA THR D 12 -26.04 4.19 4.98
C THR D 12 -25.07 5.36 5.11
N ASP D 13 -25.10 6.09 6.21
CA ASP D 13 -24.17 7.21 6.54
C ASP D 13 -23.10 6.70 7.50
N LEU D 14 -21.98 6.24 6.94
CA LEU D 14 -20.90 5.55 7.69
C LEU D 14 -19.66 6.46 7.85
N GLU D 15 -19.65 7.66 7.25
CA GLU D 15 -18.61 8.69 7.53
C GLU D 15 -18.30 8.71 9.03
N GLY D 16 -17.06 8.44 9.44
CA GLY D 16 -16.60 8.52 10.84
C GLY D 16 -17.10 7.39 11.72
N ARG D 17 -17.70 6.33 11.15
CA ARG D 17 -18.16 5.15 11.93
C ARG D 17 -17.21 3.97 11.61
N LEU D 18 -17.16 2.97 12.47
CA LEU D 18 -16.41 1.71 12.16
C LEU D 18 -17.14 0.98 11.03
N THR D 19 -16.47 0.79 9.88
CA THR D 19 -17.03 0.06 8.71
C THR D 19 -16.37 -1.33 8.60
N TYR D 20 -17.01 -2.21 7.85
CA TYR D 20 -16.47 -3.56 7.51
C TYR D 20 -14.99 -3.41 7.09
N GLY D 21 -14.74 -2.59 6.07
CA GLY D 21 -13.42 -2.33 5.45
C GLY D 21 -12.46 -1.76 6.47
N GLY D 22 -12.96 -0.92 7.38
CA GLY D 22 -12.11 -0.38 8.45
C GLY D 22 -11.72 -1.40 9.49
N TYR D 23 -12.69 -2.18 10.02
CA TYR D 23 -12.43 -3.22 11.03
C TYR D 23 -11.45 -4.26 10.48
N LEU D 24 -11.68 -4.68 9.23
CA LEU D 24 -10.89 -5.79 8.60
C LEU D 24 -9.62 -5.25 7.97
N ARG D 25 -9.29 -3.96 8.15
CA ARG D 25 -8.04 -3.40 7.56
C ARG D 25 -7.95 -3.79 6.09
N LEU D 26 -9.01 -3.61 5.30
CA LEU D 26 -9.02 -4.08 3.90
C LEU D 26 -8.18 -3.18 2.98
N ASP D 27 -8.06 -1.88 3.25
CA ASP D 27 -7.08 -1.10 2.47
C ASP D 27 -5.71 -1.80 2.52
N GLN D 28 -5.25 -2.20 3.71
CA GLN D 28 -3.95 -2.83 3.94
C GLN D 28 -3.95 -4.24 3.31
N LEU D 29 -5.00 -4.99 3.60
CA LEU D 29 -5.05 -6.40 3.10
C LEU D 29 -5.06 -6.45 1.58
N LEU D 30 -5.85 -5.63 0.91
CA LEU D 30 -6.11 -5.74 -0.53
C LEU D 30 -5.14 -4.84 -1.32
N SER D 31 -4.10 -4.35 -0.67
CA SER D 31 -2.95 -3.67 -1.33
C SER D 31 -1.68 -4.52 -1.21
N ALA D 32 -1.81 -5.76 -0.73
CA ALA D 32 -0.64 -6.63 -0.45
C ALA D 32 -0.38 -7.57 -1.64
N GLN D 33 -1.10 -7.43 -2.73
CA GLN D 33 -0.95 -8.30 -3.93
C GLN D 33 -0.17 -7.50 -4.99
N GLN D 34 1.09 -7.84 -5.22
CA GLN D 34 1.93 -7.08 -6.17
C GLN D 34 2.59 -8.05 -7.14
N PRO D 35 1.92 -8.40 -8.24
CA PRO D 35 2.54 -9.23 -9.23
C PRO D 35 3.77 -8.53 -9.81
N LEU D 36 4.76 -9.30 -10.20
CA LEU D 36 6.07 -8.73 -10.59
C LEU D 36 6.24 -8.92 -12.09
N SER D 37 5.44 -9.78 -12.73
CA SER D 37 5.53 -9.99 -14.20
C SER D 37 5.26 -8.66 -14.91
N GLU D 38 5.98 -8.40 -15.99
CA GLU D 38 5.91 -7.17 -16.82
C GLU D 38 5.94 -7.64 -18.29
N PRO D 39 4.87 -7.45 -19.09
CA PRO D 39 3.59 -6.93 -18.60
C PRO D 39 2.91 -7.97 -17.69
N ALA D 40 1.93 -7.51 -16.92
CA ALA D 40 1.17 -8.27 -15.92
C ALA D 40 0.68 -9.58 -16.56
N HIS D 41 0.90 -10.70 -15.88
CA HIS D 41 0.40 -12.02 -16.36
C HIS D 41 -0.91 -12.32 -15.63
N HIS D 42 -1.98 -12.59 -16.37
CA HIS D 42 -3.33 -12.83 -15.79
C HIS D 42 -3.24 -13.80 -14.59
N ASP D 43 -2.45 -14.88 -14.72
CA ASP D 43 -2.47 -16.00 -13.74
C ASP D 43 -1.68 -15.67 -12.49
N GLU D 44 -0.91 -14.57 -12.46
CA GLU D 44 -0.07 -14.30 -11.29
C GLU D 44 -0.95 -13.90 -10.10
N MET D 45 -2.13 -13.34 -10.34
CA MET D 45 -3.01 -12.91 -9.22
C MET D 45 -3.50 -14.16 -8.46
N LEU D 46 -3.95 -15.18 -9.19
CA LEU D 46 -4.32 -16.49 -8.57
C LEU D 46 -3.16 -16.98 -7.70
N PHE D 47 -1.96 -16.98 -8.25
CA PHE D 47 -0.74 -17.49 -7.59
C PHE D 47 -0.56 -16.82 -6.23
N ILE D 48 -0.57 -15.49 -6.19
CA ILE D 48 -0.37 -14.73 -4.93
C ILE D 48 -1.54 -15.03 -3.95
N ILE D 49 -2.76 -14.95 -4.40
CA ILE D 49 -4.01 -15.13 -3.59
CA ILE D 49 -3.94 -15.10 -3.50
C ILE D 49 -4.01 -16.54 -2.98
N GLN D 50 -3.59 -17.53 -3.77
CA GLN D 50 -3.56 -18.94 -3.30
C GLN D 50 -2.68 -19.06 -2.05
N SER D 51 -1.48 -18.46 -2.06
CA SER D 51 -0.55 -18.60 -0.93
C SER D 51 -1.00 -17.66 0.18
N GLN D 52 -1.51 -16.47 -0.15
CA GLN D 52 -1.92 -15.50 0.93
C GLN D 52 -3.13 -16.04 1.71
N THR D 53 -4.11 -16.63 1.04
CA THR D 53 -5.26 -17.25 1.76
C THR D 53 -4.72 -18.36 2.64
N SER D 54 -3.76 -19.16 2.18
CA SER D 54 -3.19 -20.27 2.98
C SER D 54 -2.51 -19.68 4.19
N GLU D 55 -1.76 -18.58 4.03
CA GLU D 55 -1.07 -17.99 5.17
C GLU D 55 -2.07 -17.40 6.17
N LEU D 56 -3.19 -16.87 5.77
CA LEU D 56 -4.18 -16.40 6.78
C LEU D 56 -4.71 -17.60 7.56
N TRP D 57 -4.98 -18.68 6.86
CA TRP D 57 -5.45 -19.91 7.54
C TRP D 57 -4.37 -20.44 8.48
N LEU D 58 -3.08 -20.44 8.11
CA LEU D 58 -1.98 -20.91 8.98
C LEU D 58 -1.86 -20.02 10.23
N LYS D 59 -2.07 -18.73 10.07
CA LYS D 59 -2.10 -17.77 11.18
C LYS D 59 -3.17 -18.18 12.18
N LEU D 60 -4.36 -18.49 11.68
CA LEU D 60 -5.46 -18.92 12.59
C LEU D 60 -5.11 -20.29 13.21
N LEU D 61 -4.60 -21.22 12.42
CA LEU D 61 -4.28 -22.58 12.90
C LEU D 61 -3.28 -22.46 14.05
N ALA D 62 -2.23 -21.61 13.93
CA ALA D 62 -1.25 -21.45 15.04
C ALA D 62 -1.94 -20.87 16.28
N HIS D 63 -2.82 -19.90 16.10
CA HIS D 63 -3.63 -19.24 17.19
C HIS D 63 -4.45 -20.31 17.91
N GLU D 64 -5.12 -21.16 17.15
CA GLU D 64 -5.93 -22.24 17.78
C GLU D 64 -5.04 -23.25 18.47
N LEU D 65 -4.00 -23.77 17.79
CA LEU D 65 -3.20 -24.85 18.38
C LEU D 65 -2.51 -24.36 19.66
N ARG D 66 -2.10 -23.09 19.72
CA ARG D 66 -1.53 -22.57 21.00
C ARG D 66 -2.57 -22.68 22.10
N ALA D 67 -3.82 -22.35 21.81
CA ALA D 67 -4.91 -22.41 22.81
C ALA D 67 -5.18 -23.87 23.19
N ALA D 68 -5.05 -24.79 22.24
CA ALA D 68 -5.27 -26.22 22.54
C ALA D 68 -4.20 -26.71 23.52
N ILE D 69 -2.97 -26.24 23.36
CA ILE D 69 -1.87 -26.60 24.28
C ILE D 69 -2.20 -26.06 25.69
N VAL D 70 -2.68 -24.82 25.79
CA VAL D 70 -2.95 -24.19 27.11
C VAL D 70 -4.06 -24.98 27.81
N HIS D 71 -5.11 -25.38 27.09
CA HIS D 71 -6.19 -26.25 27.66
C HIS D 71 -5.59 -27.57 28.14
N LEU D 72 -4.75 -28.23 27.35
CA LEU D 72 -4.15 -29.52 27.76
C LEU D 72 -3.35 -29.33 29.04
N GLN D 73 -2.62 -28.22 29.13
CA GLN D 73 -1.75 -27.92 30.28
C GLN D 73 -2.65 -27.85 31.53
N ARG D 74 -3.85 -27.32 31.36
CA ARG D 74 -4.83 -27.10 32.47
C ARG D 74 -5.81 -28.27 32.61
N ASP D 75 -5.59 -29.39 31.92
CA ASP D 75 -6.43 -30.61 31.99
C ASP D 75 -7.86 -30.28 31.53
N GLU D 76 -8.02 -29.28 30.70
CA GLU D 76 -9.33 -28.83 30.19
C GLU D 76 -9.64 -29.55 28.88
N VAL D 77 -10.16 -30.77 29.00
CA VAL D 77 -10.22 -31.73 27.86
C VAL D 77 -11.29 -31.29 26.89
N TRP D 78 -12.50 -30.98 27.37
CA TRP D 78 -13.58 -30.63 26.41
C TRP D 78 -13.17 -29.37 25.68
N GLN D 79 -12.58 -28.37 26.36
CA GLN D 79 -12.14 -27.12 25.70
C GLN D 79 -11.10 -27.47 24.61
N CYS D 80 -10.12 -28.25 24.96
CA CYS D 80 -9.08 -28.70 24.01
C CYS D 80 -9.71 -29.34 22.76
N ARG D 81 -10.62 -30.27 22.96
CA ARG D 81 -11.33 -30.95 21.85
C ARG D 81 -12.06 -29.93 20.98
N LYS D 82 -12.68 -28.91 21.57
CA LYS D 82 -13.46 -27.93 20.76
C LYS D 82 -12.50 -27.11 19.88
N VAL D 83 -11.36 -26.74 20.44
CA VAL D 83 -10.29 -26.01 19.68
C VAL D 83 -9.67 -26.92 18.61
N LEU D 84 -9.48 -28.19 18.91
CA LEU D 84 -8.96 -29.15 17.88
C LEU D 84 -10.01 -29.36 16.78
N ALA D 85 -11.33 -29.31 17.08
CA ALA D 85 -12.39 -29.43 16.04
C ALA D 85 -12.27 -28.27 15.06
N ARG D 86 -12.07 -27.04 15.56
CA ARG D 86 -11.90 -25.87 14.69
C ARG D 86 -10.60 -26.05 13.87
N SER D 87 -9.53 -26.48 14.49
CA SER D 87 -8.23 -26.72 13.87
C SER D 87 -8.41 -27.65 12.70
N LYS D 88 -9.16 -28.74 12.88
CA LYS D 88 -9.42 -29.68 11.78
C LYS D 88 -10.12 -28.96 10.66
N GLN D 89 -11.08 -28.07 10.94
CA GLN D 89 -11.82 -27.43 9.84
C GLN D 89 -10.86 -26.47 9.10
N VAL D 90 -9.95 -25.83 9.81
CA VAL D 90 -8.97 -24.92 9.13
C VAL D 90 -8.04 -25.77 8.21
N LEU D 91 -7.49 -26.85 8.71
CA LEU D 91 -6.70 -27.81 7.87
C LEU D 91 -7.53 -28.31 6.70
N ARG D 92 -8.84 -28.58 6.87
CA ARG D 92 -9.72 -28.96 5.73
C ARG D 92 -9.73 -27.87 4.66
N GLN D 93 -9.84 -26.57 5.00
CA GLN D 93 -9.84 -25.48 4.00
C GLN D 93 -8.45 -25.45 3.30
N LEU D 94 -7.39 -25.57 4.06
CA LEU D 94 -6.02 -25.53 3.47
C LEU D 94 -5.90 -26.67 2.46
N THR D 95 -6.51 -27.82 2.73
CA THR D 95 -6.43 -28.99 1.82
C THR D 95 -7.36 -28.83 0.60
N GLU D 96 -8.58 -28.37 0.80
CA GLU D 96 -9.60 -28.27 -0.26
C GLU D 96 -9.15 -27.24 -1.28
N GLN D 97 -8.51 -26.17 -0.84
CA GLN D 97 -8.32 -25.04 -1.78
C GLN D 97 -7.30 -25.41 -2.88
N TRP D 98 -6.52 -26.47 -2.74
CA TRP D 98 -5.67 -26.94 -3.88
C TRP D 98 -6.45 -26.99 -5.20
N SER D 99 -7.75 -27.33 -5.18
CA SER D 99 -8.62 -27.41 -6.36
C SER D 99 -8.59 -26.12 -7.18
N VAL D 100 -8.38 -24.97 -6.56
CA VAL D 100 -8.25 -23.68 -7.32
C VAL D 100 -6.94 -23.67 -8.09
N LEU D 101 -5.84 -23.93 -7.43
CA LEU D 101 -4.50 -23.80 -8.06
C LEU D 101 -4.36 -24.87 -9.14
N GLU D 102 -5.12 -25.95 -9.10
CA GLU D 102 -4.97 -27.02 -10.11
C GLU D 102 -5.50 -26.59 -11.48
N THR D 103 -6.16 -25.42 -11.56
CA THR D 103 -6.59 -24.82 -12.83
C THR D 103 -5.44 -24.00 -13.45
N LEU D 104 -4.27 -23.97 -12.81
CA LEU D 104 -3.04 -23.30 -13.33
C LEU D 104 -2.29 -24.35 -14.15
N THR D 105 -2.07 -24.12 -15.42
CA THR D 105 -1.36 -25.08 -16.27
C THR D 105 0.12 -24.73 -16.36
N PRO D 106 0.95 -25.69 -16.80
CA PRO D 106 2.39 -25.44 -16.88
C PRO D 106 2.72 -24.29 -17.84
N SER D 107 2.02 -24.20 -18.95
CA SER D 107 2.34 -23.13 -19.93
C SER D 107 1.82 -21.76 -19.44
N GLU D 108 0.80 -21.69 -18.57
CA GLU D 108 0.49 -20.46 -17.80
C GLU D 108 1.62 -20.13 -16.81
N TYR D 109 2.04 -21.06 -15.95
CA TYR D 109 3.02 -20.79 -14.87
C TYR D 109 4.36 -20.36 -15.47
N MET D 110 4.75 -20.98 -16.58
CA MET D 110 6.08 -20.65 -17.18
C MET D 110 6.07 -19.21 -17.67
N GLY D 111 4.89 -18.56 -17.74
CA GLY D 111 4.79 -17.12 -18.03
C GLY D 111 5.36 -16.25 -16.95
N PHE D 112 5.47 -16.71 -15.70
CA PHE D 112 5.93 -15.83 -14.61
C PHE D 112 6.80 -16.52 -13.56
N ARG D 113 7.06 -17.84 -13.63
CA ARG D 113 7.86 -18.51 -12.58
C ARG D 113 9.20 -17.77 -12.37
N ASP D 114 9.76 -17.26 -13.47
CA ASP D 114 11.04 -16.51 -13.57
CA ASP D 114 11.10 -16.61 -13.45
C ASP D 114 11.08 -15.39 -12.52
N VAL D 115 9.97 -14.66 -12.35
CA VAL D 115 9.93 -13.45 -11.48
C VAL D 115 10.16 -13.87 -10.01
N LEU D 116 9.93 -15.14 -9.65
CA LEU D 116 9.94 -15.56 -8.23
C LEU D 116 11.36 -15.66 -7.68
N GLY D 117 12.36 -15.77 -8.56
CA GLY D 117 13.73 -15.95 -8.05
C GLY D 117 13.79 -17.20 -7.19
N PRO D 118 14.48 -17.18 -6.03
CA PRO D 118 14.58 -18.36 -5.17
C PRO D 118 13.41 -18.53 -4.19
N SER D 119 12.36 -17.70 -4.31
CA SER D 119 11.30 -17.67 -3.30
C SER D 119 10.53 -19.00 -3.36
N SER D 120 10.17 -19.50 -2.19
CA SER D 120 9.58 -20.86 -2.02
C SER D 120 8.83 -20.93 -0.70
N GLY D 121 7.72 -21.69 -0.72
CA GLY D 121 7.00 -22.02 0.50
C GLY D 121 7.88 -22.73 1.49
N PHE D 122 9.01 -23.32 1.06
CA PHE D 122 10.03 -23.83 1.99
C PHE D 122 10.39 -22.76 3.05
N GLN D 123 10.31 -21.49 2.65
CA GLN D 123 10.63 -20.32 3.51
C GLN D 123 9.36 -19.75 4.16
N SER D 124 8.28 -20.52 4.26
CA SER D 124 7.09 -20.07 5.03
C SER D 124 7.38 -20.24 6.52
N LEU D 125 7.55 -19.15 7.24
CA LEU D 125 7.79 -19.17 8.69
C LEU D 125 6.58 -19.78 9.41
N GLN D 126 5.37 -19.42 9.01
CA GLN D 126 4.16 -19.90 9.72
C GLN D 126 3.97 -21.40 9.49
N TYR D 127 4.25 -21.91 8.30
CA TYR D 127 4.17 -23.36 8.03
C TYR D 127 5.16 -24.07 8.95
N ARG D 128 6.38 -23.54 9.02
CA ARG D 128 7.42 -24.23 9.81
C ARG D 128 7.07 -24.16 11.30
N TYR D 129 6.55 -23.04 11.73
CA TYR D 129 6.05 -22.84 13.12
C TYR D 129 5.07 -23.98 13.44
N ILE D 130 4.12 -24.20 12.56
CA ILE D 130 3.07 -25.26 12.75
CA ILE D 130 3.08 -25.27 12.80
C ILE D 130 3.72 -26.65 12.76
N GLU D 131 4.57 -26.95 11.81
CA GLU D 131 5.31 -28.24 11.78
CA GLU D 131 5.28 -28.25 11.80
C GLU D 131 6.02 -28.48 13.12
N PHE D 132 6.72 -27.47 13.61
CA PHE D 132 7.44 -27.56 14.91
C PHE D 132 6.47 -27.80 16.08
N LEU D 133 5.38 -27.05 16.14
CA LEU D 133 4.41 -27.14 17.25
CA LEU D 133 4.39 -27.12 17.24
C LEU D 133 3.80 -28.54 17.27
N LEU D 134 3.53 -29.11 16.11
CA LEU D 134 2.96 -30.49 16.05
C LEU D 134 4.03 -31.53 16.38
N GLY D 135 5.32 -31.18 16.25
CA GLY D 135 6.41 -32.01 16.78
C GLY D 135 7.51 -32.32 15.77
N ASN D 136 7.43 -31.96 14.48
CA ASN D 136 8.53 -32.27 13.52
CA ASN D 136 8.49 -32.22 13.47
C ASN D 136 9.56 -31.14 13.64
N LYS D 137 10.31 -31.16 14.72
CA LYS D 137 11.36 -30.16 14.95
C LYS D 137 12.59 -30.45 14.10
N ASN D 138 13.16 -29.40 13.55
CA ASN D 138 14.36 -29.55 12.70
C ASN D 138 15.18 -28.28 12.89
N PRO D 139 16.22 -28.33 13.76
CA PRO D 139 17.06 -27.15 13.98
C PRO D 139 17.76 -26.63 12.71
N GLN D 140 17.92 -27.47 11.68
CA GLN D 140 18.52 -27.07 10.40
C GLN D 140 17.70 -25.94 9.75
N MET D 141 16.43 -25.77 10.12
CA MET D 141 15.58 -24.75 9.44
C MET D 141 15.90 -23.34 9.95
N LEU D 142 16.39 -23.18 11.17
CA LEU D 142 16.67 -21.83 11.74
C LEU D 142 17.53 -21.01 10.75
N GLN D 143 18.49 -21.63 10.07
CA GLN D 143 19.46 -20.87 9.23
C GLN D 143 18.69 -20.22 8.08
N VAL D 144 17.65 -20.88 7.58
CA VAL D 144 16.83 -20.37 6.44
C VAL D 144 16.29 -19.00 6.79
N PHE D 145 16.02 -18.71 8.07
CA PHE D 145 15.37 -17.46 8.51
C PHE D 145 16.39 -16.45 9.08
N ALA D 146 17.68 -16.70 8.92
CA ALA D 146 18.75 -15.76 9.35
C ALA D 146 18.47 -14.35 8.80
N TYR D 147 17.90 -14.22 7.59
CA TYR D 147 17.56 -12.92 6.94
C TYR D 147 16.52 -12.12 7.75
N ASP D 148 15.78 -12.79 8.65
CA ASP D 148 14.65 -12.21 9.43
C ASP D 148 14.87 -12.54 10.90
N PRO D 149 15.67 -11.77 11.67
CA PRO D 149 16.05 -12.21 13.01
C PRO D 149 14.86 -12.30 13.98
N ALA D 150 13.86 -11.40 13.87
CA ALA D 150 12.65 -11.41 14.71
C ALA D 150 11.86 -12.71 14.40
N GLY D 151 11.66 -13.00 13.11
CA GLY D 151 10.99 -14.24 12.67
C GLY D 151 11.75 -15.46 13.16
N GLN D 152 13.06 -15.48 12.96
CA GLN D 152 13.95 -16.60 13.42
C GLN D 152 13.75 -16.86 14.92
N ALA D 153 13.70 -15.81 15.77
CA ALA D 153 13.55 -15.96 17.24
C ALA D 153 12.19 -16.61 17.56
N ARG D 154 11.14 -16.20 16.87
CA ARG D 154 9.80 -16.80 17.05
C ARG D 154 9.85 -18.30 16.75
N LEU D 155 10.54 -18.69 15.68
CA LEU D 155 10.70 -20.11 15.31
C LEU D 155 11.54 -20.80 16.38
N ARG D 156 12.57 -20.16 16.92
CA ARG D 156 13.39 -20.79 17.99
C ARG D 156 12.55 -21.00 19.28
N GLU D 157 11.65 -20.08 19.61
CA GLU D 157 10.78 -20.19 20.81
C GLU D 157 9.94 -21.48 20.72
N VAL D 158 9.30 -21.73 19.56
CA VAL D 158 8.44 -22.94 19.44
C VAL D 158 9.35 -24.17 19.40
N LEU D 159 10.53 -24.08 18.77
CA LEU D 159 11.52 -25.19 18.77
C LEU D 159 11.88 -25.61 20.21
N GLU D 160 11.94 -24.66 21.16
CA GLU D 160 12.43 -24.92 22.53
C GLU D 160 11.31 -25.33 23.50
N ALA D 161 10.03 -25.31 23.09
CA ALA D 161 8.91 -25.65 23.99
C ALA D 161 8.39 -27.05 23.64
N PRO D 162 7.74 -27.74 24.57
CA PRO D 162 7.14 -29.04 24.26
C PRO D 162 6.15 -28.89 23.08
N SER D 163 6.06 -29.92 22.23
CA SER D 163 5.11 -29.95 21.11
C SER D 163 3.69 -30.17 21.65
N LEU D 164 2.68 -30.06 20.80
CA LEU D 164 1.31 -30.51 21.11
C LEU D 164 1.36 -31.94 21.65
N TYR D 165 2.11 -32.82 21.03
CA TYR D 165 2.12 -34.27 21.36
C TYR D 165 2.75 -34.50 22.73
N GLU D 166 3.82 -33.74 23.01
CA GLU D 166 4.52 -33.87 24.30
C GLU D 166 3.61 -33.34 25.40
N GLU D 167 2.85 -32.27 25.15
CA GLU D 167 1.87 -31.74 26.13
C GLU D 167 0.75 -32.78 26.35
N PHE D 168 0.31 -33.49 25.31
CA PHE D 168 -0.59 -34.65 25.45
C PHE D 168 0.02 -35.72 26.37
N LEU D 169 1.26 -36.11 26.16
CA LEU D 169 1.90 -37.14 27.00
C LEU D 169 1.97 -36.61 28.46
N ARG D 170 2.27 -35.34 28.67
CA ARG D 170 2.34 -34.79 30.05
C ARG D 170 0.96 -34.82 30.71
N TYR D 171 -0.09 -34.58 29.93
CA TYR D 171 -1.49 -34.68 30.41
C TYR D 171 -1.74 -36.13 30.84
N LEU D 172 -1.34 -37.14 30.06
CA LEU D 172 -1.61 -38.55 30.41
C LEU D 172 -0.89 -38.83 31.74
N ALA D 173 0.34 -38.32 31.88
CA ALA D 173 1.18 -38.54 33.09
C ALA D 173 0.43 -38.03 34.33
N ARG D 174 -0.24 -36.89 34.23
CA ARG D 174 -0.99 -36.27 35.36
C ARG D 174 -2.16 -37.14 35.79
N PHE D 175 -2.67 -38.05 34.94
CA PHE D 175 -3.84 -38.89 35.26
C PHE D 175 -3.39 -40.34 35.40
N GLY D 176 -2.12 -40.57 35.76
CA GLY D 176 -1.68 -41.87 36.27
C GLY D 176 -1.30 -42.86 35.17
N HIS D 177 -1.29 -42.46 33.88
CA HIS D 177 -0.76 -43.32 32.81
C HIS D 177 0.75 -43.51 33.00
N ALA D 178 1.28 -44.63 32.54
CA ALA D 178 2.71 -44.99 32.72
C ALA D 178 3.57 -44.29 31.66
N ILE D 179 3.60 -42.97 31.73
CA ILE D 179 4.41 -42.08 30.86
C ILE D 179 5.82 -42.00 31.46
N PRO D 180 6.88 -42.38 30.72
CA PRO D 180 8.24 -42.22 31.24
C PRO D 180 8.53 -40.82 31.78
N GLN D 181 9.34 -40.76 32.85
CA GLN D 181 9.76 -39.52 33.54
C GLN D 181 10.38 -38.49 32.57
N GLN D 182 11.03 -38.91 31.48
CA GLN D 182 11.73 -37.97 30.53
C GLN D 182 10.75 -36.94 29.95
N TYR D 183 9.46 -37.27 29.81
CA TYR D 183 8.47 -36.33 29.22
C TYR D 183 8.14 -35.19 30.18
N GLN D 184 8.59 -35.25 31.45
CA GLN D 184 8.39 -34.12 32.41
C GLN D 184 9.29 -32.95 31.99
N ALA D 185 10.50 -33.21 31.52
CA ALA D 185 11.43 -32.14 31.12
C ALA D 185 12.60 -32.78 30.37
N ARG D 186 12.92 -32.18 29.24
CA ARG D 186 13.97 -32.70 28.33
C ARG D 186 14.26 -31.57 27.36
N ASP D 187 15.27 -31.76 26.53
CA ASP D 187 15.65 -30.80 25.46
C ASP D 187 14.61 -30.89 24.33
N TRP D 188 13.63 -30.01 24.34
CA TRP D 188 12.47 -30.08 23.40
C TRP D 188 12.90 -29.74 21.97
N THR D 189 14.13 -29.23 21.74
CA THR D 189 14.59 -28.87 20.38
C THR D 189 14.82 -30.13 19.55
N ALA D 190 14.90 -31.30 20.19
CA ALA D 190 15.08 -32.62 19.54
C ALA D 190 13.71 -33.18 19.11
N ALA D 191 13.56 -33.54 17.84
CA ALA D 191 12.31 -34.15 17.30
C ALA D 191 12.01 -35.43 18.10
N HIS D 192 10.81 -35.54 18.65
CA HIS D 192 10.36 -36.79 19.30
C HIS D 192 10.68 -37.99 18.40
N VAL D 193 11.25 -39.03 18.99
CA VAL D 193 11.50 -40.36 18.33
C VAL D 193 10.51 -41.36 18.94
N ALA D 194 9.91 -42.21 18.11
CA ALA D 194 8.98 -43.29 18.52
C ALA D 194 9.55 -44.00 19.75
N ASP D 195 8.73 -44.17 20.78
CA ASP D 195 9.06 -44.73 22.12
C ASP D 195 8.24 -46.01 22.36
N ASP D 196 8.86 -47.18 22.23
CA ASP D 196 8.19 -48.50 22.42
C ASP D 196 7.50 -48.61 23.77
N THR D 197 8.00 -47.93 24.80
CA THR D 197 7.51 -48.11 26.19
C THR D 197 6.13 -47.44 26.30
N LEU D 198 5.71 -46.64 25.30
CA LEU D 198 4.35 -46.03 25.32
C LEU D 198 3.30 -47.00 24.75
N ARG D 199 3.67 -48.07 24.04
CA ARG D 199 2.70 -49.05 23.48
C ARG D 199 1.70 -49.49 24.53
N PRO D 200 2.11 -50.02 25.70
CA PRO D 200 1.12 -50.48 26.68
C PRO D 200 0.17 -49.39 27.16
N VAL D 201 0.60 -48.13 27.16
CA VAL D 201 -0.21 -46.96 27.58
C VAL D 201 -1.39 -46.80 26.59
N PHE D 202 -1.09 -46.85 25.30
CA PHE D 202 -2.10 -46.68 24.21
C PHE D 202 -2.93 -47.96 24.06
N GLU D 203 -2.37 -49.16 24.26
CA GLU D 203 -3.15 -50.41 24.31
C GLU D 203 -4.23 -50.30 25.37
N ARG D 204 -3.88 -49.86 26.58
CA ARG D 204 -4.86 -49.79 27.69
C ARG D 204 -5.98 -48.80 27.36
N ILE D 205 -5.62 -47.62 26.83
CA ILE D 205 -6.63 -46.61 26.45
C ILE D 205 -7.61 -47.22 25.43
N TYR D 206 -7.10 -47.79 24.33
CA TYR D 206 -7.95 -48.23 23.19
C TYR D 206 -8.73 -49.51 23.56
N GLU D 207 -8.27 -50.25 24.58
CA GLU D 207 -8.92 -51.53 25.02
C GLU D 207 -9.90 -51.30 26.18
N ASN D 208 -9.98 -50.12 26.77
CA ASN D 208 -10.89 -49.78 27.89
CA ASN D 208 -11.02 -49.83 27.81
C ASN D 208 -11.48 -48.40 27.59
N THR D 209 -12.18 -48.21 26.46
CA THR D 209 -12.61 -46.86 26.05
C THR D 209 -13.62 -46.28 27.04
N ASP D 210 -14.44 -47.11 27.69
CA ASP D 210 -15.44 -46.65 28.71
C ASP D 210 -14.69 -45.93 29.83
N ARG D 211 -13.59 -46.49 30.31
CA ARG D 211 -12.81 -45.92 31.43
C ARG D 211 -12.00 -44.74 30.93
N TYR D 212 -11.38 -44.86 29.75
CA TYR D 212 -10.44 -43.85 29.26
C TYR D 212 -11.04 -43.04 28.10
N TRP D 213 -12.31 -42.67 28.18
CA TRP D 213 -13.00 -42.02 27.04
C TRP D 213 -12.37 -40.67 26.70
N ARG D 214 -11.94 -39.90 27.70
CA ARG D 214 -11.24 -38.63 27.45
C ARG D 214 -9.98 -38.90 26.60
N GLU D 215 -9.13 -39.80 27.11
CA GLU D 215 -7.84 -40.12 26.47
C GLU D 215 -8.07 -40.65 25.05
N TYR D 216 -8.98 -41.60 24.91
CA TYR D 216 -9.40 -42.19 23.61
C TYR D 216 -9.81 -41.11 22.60
N SER D 217 -10.70 -40.22 23.02
CA SER D 217 -11.20 -39.09 22.18
CA SER D 217 -11.19 -39.13 22.13
C SER D 217 -10.04 -38.21 21.71
N LEU D 218 -9.13 -37.83 22.61
CA LEU D 218 -7.97 -36.97 22.26
C LEU D 218 -7.02 -37.74 21.34
N CYS D 219 -6.82 -39.02 21.56
CA CYS D 219 -5.96 -39.86 20.68
C CYS D 219 -6.49 -39.76 19.23
N GLU D 220 -7.78 -39.98 19.08
CA GLU D 220 -8.45 -39.91 17.74
C GLU D 220 -8.41 -38.51 17.17
N ASP D 221 -8.55 -37.47 18.01
CA ASP D 221 -8.39 -36.08 17.52
C ASP D 221 -6.99 -35.89 16.93
N LEU D 222 -5.93 -36.38 17.57
CA LEU D 222 -4.55 -36.21 17.06
C LEU D 222 -4.37 -37.00 15.77
N VAL D 223 -4.91 -38.21 15.71
CA VAL D 223 -4.81 -38.98 14.45
C VAL D 223 -5.53 -38.22 13.34
N ASP D 224 -6.64 -37.60 13.61
CA ASP D 224 -7.36 -36.74 12.65
C ASP D 224 -6.50 -35.55 12.18
N VAL D 225 -5.86 -34.85 13.12
CA VAL D 225 -4.98 -33.70 12.74
C VAL D 225 -3.81 -34.19 11.86
N GLU D 226 -3.15 -35.27 12.25
CA GLU D 226 -2.00 -35.80 11.48
C GLU D 226 -2.52 -36.20 10.09
N THR D 227 -3.62 -36.93 10.00
CA THR D 227 -4.13 -37.42 8.71
C THR D 227 -4.39 -36.24 7.77
N GLN D 228 -5.04 -35.19 8.27
CA GLN D 228 -5.39 -34.02 7.43
CA GLN D 228 -5.37 -34.01 7.43
C GLN D 228 -4.11 -33.26 7.01
N PHE D 229 -3.12 -33.19 7.90
CA PHE D 229 -1.83 -32.55 7.59
C PHE D 229 -1.11 -33.31 6.48
N GLN D 230 -1.16 -34.64 6.56
CA GLN D 230 -0.54 -35.49 5.51
C GLN D 230 -1.32 -35.29 4.21
N LEU D 231 -2.64 -35.13 4.25
CA LEU D 231 -3.41 -34.90 3.00
CA LEU D 231 -3.47 -34.87 3.04
C LEU D 231 -3.02 -33.54 2.41
N TRP D 232 -2.78 -32.52 3.23
CA TRP D 232 -2.25 -31.24 2.70
C TRP D 232 -0.94 -31.50 1.97
N ARG D 233 0.01 -32.16 2.60
CA ARG D 233 1.32 -32.44 1.96
C ARG D 233 1.07 -33.14 0.64
N PHE D 234 0.20 -34.15 0.63
CA PHE D 234 -0.02 -34.94 -0.58
C PHE D 234 -0.64 -34.06 -1.67
N ARG D 235 -1.64 -33.26 -1.35
CA ARG D 235 -2.29 -32.45 -2.40
C ARG D 235 -1.31 -31.37 -2.91
N HIS D 236 -0.48 -30.82 -2.04
CA HIS D 236 0.59 -29.84 -2.45
C HIS D 236 1.52 -30.58 -3.45
N MET D 237 1.96 -31.77 -3.09
CA MET D 237 2.92 -32.54 -3.91
CA MET D 237 2.93 -32.53 -3.93
C MET D 237 2.30 -32.87 -5.28
N ARG D 238 1.06 -33.33 -5.32
CA ARG D 238 0.38 -33.61 -6.60
C ARG D 238 0.23 -32.32 -7.44
N THR D 239 0.02 -31.17 -6.80
CA THR D 239 -0.05 -29.89 -7.53
C THR D 239 1.33 -29.54 -8.14
N VAL D 240 2.37 -29.74 -7.35
CA VAL D 240 3.77 -29.59 -7.84
C VAL D 240 3.97 -30.46 -9.07
N MET D 241 3.55 -31.74 -9.01
CA MET D 241 3.76 -32.66 -10.14
C MET D 241 3.05 -32.10 -11.36
N ARG D 242 1.85 -31.55 -11.23
CA ARG D 242 1.12 -31.16 -12.45
C ARG D 242 1.56 -29.79 -12.92
N VAL D 243 2.18 -29.01 -12.07
CA VAL D 243 2.64 -27.65 -12.50
C VAL D 243 4.12 -27.64 -12.98
N ILE D 244 5.07 -28.18 -12.20
CA ILE D 244 6.52 -28.20 -12.62
C ILE D 244 7.01 -29.62 -12.87
N GLY D 245 6.22 -30.65 -12.65
CA GLY D 245 6.71 -32.02 -12.74
C GLY D 245 7.91 -32.29 -11.83
N PHE D 246 8.97 -32.90 -12.36
CA PHE D 246 10.19 -33.27 -11.60
C PHE D 246 11.30 -32.21 -11.79
N LYS D 247 10.93 -31.00 -12.14
CA LYS D 247 11.91 -29.88 -12.14
C LYS D 247 12.43 -29.61 -10.73
N ARG D 248 13.67 -29.13 -10.62
CA ARG D 248 14.16 -28.61 -9.32
C ARG D 248 13.26 -27.43 -8.90
N GLY D 249 13.10 -27.25 -7.60
CA GLY D 249 12.29 -26.15 -7.05
C GLY D 249 13.04 -24.82 -7.05
N THR D 250 12.31 -23.72 -7.03
CA THR D 250 12.89 -22.36 -6.86
C THR D 250 13.76 -22.29 -5.62
N GLY D 251 13.38 -22.98 -4.55
CA GLY D 251 14.08 -22.93 -3.27
C GLY D 251 15.36 -23.77 -3.27
N GLY D 252 15.65 -24.44 -4.38
CA GLY D 252 16.94 -25.16 -4.52
C GLY D 252 16.85 -26.64 -4.22
N SER D 253 15.65 -27.18 -3.89
CA SER D 253 15.48 -28.63 -3.64
C SER D 253 15.24 -29.41 -4.94
N SER D 254 15.32 -30.73 -4.85
CA SER D 254 14.98 -31.67 -5.96
C SER D 254 13.49 -31.62 -6.29
N GLY D 255 12.67 -30.99 -5.44
CA GLY D 255 11.24 -30.78 -5.73
C GLY D 255 10.38 -31.95 -5.23
N VAL D 256 9.67 -32.65 -6.11
CA VAL D 256 8.76 -33.74 -5.66
C VAL D 256 9.42 -34.74 -4.68
N GLY D 257 10.60 -35.28 -5.01
CA GLY D 257 11.29 -36.24 -4.11
C GLY D 257 11.52 -35.69 -2.72
N PHE D 258 11.91 -34.44 -2.59
CA PHE D 258 12.17 -33.84 -1.27
C PHE D 258 10.84 -33.72 -0.51
N LEU D 259 9.79 -33.36 -1.22
CA LEU D 259 8.43 -33.20 -0.61
C LEU D 259 7.93 -34.57 -0.16
N GLN D 260 8.22 -35.61 -0.94
CA GLN D 260 7.78 -37.00 -0.64
C GLN D 260 8.44 -37.49 0.65
N GLN D 261 9.66 -37.02 0.97
CA GLN D 261 10.36 -37.37 2.23
C GLN D 261 9.57 -36.87 3.45
N ALA D 262 8.91 -35.70 3.37
CA ALA D 262 8.08 -35.18 4.49
C ALA D 262 6.86 -36.09 4.67
N LEU D 263 6.30 -36.65 3.59
CA LEU D 263 5.16 -37.58 3.71
C LEU D 263 5.52 -38.77 4.59
N ALA D 264 6.82 -39.15 4.71
CA ALA D 264 7.23 -40.31 5.51
C ALA D 264 7.41 -39.91 6.98
N LEU D 265 7.39 -38.64 7.33
CA LEU D 265 7.51 -38.18 8.73
C LEU D 265 6.19 -38.46 9.44
N THR D 266 6.22 -38.58 10.75
CA THR D 266 5.02 -38.79 11.61
C THR D 266 5.11 -37.84 12.80
N PHE D 267 4.02 -37.18 13.16
CA PHE D 267 3.91 -36.37 14.38
C PHE D 267 3.72 -37.26 15.59
N PHE D 268 2.84 -38.28 15.49
CA PHE D 268 2.32 -39.01 16.67
C PHE D 268 2.56 -40.50 16.47
N PRO D 269 3.85 -40.91 16.41
CA PRO D 269 4.17 -42.24 15.93
C PRO D 269 3.52 -43.37 16.74
N GLU D 270 3.49 -43.28 18.08
CA GLU D 270 2.95 -44.35 18.93
C GLU D 270 1.45 -44.55 18.72
N LEU D 271 0.69 -43.49 18.34
CA LEU D 271 -0.75 -43.61 18.03
C LEU D 271 -0.94 -44.49 16.79
N PHE D 272 -0.07 -44.36 15.76
CA PHE D 272 -0.12 -45.24 14.56
C PHE D 272 0.43 -46.64 14.92
N ASP D 273 1.53 -46.71 15.68
CA ASP D 273 2.18 -47.99 16.02
C ASP D 273 1.20 -48.88 16.78
N VAL D 274 0.38 -48.31 17.68
CA VAL D 274 -0.49 -49.14 18.54
C VAL D 274 -1.52 -49.92 17.70
N ARG D 275 -1.85 -49.49 16.48
CA ARG D 275 -2.79 -50.22 15.60
C ARG D 275 -2.36 -51.68 15.38
N THR D 276 -1.06 -52.02 15.42
CA THR D 276 -0.63 -53.41 15.19
C THR D 276 -0.92 -54.29 16.39
N SER D 277 -1.12 -53.78 17.60
CA SER D 277 -1.34 -54.66 18.79
C SER D 277 -2.69 -54.48 19.49
N VAL D 278 -3.52 -53.47 19.20
CA VAL D 278 -4.83 -53.30 19.88
CA VAL D 278 -4.86 -53.26 19.82
C VAL D 278 -5.70 -54.53 19.59
N GLY D 279 -6.40 -55.04 20.61
CA GLY D 279 -7.11 -56.35 20.47
C GLY D 279 -8.49 -56.40 21.13
N VAL D 280 -9.47 -55.66 20.55
CA VAL D 280 -10.91 -55.62 20.97
C VAL D 280 -11.01 -54.85 22.31
N ASP D 281 -11.98 -53.98 22.43
CA ASP D 281 -12.16 -53.06 23.59
C ASP D 281 -13.25 -53.62 24.53
N ASN E 2 -0.22 30.12 -28.50
CA ASN E 2 0.71 29.93 -27.32
C ASN E 2 2.14 29.71 -27.83
N LEU E 3 2.60 30.59 -28.72
CA LEU E 3 4.03 30.72 -29.08
C LEU E 3 4.30 32.14 -29.56
N ARG E 4 5.49 32.64 -29.25
CA ARG E 4 5.88 34.05 -29.52
C ARG E 4 6.65 34.05 -30.84
N ASP E 5 6.22 34.85 -31.80
CA ASP E 5 6.96 35.01 -33.09
C ASP E 5 8.35 35.61 -32.84
N LEU E 6 9.38 35.07 -33.51
CA LEU E 6 10.69 35.78 -33.66
C LEU E 6 10.43 37.20 -34.19
N GLU E 7 10.94 38.22 -33.51
CA GLU E 7 11.09 39.58 -34.10
C GLU E 7 12.10 39.47 -35.24
N PRO E 8 11.90 40.22 -36.34
CA PRO E 8 12.82 40.15 -37.48
C PRO E 8 14.22 40.74 -37.22
N GLY E 9 14.34 41.63 -36.23
CA GLY E 9 15.63 42.21 -35.81
C GLY E 9 16.55 41.18 -35.18
N ILE E 10 16.04 40.01 -34.81
CA ILE E 10 16.90 38.99 -34.12
C ILE E 10 17.90 38.38 -35.11
N HIS E 11 19.15 38.21 -34.67
CA HIS E 11 20.25 37.53 -35.38
C HIS E 11 20.05 36.00 -35.34
N THR E 12 19.84 35.37 -36.50
CA THR E 12 19.66 33.90 -36.67
C THR E 12 20.81 33.31 -37.50
N ASP E 13 21.46 34.13 -38.35
CA ASP E 13 22.63 33.71 -39.17
C ASP E 13 23.89 34.05 -38.38
N LEU E 14 24.30 33.13 -37.52
CA LEU E 14 25.45 33.31 -36.59
C LEU E 14 26.65 32.52 -37.11
N GLU E 15 26.57 32.05 -38.36
CA GLU E 15 27.55 31.14 -39.02
C GLU E 15 28.96 31.38 -38.48
N GLY E 16 29.57 32.54 -38.72
CA GLY E 16 30.98 32.78 -38.33
C GLY E 16 31.12 33.82 -37.22
N ARG E 17 30.10 33.97 -36.36
CA ARG E 17 30.04 35.12 -35.40
C ARG E 17 30.20 34.62 -33.96
N LEU E 18 30.45 35.54 -33.03
CA LEU E 18 30.51 35.19 -31.58
C LEU E 18 29.09 34.83 -31.13
N THR E 19 28.87 33.59 -30.75
CA THR E 19 27.59 33.12 -30.16
C THR E 19 27.75 33.05 -28.64
N TYR E 20 26.60 32.96 -27.95
CA TYR E 20 26.51 32.66 -26.51
C TYR E 20 27.45 31.52 -26.17
N GLY E 21 27.29 30.39 -26.86
CA GLY E 21 28.07 29.16 -26.56
C GLY E 21 29.54 29.33 -26.82
N GLY E 22 29.91 30.10 -27.84
CA GLY E 22 31.33 30.44 -28.13
C GLY E 22 31.95 31.33 -27.06
N TYR E 23 31.26 32.41 -26.69
CA TYR E 23 31.72 33.40 -25.67
C TYR E 23 31.93 32.67 -24.35
N LEU E 24 31.00 31.78 -23.99
CA LEU E 24 30.98 31.09 -22.68
C LEU E 24 31.77 29.78 -22.76
N ARG E 25 32.33 29.44 -23.93
CA ARG E 25 33.09 28.19 -24.13
C ARG E 25 32.25 27.01 -23.62
N LEU E 26 30.98 26.93 -24.04
CA LEU E 26 30.06 25.84 -23.58
C LEU E 26 30.46 24.47 -24.14
N ASP E 27 31.15 24.40 -25.30
CA ASP E 27 31.69 23.10 -25.79
C ASP E 27 32.61 22.53 -24.72
N GLN E 28 33.47 23.39 -24.14
CA GLN E 28 34.41 22.98 -23.08
C GLN E 28 33.63 22.73 -21.77
N LEU E 29 32.78 23.69 -21.38
CA LEU E 29 32.11 23.65 -20.05
C LEU E 29 31.21 22.42 -19.93
N LEU E 30 30.43 22.14 -20.98
CA LEU E 30 29.36 21.12 -20.95
C LEU E 30 29.89 19.79 -21.50
N SER E 31 31.23 19.61 -21.56
CA SER E 31 31.90 18.31 -21.78
C SER E 31 32.77 17.93 -20.57
N ALA E 32 32.67 18.68 -19.46
CA ALA E 32 33.44 18.43 -18.22
C ALA E 32 32.66 17.54 -17.23
N GLN E 33 31.47 17.04 -17.59
CA GLN E 33 30.68 16.12 -16.72
C GLN E 33 30.91 14.67 -17.19
N GLN E 34 31.78 13.94 -16.49
CA GLN E 34 32.18 12.55 -16.88
C GLN E 34 31.90 11.59 -15.72
N PRO E 35 30.63 11.20 -15.52
CA PRO E 35 30.29 10.25 -14.45
C PRO E 35 31.02 8.92 -14.70
N LEU E 36 31.42 8.22 -13.64
CA LEU E 36 32.28 7.01 -13.79
C LEU E 36 31.46 5.72 -13.60
N SER E 37 30.23 5.82 -13.07
CA SER E 37 29.29 4.68 -12.85
C SER E 37 29.09 3.87 -14.13
N GLU E 38 29.14 2.53 -13.99
CA GLU E 38 28.82 1.55 -15.08
C GLU E 38 27.93 0.48 -14.49
N PRO E 39 26.63 0.39 -14.87
CA PRO E 39 26.04 1.28 -15.86
C PRO E 39 25.82 2.67 -15.24
N ALA E 40 25.47 3.67 -16.05
CA ALA E 40 25.27 5.07 -15.62
C ALA E 40 24.27 5.08 -14.47
N HIS E 41 24.63 5.74 -13.35
CA HIS E 41 23.73 5.97 -12.19
C HIS E 41 23.08 7.34 -12.37
N HIS E 42 21.75 7.40 -12.35
CA HIS E 42 20.97 8.63 -12.62
C HIS E 42 21.48 9.80 -11.74
N ASP E 43 21.73 9.54 -10.47
CA ASP E 43 21.98 10.61 -9.46
C ASP E 43 23.43 11.08 -9.51
N GLU E 44 24.31 10.45 -10.31
CA GLU E 44 25.73 10.87 -10.37
C GLU E 44 25.85 12.23 -11.07
N MET E 45 24.91 12.58 -11.94
CA MET E 45 24.95 13.87 -12.70
C MET E 45 24.73 15.05 -11.73
N LEU E 46 23.73 14.96 -10.87
CA LEU E 46 23.53 15.94 -9.76
C LEU E 46 24.82 16.11 -8.96
N PHE E 47 25.37 15.00 -8.49
CA PHE E 47 26.61 14.96 -7.66
C PHE E 47 27.71 15.78 -8.31
N ILE E 48 27.97 15.56 -9.60
CA ILE E 48 29.03 16.31 -10.34
C ILE E 48 28.65 17.80 -10.47
N ILE E 49 27.45 18.07 -10.95
CA ILE E 49 26.94 19.46 -11.23
CA ILE E 49 27.01 19.46 -11.23
C ILE E 49 26.95 20.27 -9.91
N GLN E 50 26.53 19.66 -8.80
CA GLN E 50 26.48 20.31 -7.46
C GLN E 50 27.88 20.85 -7.10
N SER E 51 28.91 20.02 -7.23
CA SER E 51 30.28 20.45 -6.89
C SER E 51 30.80 21.41 -7.97
N GLN E 52 30.47 21.23 -9.26
CA GLN E 52 31.04 22.09 -10.33
C GLN E 52 30.45 23.51 -10.24
N THR E 53 29.15 23.63 -9.98
CA THR E 53 28.52 24.97 -9.79
C THR E 53 29.22 25.61 -8.59
N SER E 54 29.45 24.87 -7.51
CA SER E 54 30.16 25.39 -6.31
C SER E 54 31.56 25.89 -6.69
N GLU E 55 32.32 25.14 -7.51
CA GLU E 55 33.66 25.59 -7.95
C GLU E 55 33.57 26.85 -8.81
N LEU E 56 32.58 27.00 -9.67
CA LEU E 56 32.45 28.24 -10.47
C LEU E 56 32.23 29.44 -9.51
N TRP E 57 31.35 29.27 -8.52
CA TRP E 57 31.10 30.35 -7.55
C TRP E 57 32.38 30.66 -6.75
N LEU E 58 33.12 29.62 -6.33
CA LEU E 58 34.37 29.83 -5.55
C LEU E 58 35.38 30.59 -6.41
N LYS E 59 35.46 30.30 -7.70
CA LYS E 59 36.34 31.07 -8.61
C LYS E 59 35.95 32.55 -8.58
N LEU E 60 34.67 32.86 -8.74
CA LEU E 60 34.20 34.26 -8.72
C LEU E 60 34.50 34.86 -7.34
N LEU E 61 34.28 34.09 -6.27
CA LEU E 61 34.41 34.65 -4.90
C LEU E 61 35.88 35.06 -4.70
N ALA E 62 36.83 34.26 -5.19
CA ALA E 62 38.28 34.58 -5.07
C ALA E 62 38.58 35.86 -5.83
N HIS E 63 38.08 35.95 -7.07
CA HIS E 63 38.26 37.14 -7.94
C HIS E 63 37.70 38.40 -7.24
N GLU E 64 36.56 38.27 -6.58
CA GLU E 64 35.97 39.44 -5.90
C GLU E 64 36.78 39.79 -4.65
N LEU E 65 37.08 38.81 -3.80
CA LEU E 65 37.80 39.10 -2.52
C LEU E 65 39.19 39.68 -2.80
N ARG E 66 39.91 39.24 -3.85
CA ARG E 66 41.17 39.92 -4.23
C ARG E 66 40.94 41.40 -4.52
N ALA E 67 39.87 41.76 -5.21
CA ALA E 67 39.58 43.18 -5.51
C ALA E 67 39.18 43.94 -4.23
N ALA E 68 38.50 43.27 -3.31
CA ALA E 68 38.15 43.87 -2.00
C ALA E 68 39.44 44.28 -1.30
N ILE E 69 40.43 43.40 -1.34
CA ILE E 69 41.73 43.66 -0.66
C ILE E 69 42.41 44.85 -1.35
N VAL E 70 42.46 44.88 -2.69
CA VAL E 70 43.10 46.02 -3.41
C VAL E 70 42.41 47.33 -3.01
N HIS E 71 41.07 47.37 -2.97
CA HIS E 71 40.39 48.60 -2.50
C HIS E 71 40.81 48.98 -1.07
N LEU E 72 40.79 48.04 -0.11
N LEU E 72 40.83 48.03 -0.17
CA LEU E 72 41.19 48.30 1.31
CA LEU E 72 41.15 48.34 1.24
C LEU E 72 42.60 48.90 1.29
C LEU E 72 42.60 48.84 1.35
N GLN E 73 43.53 48.26 0.59
CA GLN E 73 44.94 48.72 0.53
C GLN E 73 45.01 50.19 0.10
N ARG E 74 44.10 50.65 -0.76
CA ARG E 74 44.05 52.03 -1.30
C ARG E 74 43.11 52.93 -0.48
N ASP E 75 42.61 52.45 0.66
CA ASP E 75 41.67 53.20 1.54
C ASP E 75 40.41 53.56 0.75
N GLU E 76 39.99 52.70 -0.19
CA GLU E 76 38.77 52.88 -1.03
C GLU E 76 37.62 52.13 -0.36
N VAL E 77 37.04 52.71 0.69
CA VAL E 77 36.09 51.99 1.55
C VAL E 77 34.79 51.69 0.78
N TRP E 78 34.17 52.68 0.15
CA TRP E 78 32.87 52.42 -0.52
C TRP E 78 33.06 51.34 -1.58
N GLN E 79 34.14 51.40 -2.36
CA GLN E 79 34.41 50.38 -3.39
C GLN E 79 34.57 49.01 -2.74
N CYS E 80 35.36 48.94 -1.66
CA CYS E 80 35.53 47.68 -0.91
C CYS E 80 34.19 47.10 -0.45
N ARG E 81 33.32 47.98 0.05
CA ARG E 81 32.03 47.50 0.60
C ARG E 81 31.15 46.96 -0.54
N LYS E 82 31.21 47.59 -1.70
CA LYS E 82 30.42 47.15 -2.90
C LYS E 82 30.90 45.76 -3.35
N VAL E 83 32.21 45.55 -3.36
CA VAL E 83 32.79 44.22 -3.65
C VAL E 83 32.38 43.19 -2.57
N LEU E 84 32.46 43.55 -1.28
CA LEU E 84 32.04 42.64 -0.19
C LEU E 84 30.56 42.35 -0.31
N ALA E 85 29.73 43.30 -0.77
CA ALA E 85 28.28 43.04 -0.97
C ALA E 85 28.07 41.92 -2.01
N ARG E 86 28.81 41.99 -3.12
CA ARG E 86 28.76 40.91 -4.13
C ARG E 86 29.28 39.60 -3.56
N SER E 87 30.34 39.64 -2.74
CA SER E 87 30.94 38.43 -2.14
C SER E 87 29.92 37.75 -1.25
N LYS E 88 29.17 38.52 -0.45
CA LYS E 88 28.08 37.98 0.39
C LYS E 88 27.02 37.27 -0.49
N GLN E 89 26.65 37.85 -1.62
CA GLN E 89 25.63 37.23 -2.50
C GLN E 89 26.19 35.90 -3.04
N VAL E 90 27.47 35.84 -3.37
CA VAL E 90 28.08 34.58 -3.92
C VAL E 90 28.07 33.52 -2.82
N LEU E 91 28.46 33.87 -1.61
CA LEU E 91 28.40 32.95 -0.46
C LEU E 91 26.96 32.50 -0.17
N ARG E 92 25.98 33.38 -0.37
CA ARG E 92 24.56 33.03 -0.15
C ARG E 92 24.19 31.94 -1.16
N GLN E 93 24.63 32.05 -2.41
CA GLN E 93 24.25 31.03 -3.43
C GLN E 93 24.89 29.70 -3.07
N LEU E 94 26.17 29.73 -2.67
CA LEU E 94 26.93 28.54 -2.25
C LEU E 94 26.21 27.89 -1.09
N THR E 95 25.57 28.66 -0.21
CA THR E 95 24.83 28.12 0.95
CA THR E 95 24.83 28.10 0.95
C THR E 95 23.47 27.58 0.50
N GLU E 96 22.76 28.33 -0.31
CA GLU E 96 21.37 28.02 -0.69
C GLU E 96 21.36 26.69 -1.47
N GLN E 97 22.38 26.45 -2.31
CA GLN E 97 22.32 25.32 -3.27
C GLN E 97 22.37 23.97 -2.54
N TRP E 98 22.70 23.92 -1.26
CA TRP E 98 22.63 22.62 -0.53
C TRP E 98 21.22 22.01 -0.64
N SER E 99 20.18 22.81 -0.82
CA SER E 99 18.78 22.31 -0.87
C SER E 99 18.60 21.33 -2.03
N VAL E 100 19.39 21.46 -3.09
CA VAL E 100 19.33 20.54 -4.25
C VAL E 100 19.92 19.19 -3.84
N LEU E 101 21.08 19.20 -3.20
CA LEU E 101 21.82 17.95 -2.85
C LEU E 101 21.08 17.22 -1.75
N GLU E 102 20.27 17.91 -0.94
CA GLU E 102 19.54 17.23 0.15
C GLU E 102 18.46 16.30 -0.44
N THR E 103 18.21 16.36 -1.76
CA THR E 103 17.25 15.44 -2.45
C THR E 103 17.98 14.13 -2.79
N LEU E 104 19.27 14.02 -2.46
CA LEU E 104 20.06 12.78 -2.64
C LEU E 104 19.92 11.93 -1.39
N THR E 105 19.39 10.70 -1.51
CA THR E 105 19.20 9.81 -0.34
C THR E 105 20.41 8.90 -0.20
N PRO E 106 20.59 8.29 1.00
CA PRO E 106 21.65 7.31 1.21
C PRO E 106 21.53 6.13 0.24
N SER E 107 20.30 5.72 -0.04
CA SER E 107 19.94 4.64 -1.01
C SER E 107 20.54 4.96 -2.38
N GLU E 108 20.42 6.23 -2.79
CA GLU E 108 20.89 6.66 -4.13
C GLU E 108 22.43 6.74 -4.08
N TYR E 109 23.01 7.41 -3.08
CA TYR E 109 24.46 7.67 -3.05
C TYR E 109 25.22 6.34 -3.00
N MET E 110 24.69 5.34 -2.28
CA MET E 110 25.40 4.03 -2.11
C MET E 110 25.50 3.33 -3.47
N GLY E 111 24.65 3.70 -4.43
CA GLY E 111 24.73 3.28 -5.84
C GLY E 111 26.08 3.61 -6.49
N PHE E 112 26.78 4.69 -6.08
CA PHE E 112 27.97 5.18 -6.82
C PHE E 112 29.09 5.79 -5.96
N ARG E 113 28.99 5.82 -4.62
CA ARG E 113 30.05 6.42 -3.76
C ARG E 113 31.40 5.70 -4.01
N ASP E 114 31.35 4.41 -4.35
CA ASP E 114 32.53 3.55 -4.63
CA ASP E 114 32.59 3.62 -4.55
C ASP E 114 33.37 4.14 -5.78
N VAL E 115 32.74 4.76 -6.78
CA VAL E 115 33.48 5.21 -8.00
C VAL E 115 34.38 6.42 -7.69
N LEU E 116 34.28 7.00 -6.49
CA LEU E 116 34.98 8.28 -6.11
C LEU E 116 36.38 7.97 -5.59
N GLY E 117 36.62 6.74 -5.16
CA GLY E 117 37.88 6.36 -4.50
C GLY E 117 38.16 7.33 -3.36
N PRO E 118 39.35 7.97 -3.32
CA PRO E 118 39.69 8.85 -2.21
C PRO E 118 39.38 10.34 -2.49
N SER E 119 38.72 10.66 -3.60
CA SER E 119 38.37 12.04 -4.01
C SER E 119 37.42 12.68 -2.97
N SER E 120 37.65 13.96 -2.66
CA SER E 120 37.00 14.65 -1.54
C SER E 120 37.20 16.16 -1.67
N GLY E 121 36.17 16.93 -1.31
CA GLY E 121 36.22 18.41 -1.34
C GLY E 121 37.33 18.92 -0.44
N PHE E 122 37.82 18.08 0.48
CA PHE E 122 39.04 18.38 1.27
C PHE E 122 40.19 18.75 0.32
N GLN E 123 40.16 18.22 -0.88
CA GLN E 123 41.16 18.47 -1.96
C GLN E 123 40.68 19.59 -2.89
N SER E 124 39.71 20.43 -2.49
CA SER E 124 39.34 21.58 -3.36
C SER E 124 40.40 22.67 -3.17
N LEU E 125 41.18 22.93 -4.22
CA LEU E 125 42.17 24.03 -4.27
C LEU E 125 41.48 25.39 -4.03
N GLN E 126 40.44 25.69 -4.81
CA GLN E 126 39.73 26.99 -4.73
C GLN E 126 39.10 27.16 -3.36
N TYR E 127 38.56 26.11 -2.75
CA TYR E 127 38.01 26.22 -1.38
C TYR E 127 39.12 26.65 -0.41
N ARG E 128 40.28 26.00 -0.52
CA ARG E 128 41.37 26.27 0.45
C ARG E 128 41.93 27.67 0.18
N TYR E 129 42.00 28.07 -1.08
CA TYR E 129 42.44 29.43 -1.45
C TYR E 129 41.57 30.45 -0.69
N ILE E 130 40.25 30.24 -0.66
CA ILE E 130 39.34 31.18 0.05
C ILE E 130 39.56 31.11 1.56
N GLU E 131 39.62 29.91 2.16
CA GLU E 131 39.90 29.81 3.60
CA GLU E 131 39.97 29.72 3.59
C GLU E 131 41.17 30.61 3.92
N PHE E 132 42.19 30.53 3.07
CA PHE E 132 43.48 31.20 3.29
C PHE E 132 43.29 32.71 3.19
N LEU E 133 42.65 33.20 2.13
CA LEU E 133 42.43 34.66 1.94
C LEU E 133 41.63 35.20 3.13
N LEU E 134 40.68 34.45 3.65
CA LEU E 134 39.87 34.94 4.80
C LEU E 134 40.68 34.82 6.11
N GLY E 135 41.74 34.02 6.13
CA GLY E 135 42.74 34.06 7.22
C GLY E 135 43.01 32.72 7.87
N ASN E 136 42.25 31.66 7.58
CA ASN E 136 42.46 30.32 8.19
CA ASN E 136 42.47 30.33 8.22
C ASN E 136 43.62 29.65 7.48
N LYS E 137 44.83 30.18 7.66
CA LYS E 137 46.08 29.73 6.98
C LYS E 137 46.47 28.39 7.61
N ASN E 138 46.79 27.40 6.82
CA ASN E 138 47.23 26.08 7.36
C ASN E 138 48.29 25.55 6.43
N PRO E 139 49.60 25.83 6.68
CA PRO E 139 50.68 25.30 5.85
C PRO E 139 50.66 23.77 5.64
N GLN E 140 50.06 23.00 6.56
CA GLN E 140 49.88 21.51 6.48
C GLN E 140 49.07 21.11 5.23
N MET E 141 48.32 22.05 4.63
CA MET E 141 47.45 21.76 3.44
C MET E 141 48.27 21.78 2.16
N LEU E 142 49.46 22.41 2.12
CA LEU E 142 50.24 22.51 0.85
C LEU E 142 50.57 21.10 0.34
N GLN E 143 50.89 20.17 1.23
CA GLN E 143 51.33 18.79 0.87
C GLN E 143 50.19 18.10 0.12
N VAL E 144 48.93 18.37 0.52
CA VAL E 144 47.73 17.77 -0.12
C VAL E 144 47.80 18.04 -1.62
N PHE E 145 48.38 19.19 -2.01
CA PHE E 145 48.45 19.67 -3.42
C PHE E 145 49.84 19.42 -4.04
N ALA E 146 50.69 18.57 -3.43
CA ALA E 146 52.00 18.16 -3.98
C ALA E 146 51.83 17.60 -5.41
N TYR E 147 50.75 16.85 -5.65
CA TYR E 147 50.40 16.27 -6.98
C TYR E 147 50.21 17.36 -8.06
N ASP E 148 49.94 18.62 -7.69
CA ASP E 148 49.70 19.74 -8.64
C ASP E 148 50.61 20.91 -8.25
N PRO E 149 51.90 20.90 -8.66
CA PRO E 149 52.84 21.97 -8.33
C PRO E 149 52.35 23.40 -8.64
N ALA E 150 51.74 23.64 -9.80
CA ALA E 150 51.31 24.99 -10.25
C ALA E 150 50.17 25.50 -9.35
N GLY E 151 49.26 24.61 -8.96
CA GLY E 151 48.16 24.91 -8.02
C GLY E 151 48.66 25.16 -6.61
N GLN E 152 49.48 24.24 -6.10
CA GLN E 152 50.26 24.38 -4.84
C GLN E 152 50.92 25.77 -4.80
N ALA E 153 51.51 26.22 -5.91
CA ALA E 153 52.21 27.54 -5.97
C ALA E 153 51.19 28.65 -5.73
N ARG E 154 50.00 28.56 -6.32
CA ARG E 154 48.96 29.61 -6.14
C ARG E 154 48.53 29.63 -4.66
N LEU E 155 48.40 28.47 -4.01
CA LEU E 155 48.05 28.34 -2.58
C LEU E 155 49.15 28.94 -1.70
N ARG E 156 50.44 28.71 -2.06
CA ARG E 156 51.60 29.26 -1.31
C ARG E 156 51.55 30.80 -1.38
N GLU E 157 51.25 31.38 -2.54
CA GLU E 157 51.22 32.86 -2.73
C GLU E 157 50.13 33.48 -1.82
N VAL E 158 48.92 32.94 -1.81
CA VAL E 158 47.86 33.50 -0.92
C VAL E 158 48.25 33.22 0.55
N LEU E 159 48.90 32.08 0.82
CA LEU E 159 49.39 31.78 2.17
C LEU E 159 50.32 32.90 2.65
N GLU E 160 51.13 33.45 1.75
CA GLU E 160 52.24 34.36 2.12
C GLU E 160 51.80 35.82 2.18
N ALA E 161 50.60 36.17 1.70
CA ALA E 161 50.06 37.55 1.70
C ALA E 161 49.19 37.74 2.93
N PRO E 162 49.11 38.98 3.45
CA PRO E 162 48.15 39.29 4.52
C PRO E 162 46.75 38.84 4.08
N SER E 163 46.01 38.36 5.05
CA SER E 163 44.59 37.96 4.87
C SER E 163 43.75 39.23 4.63
N LEU E 164 42.49 39.04 4.25
CA LEU E 164 41.49 40.14 4.23
C LEU E 164 41.43 40.84 5.57
N TYR E 165 41.44 40.08 6.66
CA TYR E 165 41.35 40.59 8.05
C TYR E 165 42.58 41.44 8.34
N GLU E 166 43.76 40.89 8.03
CA GLU E 166 45.03 41.65 8.28
C GLU E 166 45.06 42.94 7.46
N GLU E 167 44.56 42.94 6.21
CA GLU E 167 44.50 44.17 5.41
C GLU E 167 43.52 45.17 6.07
N PHE E 168 42.42 44.70 6.62
CA PHE E 168 41.51 45.54 7.44
C PHE E 168 42.25 46.16 8.65
N LEU E 169 43.02 45.36 9.39
CA LEU E 169 43.78 45.87 10.55
C LEU E 169 44.80 46.91 10.05
N ARG E 170 45.50 46.70 8.92
CA ARG E 170 46.43 47.69 8.33
C ARG E 170 45.70 48.99 7.95
N TYR E 171 44.51 48.89 7.35
CA TYR E 171 43.64 50.05 7.06
C TYR E 171 43.42 50.81 8.38
N LEU E 172 43.02 50.12 9.44
CA LEU E 172 42.76 50.81 10.72
C LEU E 172 44.05 51.49 11.18
N ALA E 173 45.21 50.83 11.01
CA ALA E 173 46.47 51.44 11.47
C ALA E 173 46.73 52.74 10.72
N ARG E 174 46.42 52.78 9.42
CA ARG E 174 46.71 53.93 8.55
C ARG E 174 45.88 55.15 8.97
N PHE E 175 44.80 54.95 9.75
CA PHE E 175 43.91 56.02 10.25
C PHE E 175 43.96 56.13 11.77
N GLY E 176 45.03 55.68 12.40
CA GLY E 176 45.31 56.05 13.80
C GLY E 176 44.71 55.17 14.85
N HIS E 177 44.10 54.05 14.50
CA HIS E 177 43.64 53.07 15.48
C HIS E 177 44.86 52.44 16.17
N ALA E 178 44.69 51.97 17.39
CA ALA E 178 45.79 51.45 18.25
C ALA E 178 46.10 50.00 17.88
N ILE E 179 46.57 49.80 16.65
CA ILE E 179 46.92 48.50 16.05
C ILE E 179 48.37 48.21 16.45
N PRO E 180 48.61 47.07 17.14
CA PRO E 180 49.97 46.70 17.52
C PRO E 180 50.94 46.65 16.33
N GLN E 181 52.24 46.91 16.67
CA GLN E 181 53.35 46.96 15.69
C GLN E 181 53.46 45.70 14.84
N GLN E 182 53.17 44.52 15.38
CA GLN E 182 53.39 43.25 14.63
C GLN E 182 52.53 43.20 13.37
N TYR E 183 51.40 43.93 13.30
CA TYR E 183 50.58 43.95 12.05
C TYR E 183 51.24 44.75 10.92
N GLN E 184 52.31 45.50 11.17
CA GLN E 184 53.10 46.16 10.12
C GLN E 184 53.93 45.15 9.33
N ALA E 185 54.42 44.09 9.96
CA ALA E 185 55.32 43.12 9.31
C ALA E 185 55.46 41.89 10.19
N ARG E 186 54.99 40.77 9.68
CA ARG E 186 55.04 39.47 10.38
C ARG E 186 54.99 38.41 9.29
N ASP E 187 55.26 37.17 9.67
CA ASP E 187 55.15 36.03 8.74
C ASP E 187 53.67 35.76 8.51
N TRP E 188 53.18 36.13 7.37
CA TRP E 188 51.72 36.07 7.13
C TRP E 188 51.30 34.61 6.90
N THR E 189 52.25 33.65 6.80
CA THR E 189 51.87 32.23 6.51
C THR E 189 51.28 31.60 7.76
N ALA E 190 51.53 32.19 8.92
CA ALA E 190 50.98 31.75 10.20
C ALA E 190 49.56 32.27 10.34
N ALA E 191 48.61 31.42 10.70
CA ALA E 191 47.21 31.79 11.04
C ALA E 191 47.23 32.89 12.11
N HIS E 192 46.44 33.94 11.92
CA HIS E 192 46.23 34.98 12.94
C HIS E 192 45.79 34.32 14.25
N VAL E 193 46.30 34.76 15.39
CA VAL E 193 45.82 34.27 16.71
C VAL E 193 45.08 35.43 17.40
N ALA E 194 43.93 35.15 18.01
CA ALA E 194 43.13 36.15 18.74
C ALA E 194 44.06 37.00 19.63
N ASP E 195 43.83 38.31 19.62
CA ASP E 195 44.74 39.33 20.22
C ASP E 195 43.90 40.23 21.14
N ASP E 196 43.97 40.03 22.45
CA ASP E 196 43.08 40.81 23.35
CA ASP E 196 43.23 40.80 23.50
C ASP E 196 43.51 42.29 23.36
N THR E 197 44.69 42.65 22.80
CA THR E 197 45.10 44.07 22.72
C THR E 197 44.28 44.79 21.63
N LEU E 198 43.58 44.04 20.76
CA LEU E 198 42.65 44.67 19.78
C LEU E 198 41.30 44.96 20.39
N ARG E 199 40.97 44.39 21.57
CA ARG E 199 39.63 44.66 22.16
C ARG E 199 39.33 46.16 22.24
N PRO E 200 40.16 47.04 22.84
CA PRO E 200 39.85 48.46 22.94
C PRO E 200 39.65 49.16 21.59
N VAL E 201 40.37 48.69 20.57
CA VAL E 201 40.22 49.22 19.18
C VAL E 201 38.78 49.05 18.75
N PHE E 202 38.24 47.84 18.88
CA PHE E 202 36.85 47.61 18.41
C PHE E 202 35.83 48.19 19.38
N GLU E 203 36.12 48.26 20.68
CA GLU E 203 35.24 48.96 21.63
C GLU E 203 35.06 50.42 21.17
N ARG E 204 36.18 51.09 20.86
CA ARG E 204 36.16 52.52 20.49
C ARG E 204 35.25 52.67 19.27
N ILE E 205 35.43 51.82 18.26
CA ILE E 205 34.59 51.85 17.02
C ILE E 205 33.10 51.71 17.36
N TYR E 206 32.72 50.67 18.10
CA TYR E 206 31.31 50.33 18.35
C TYR E 206 30.69 51.30 19.35
N GLU E 207 31.49 52.02 20.14
CA GLU E 207 30.94 52.99 21.13
C GLU E 207 30.82 54.40 20.53
N ASN E 208 31.27 54.62 19.29
CA ASN E 208 31.06 55.92 18.62
C ASN E 208 30.90 55.68 17.12
N THR E 209 29.76 55.09 16.76
CA THR E 209 29.50 54.73 15.36
C THR E 209 29.38 55.95 14.46
N ASP E 210 28.89 57.10 14.95
CA ASP E 210 28.81 58.35 14.13
C ASP E 210 30.21 58.74 13.67
N ARG E 211 31.19 58.68 14.57
CA ARG E 211 32.57 59.06 14.30
C ARG E 211 33.24 58.03 13.42
N TYR E 212 33.06 56.74 13.74
CA TYR E 212 33.81 55.61 13.13
C TYR E 212 32.89 54.85 12.19
N TRP E 213 32.08 55.57 11.40
CA TRP E 213 31.05 54.95 10.54
C TRP E 213 31.66 54.04 9.49
N ARG E 214 32.78 54.41 8.87
CA ARG E 214 33.44 53.58 7.83
C ARG E 214 33.92 52.29 8.49
N GLU E 215 34.59 52.43 9.63
CA GLU E 215 35.14 51.26 10.34
C GLU E 215 33.99 50.33 10.80
N TYR E 216 32.94 50.90 11.40
CA TYR E 216 31.77 50.15 11.87
C TYR E 216 31.17 49.36 10.72
N SER E 217 30.99 50.02 9.58
N SER E 217 31.00 50.00 9.56
CA SER E 217 30.40 49.41 8.35
CA SER E 217 30.37 49.38 8.38
C SER E 217 31.24 48.20 7.91
C SER E 217 31.23 48.21 7.86
N LEU E 218 32.56 48.38 7.84
CA LEU E 218 33.49 47.29 7.45
C LEU E 218 33.48 46.17 8.49
N CYS E 219 33.42 46.47 9.83
CA CYS E 219 33.36 45.42 10.86
C CYS E 219 32.14 44.57 10.58
N GLU E 220 30.99 45.22 10.32
CA GLU E 220 29.73 44.46 10.15
C GLU E 220 29.78 43.66 8.84
N ASP E 221 30.37 44.20 7.79
CA ASP E 221 30.60 43.45 6.50
C ASP E 221 31.42 42.18 6.75
N LEU E 222 32.45 42.27 7.56
CA LEU E 222 33.29 41.09 7.86
C LEU E 222 32.50 40.09 8.70
N VAL E 223 31.74 40.55 9.71
CA VAL E 223 30.89 39.64 10.50
C VAL E 223 29.89 38.95 9.58
N ASP E 224 29.31 39.68 8.61
CA ASP E 224 28.38 39.09 7.61
C ASP E 224 29.08 38.01 6.80
N VAL E 225 30.28 38.29 6.29
CA VAL E 225 31.05 37.31 5.49
C VAL E 225 31.32 36.07 6.34
N GLU E 226 31.84 36.21 7.58
CA GLU E 226 32.16 35.04 8.43
C GLU E 226 30.88 34.27 8.77
N THR E 227 29.78 34.96 9.08
CA THR E 227 28.54 34.25 9.44
C THR E 227 28.07 33.40 8.26
N GLN E 228 28.08 33.95 7.03
N GLN E 228 28.08 33.96 7.03
CA GLN E 228 27.58 33.23 5.82
CA GLN E 228 27.60 33.25 5.82
C GLN E 228 28.51 32.04 5.54
C GLN E 228 28.51 32.03 5.58
N PHE E 229 29.82 32.23 5.75
CA PHE E 229 30.80 31.13 5.59
C PHE E 229 30.51 30.00 6.57
N GLN E 230 30.24 30.33 7.82
CA GLN E 230 29.90 29.32 8.84
C GLN E 230 28.59 28.64 8.45
N LEU E 231 27.59 29.35 7.92
CA LEU E 231 26.35 28.69 7.45
CA LEU E 231 26.34 28.70 7.43
C LEU E 231 26.67 27.71 6.32
N TRP E 232 27.58 28.08 5.41
CA TRP E 232 27.98 27.12 4.34
C TRP E 232 28.54 25.86 4.99
N ARG E 233 29.46 26.01 5.94
CA ARG E 233 30.07 24.85 6.63
C ARG E 233 28.96 24.03 7.30
N PHE E 234 28.03 24.67 8.01
CA PHE E 234 26.98 23.95 8.75
C PHE E 234 26.09 23.18 7.76
N ARG E 235 25.64 23.83 6.69
CA ARG E 235 24.74 23.16 5.70
C ARG E 235 25.52 22.01 5.04
N HIS E 236 26.80 22.18 4.78
CA HIS E 236 27.61 21.04 4.24
C HIS E 236 27.54 19.89 5.23
N MET E 237 27.85 20.17 6.51
N MET E 237 27.80 20.18 6.51
CA MET E 237 27.91 19.15 7.59
CA MET E 237 27.92 19.15 7.58
C MET E 237 26.56 18.41 7.67
C MET E 237 26.57 18.44 7.83
N ARG E 238 25.45 19.15 7.70
CA ARG E 238 24.11 18.51 7.84
C ARG E 238 23.82 17.67 6.61
N THR E 239 24.32 18.06 5.45
CA THR E 239 24.11 17.26 4.21
C THR E 239 24.91 15.95 4.33
N VAL E 240 26.14 16.05 4.81
CA VAL E 240 26.99 14.86 5.10
C VAL E 240 26.23 13.95 6.07
N MET E 241 25.69 14.51 7.16
CA MET E 241 25.00 13.69 8.18
C MET E 241 23.85 12.92 7.51
N ARG E 242 23.12 13.54 6.59
CA ARG E 242 21.89 12.90 6.05
C ARG E 242 22.29 11.96 4.90
N VAL E 243 23.51 12.06 4.35
CA VAL E 243 23.92 11.17 3.22
C VAL E 243 24.79 10.02 3.76
N ILE E 244 25.80 10.25 4.59
CA ILE E 244 26.73 9.17 5.06
C ILE E 244 26.71 9.05 6.58
N GLY E 245 25.93 9.86 7.27
CA GLY E 245 25.93 9.82 8.73
C GLY E 245 27.35 9.94 9.25
N PHE E 246 27.72 9.10 10.21
CA PHE E 246 29.04 9.12 10.92
C PHE E 246 30.01 8.13 10.28
N LYS E 247 29.85 7.80 9.00
CA LYS E 247 30.85 7.07 8.19
C LYS E 247 32.13 7.91 8.07
N ARG E 248 33.29 7.25 7.98
CA ARG E 248 34.57 7.91 7.64
C ARG E 248 34.43 8.46 6.23
N GLY E 249 35.14 9.55 5.93
CA GLY E 249 35.09 10.20 4.61
C GLY E 249 36.00 9.53 3.60
N THR E 250 35.66 9.68 2.32
CA THR E 250 36.47 9.25 1.15
C THR E 250 37.88 9.79 1.25
N GLY E 251 38.05 11.01 1.77
CA GLY E 251 39.37 11.67 1.83
C GLY E 251 40.19 11.20 3.03
N GLY E 252 39.64 10.34 3.87
CA GLY E 252 40.36 9.63 4.96
C GLY E 252 40.09 10.16 6.36
N SER E 253 39.24 11.20 6.52
CA SER E 253 38.93 11.82 7.84
C SER E 253 37.79 11.05 8.52
N SER E 254 37.54 11.40 9.79
CA SER E 254 36.42 10.84 10.61
C SER E 254 35.06 11.35 10.08
N GLY E 255 35.06 12.28 9.14
CA GLY E 255 33.83 12.87 8.56
C GLY E 255 33.25 13.98 9.43
N VAL E 256 32.03 13.80 9.94
CA VAL E 256 31.27 14.88 10.66
C VAL E 256 32.12 15.46 11.81
N GLY E 257 32.77 14.65 12.64
CA GLY E 257 33.60 15.14 13.74
C GLY E 257 34.67 16.11 13.24
N PHE E 258 35.32 15.77 12.12
CA PHE E 258 36.42 16.57 11.51
C PHE E 258 35.86 17.89 11.00
N LEU E 259 34.70 17.83 10.33
CA LEU E 259 33.99 19.02 9.79
C LEU E 259 33.54 19.92 10.95
N GLN E 260 33.00 19.35 12.04
CA GLN E 260 32.65 20.08 13.29
C GLN E 260 33.84 20.95 13.76
N GLN E 261 35.06 20.42 13.70
CA GLN E 261 36.24 21.16 14.17
C GLN E 261 36.34 22.49 13.40
N ALA E 262 36.09 22.49 12.07
CA ALA E 262 36.18 23.71 11.23
C ALA E 262 35.12 24.73 11.69
N LEU E 263 33.94 24.27 12.13
CA LEU E 263 32.85 25.15 12.66
C LEU E 263 33.30 25.86 13.96
N ALA E 264 34.29 25.29 14.67
CA ALA E 264 34.89 25.87 15.91
C ALA E 264 35.88 26.97 15.55
N LEU E 265 36.31 27.04 14.29
CA LEU E 265 37.33 28.04 13.89
C LEU E 265 36.63 29.37 13.69
N THR E 266 37.35 30.49 13.82
N THR E 266 37.42 30.44 13.78
CA THR E 266 36.82 31.86 13.58
CA THR E 266 36.99 31.83 13.52
C THR E 266 37.87 32.64 12.79
C THR E 266 37.98 32.46 12.54
N PHE E 267 37.48 33.34 11.69
CA PHE E 267 38.36 34.19 10.86
C PHE E 267 38.68 35.51 11.58
N PHE E 268 37.68 36.11 12.22
CA PHE E 268 37.75 37.50 12.72
C PHE E 268 37.44 37.52 14.20
N PRO E 269 38.24 36.83 15.03
CA PRO E 269 37.82 36.58 16.40
C PRO E 269 37.53 37.83 17.24
N GLU E 270 38.34 38.88 17.10
CA GLU E 270 38.16 40.03 17.99
C GLU E 270 36.84 40.75 17.67
N LEU E 271 36.36 40.60 16.44
CA LEU E 271 35.04 41.16 16.05
C LEU E 271 33.92 40.47 16.82
N PHE E 272 33.99 39.14 17.02
CA PHE E 272 33.00 38.46 17.89
C PHE E 272 33.25 38.77 19.38
N ASP E 273 34.52 38.76 19.78
CA ASP E 273 34.90 38.91 21.20
C ASP E 273 34.41 40.26 21.71
N VAL E 274 34.45 41.31 20.89
CA VAL E 274 34.14 42.64 21.44
C VAL E 274 32.67 42.71 21.87
N ARG E 275 31.84 41.79 21.37
CA ARG E 275 30.40 41.80 21.73
C ARG E 275 30.25 41.70 23.24
N THR E 276 31.15 40.98 23.93
N THR E 276 31.17 40.99 23.89
CA THR E 276 31.04 40.76 25.40
CA THR E 276 31.13 40.70 25.35
C THR E 276 31.27 42.07 26.16
C THR E 276 31.36 41.99 26.15
N SER E 277 31.98 43.04 25.59
CA SER E 277 32.36 44.27 26.35
C SER E 277 31.78 45.59 25.79
N VAL E 278 31.02 45.55 24.70
N VAL E 278 31.00 45.54 24.70
CA VAL E 278 30.37 46.77 24.12
CA VAL E 278 30.37 46.77 24.12
C VAL E 278 29.34 47.30 25.13
C VAL E 278 29.34 47.30 25.12
N GLY E 279 29.43 48.59 25.50
CA GLY E 279 28.50 49.25 26.45
C GLY E 279 28.59 48.71 27.88
N LYS F 1 -0.04 58.31 -16.44
CA LYS F 1 0.22 59.26 -15.30
C LYS F 1 0.69 58.48 -14.07
N ASN F 2 1.15 57.23 -14.25
CA ASN F 2 1.82 56.41 -13.20
C ASN F 2 0.81 56.23 -12.06
N LEU F 3 -0.44 55.94 -12.42
CA LEU F 3 -1.56 55.82 -11.45
C LEU F 3 -2.54 54.82 -12.04
N ARG F 4 -2.99 53.86 -11.25
CA ARG F 4 -3.96 52.84 -11.69
C ARG F 4 -5.36 53.28 -11.23
N ASP F 5 -6.29 53.50 -12.16
CA ASP F 5 -7.69 53.89 -11.83
C ASP F 5 -8.33 52.69 -11.16
N LEU F 6 -9.13 52.92 -10.12
CA LEU F 6 -10.02 51.89 -9.53
C LEU F 6 -11.00 51.43 -10.62
N GLU F 7 -11.24 50.13 -10.74
CA GLU F 7 -12.37 49.56 -11.53
C GLU F 7 -13.70 49.90 -10.85
N PRO F 8 -14.78 50.17 -11.63
CA PRO F 8 -16.06 50.59 -11.05
C PRO F 8 -16.58 49.58 -10.01
N GLY F 9 -16.38 48.30 -10.26
CA GLY F 9 -16.94 47.24 -9.41
C GLY F 9 -16.22 47.09 -8.07
N ILE F 10 -15.13 47.83 -7.79
CA ILE F 10 -14.36 47.61 -6.53
C ILE F 10 -15.14 48.21 -5.35
N HIS F 11 -15.27 47.46 -4.26
CA HIS F 11 -16.00 47.88 -3.03
C HIS F 11 -15.15 48.94 -2.32
N THR F 12 -15.69 50.16 -2.19
CA THR F 12 -15.01 51.29 -1.52
C THR F 12 -15.77 51.69 -0.26
N ASP F 13 -17.09 51.45 -0.21
CA ASP F 13 -17.95 51.76 0.96
C ASP F 13 -18.03 50.54 1.87
N LEU F 14 -17.10 50.44 2.83
CA LEU F 14 -16.87 49.22 3.66
C LEU F 14 -17.47 49.36 5.07
N GLU F 15 -18.11 50.50 5.42
CA GLU F 15 -18.61 50.77 6.79
C GLU F 15 -19.34 49.54 7.39
N GLY F 16 -20.38 48.98 6.81
CA GLY F 16 -21.05 47.88 7.56
C GLY F 16 -20.56 46.50 7.18
N ARG F 17 -19.37 46.40 6.59
CA ARG F 17 -18.99 45.10 5.98
C ARG F 17 -17.75 44.46 6.62
N LEU F 18 -17.56 43.16 6.31
CA LEU F 18 -16.30 42.47 6.74
C LEU F 18 -15.13 43.05 5.95
N THR F 19 -14.18 43.67 6.64
CA THR F 19 -12.97 44.22 5.95
C THR F 19 -11.80 43.28 6.19
N TYR F 20 -10.77 43.42 5.38
CA TYR F 20 -9.43 42.80 5.62
C TYR F 20 -8.97 42.94 7.06
N GLY F 21 -8.89 44.17 7.56
CA GLY F 21 -8.45 44.40 8.95
C GLY F 21 -9.39 43.78 9.98
N GLY F 22 -10.70 43.82 9.73
CA GLY F 22 -11.69 43.20 10.61
C GLY F 22 -11.49 41.70 10.70
N TYR F 23 -11.43 40.99 9.57
CA TYR F 23 -11.27 39.51 9.50
C TYR F 23 -9.97 39.10 10.22
N LEU F 24 -8.89 39.87 10.00
CA LEU F 24 -7.54 39.52 10.51
C LEU F 24 -7.32 40.14 11.90
N ARG F 25 -8.32 40.83 12.47
CA ARG F 25 -8.24 41.40 13.84
C ARG F 25 -6.97 42.27 13.93
N LEU F 26 -6.74 43.15 12.96
CA LEU F 26 -5.50 43.94 12.91
C LEU F 26 -5.54 45.01 14.01
N ASP F 27 -6.72 45.48 14.46
CA ASP F 27 -6.74 46.40 15.63
C ASP F 27 -6.01 45.71 16.80
N GLN F 28 -6.32 44.45 17.05
CA GLN F 28 -5.68 43.69 18.14
C GLN F 28 -4.22 43.34 17.76
N LEU F 29 -4.00 42.78 16.58
CA LEU F 29 -2.62 42.32 16.18
C LEU F 29 -1.62 43.48 16.20
N LEU F 30 -2.01 44.65 15.71
CA LEU F 30 -1.08 45.79 15.46
C LEU F 30 -1.12 46.78 16.62
N SER F 31 -1.73 46.42 17.75
CA SER F 31 -1.56 47.14 19.04
C SER F 31 -0.78 46.27 20.04
N ALA F 32 -0.19 45.14 19.62
CA ALA F 32 0.57 44.22 20.50
C ALA F 32 2.08 44.55 20.53
N GLN F 33 2.53 45.61 19.86
CA GLN F 33 3.94 46.06 19.85
C GLN F 33 4.05 47.20 20.85
N GLN F 34 4.60 46.91 22.03
CA GLN F 34 4.69 47.87 23.16
C GLN F 34 6.15 47.93 23.58
N PRO F 35 7.00 48.66 22.82
CA PRO F 35 8.40 48.84 23.22
C PRO F 35 8.48 49.51 24.60
N LEU F 36 9.48 49.16 25.38
CA LEU F 36 9.62 49.67 26.77
C LEU F 36 10.67 50.77 26.89
N SER F 37 11.47 51.00 25.84
N SER F 37 11.54 50.95 25.89
CA SER F 37 12.56 52.01 25.89
CA SER F 37 12.66 51.93 26.00
C SER F 37 11.99 53.40 26.18
C SER F 37 12.08 53.35 26.14
N GLU F 38 12.67 54.15 27.04
CA GLU F 38 12.31 55.56 27.32
C GLU F 38 13.60 56.34 27.29
N PRO F 39 13.80 57.26 26.30
CA PRO F 39 12.89 57.43 25.18
C PRO F 39 12.94 56.24 24.19
N ALA F 40 12.01 56.21 23.24
CA ALA F 40 11.86 55.18 22.19
C ALA F 40 13.22 54.89 21.53
N HIS F 41 13.57 53.62 21.44
CA HIS F 41 14.80 53.21 20.71
C HIS F 41 14.33 52.69 19.34
N HIS F 42 14.90 53.21 18.26
CA HIS F 42 14.45 52.87 16.88
C HIS F 42 14.45 51.34 16.70
N ASP F 43 15.46 50.63 17.20
CA ASP F 43 15.69 49.19 16.84
C ASP F 43 14.81 48.27 17.68
N GLU F 44 14.10 48.79 18.68
CA GLU F 44 13.26 47.88 19.51
C GLU F 44 12.05 47.36 18.72
N MET F 45 11.59 48.10 17.70
CA MET F 45 10.44 47.66 16.89
C MET F 45 10.84 46.39 16.10
N LEU F 46 11.99 46.41 15.42
CA LEU F 46 12.52 45.20 14.74
C LEU F 46 12.51 44.04 15.76
N PHE F 47 13.00 44.32 16.95
CA PHE F 47 13.23 43.28 17.96
C PHE F 47 11.91 42.58 18.28
N ILE F 48 10.87 43.37 18.54
CA ILE F 48 9.53 42.82 18.88
C ILE F 48 8.98 42.07 17.67
N ILE F 49 9.01 42.69 16.47
CA ILE F 49 8.38 42.11 15.25
C ILE F 49 9.09 40.80 14.87
N GLN F 50 10.41 40.73 15.04
CA GLN F 50 11.17 39.52 14.67
C GLN F 50 10.63 38.31 15.46
N SER F 51 10.41 38.50 16.77
CA SER F 51 9.92 37.44 17.69
C SER F 51 8.41 37.18 17.45
N GLN F 52 7.61 38.23 17.21
CA GLN F 52 6.15 38.08 17.01
C GLN F 52 5.87 37.35 15.70
N THR F 53 6.55 37.70 14.61
CA THR F 53 6.40 36.95 13.36
C THR F 53 6.76 35.47 13.62
N SER F 54 7.86 35.20 14.30
CA SER F 54 8.31 33.83 14.63
C SER F 54 7.19 33.12 15.40
N GLU F 55 6.57 33.78 16.40
CA GLU F 55 5.47 33.17 17.20
C GLU F 55 4.27 32.87 16.31
N LEU F 56 3.91 33.75 15.38
CA LEU F 56 2.79 33.44 14.47
C LEU F 56 3.14 32.20 13.63
N TRP F 57 4.34 32.12 13.08
CA TRP F 57 4.73 30.91 12.31
C TRP F 57 4.72 29.66 13.21
N LEU F 58 5.20 29.78 14.46
CA LEU F 58 5.20 28.62 15.39
C LEU F 58 3.78 28.18 15.68
N LYS F 59 2.82 29.09 15.78
CA LYS F 59 1.40 28.75 15.99
C LYS F 59 0.92 27.93 14.80
N LEU F 60 1.19 28.37 13.57
CA LEU F 60 0.78 27.60 12.38
C LEU F 60 1.50 26.25 12.37
N LEU F 61 2.79 26.24 12.73
CA LEU F 61 3.59 24.98 12.66
C LEU F 61 2.95 23.95 13.58
N ALA F 62 2.58 24.34 14.80
CA ALA F 62 1.91 23.44 15.78
C ALA F 62 0.59 22.92 15.19
N HIS F 63 -0.22 23.81 14.62
CA HIS F 63 -1.52 23.47 13.97
C HIS F 63 -1.30 22.42 12.88
N GLU F 64 -0.27 22.59 12.05
CA GLU F 64 0.00 21.66 10.93
C GLU F 64 0.50 20.34 11.52
N LEU F 65 1.46 20.37 12.45
CA LEU F 65 2.09 19.12 12.97
C LEU F 65 1.03 18.27 13.69
N ARG F 66 0.09 18.89 14.39
CA ARG F 66 -1.02 18.12 15.03
C ARG F 66 -1.79 17.40 13.93
N ALA F 67 -2.11 18.08 12.83
CA ALA F 67 -2.84 17.50 11.68
C ALA F 67 -2.02 16.35 11.07
N ALA F 68 -0.70 16.52 10.94
CA ALA F 68 0.20 15.46 10.42
C ALA F 68 0.09 14.21 11.28
N ILE F 69 0.02 14.37 12.60
CA ILE F 69 -0.09 13.25 13.57
C ILE F 69 -1.44 12.53 13.40
N VAL F 70 -2.54 13.26 13.30
CA VAL F 70 -3.90 12.70 13.04
C VAL F 70 -3.87 11.90 11.72
N HIS F 71 -3.25 12.43 10.67
CA HIS F 71 -3.12 11.68 9.40
C HIS F 71 -2.34 10.39 9.61
N LEU F 72 -1.20 10.44 10.32
CA LEU F 72 -0.35 9.25 10.63
C LEU F 72 -1.17 8.22 11.41
N GLN F 73 -1.90 8.64 12.46
CA GLN F 73 -2.75 7.73 13.27
C GLN F 73 -3.78 7.01 12.38
N ARG F 74 -4.27 7.64 11.32
CA ARG F 74 -5.28 7.04 10.40
C ARG F 74 -4.64 6.40 9.17
N ASP F 75 -3.32 6.28 9.11
CA ASP F 75 -2.56 5.68 7.97
C ASP F 75 -2.76 6.51 6.69
N GLU F 76 -3.07 7.80 6.80
CA GLU F 76 -3.35 8.65 5.64
C GLU F 76 -2.03 9.28 5.18
N VAL F 77 -1.22 8.53 4.45
CA VAL F 77 0.20 8.87 4.22
C VAL F 77 0.31 10.07 3.28
N TRP F 78 -0.46 10.12 2.18
CA TRP F 78 -0.32 11.23 1.21
C TRP F 78 -0.76 12.56 1.86
N GLN F 79 -1.83 12.54 2.65
CA GLN F 79 -2.31 13.70 3.42
C GLN F 79 -1.23 14.11 4.44
N CYS F 80 -0.63 13.14 5.14
CA CYS F 80 0.49 13.39 6.09
C CYS F 80 1.61 14.14 5.35
N ARG F 81 2.02 13.64 4.19
CA ARG F 81 3.14 14.23 3.38
C ARG F 81 2.77 15.65 2.93
N LYS F 82 1.54 15.88 2.52
CA LYS F 82 1.12 17.24 2.12
C LYS F 82 1.23 18.19 3.32
N VAL F 83 0.85 17.76 4.52
CA VAL F 83 0.95 18.63 5.72
C VAL F 83 2.41 18.84 6.10
N LEU F 84 3.20 17.79 6.01
CA LEU F 84 4.66 17.93 6.28
C LEU F 84 5.33 18.84 5.26
N ALA F 85 4.92 18.84 3.99
CA ALA F 85 5.49 19.74 2.96
C ALA F 85 5.28 21.19 3.42
N ARG F 86 4.08 21.51 3.89
CA ARG F 86 3.72 22.85 4.39
C ARG F 86 4.55 23.15 5.65
N SER F 87 4.73 22.17 6.54
CA SER F 87 5.49 22.33 7.80
C SER F 87 6.95 22.70 7.44
N LYS F 88 7.51 22.09 6.40
CA LYS F 88 8.88 22.40 5.92
C LYS F 88 8.92 23.85 5.44
N GLN F 89 7.91 24.34 4.73
CA GLN F 89 7.96 25.72 4.20
C GLN F 89 7.89 26.71 5.38
N VAL F 90 7.15 26.39 6.45
CA VAL F 90 7.00 27.27 7.63
C VAL F 90 8.34 27.31 8.34
N LEU F 91 8.98 26.14 8.52
CA LEU F 91 10.32 26.05 9.14
C LEU F 91 11.33 26.82 8.27
N ARG F 92 11.21 26.79 6.94
CA ARG F 92 12.07 27.59 6.04
C ARG F 92 11.89 29.09 6.32
N GLN F 93 10.67 29.60 6.48
CA GLN F 93 10.46 31.03 6.75
C GLN F 93 11.11 31.36 8.09
N LEU F 94 10.89 30.55 9.12
CA LEU F 94 11.45 30.74 10.47
C LEU F 94 12.98 30.85 10.41
N THR F 95 13.61 30.10 9.50
N THR F 95 13.64 30.09 9.52
CA THR F 95 15.07 30.04 9.32
CA THR F 95 15.12 30.06 9.35
C THR F 95 15.52 31.27 8.52
C THR F 95 15.54 31.27 8.51
N GLU F 96 14.82 31.58 7.43
CA GLU F 96 15.24 32.63 6.46
C GLU F 96 15.24 33.98 7.21
N GLN F 97 14.26 34.19 8.11
CA GLN F 97 13.99 35.54 8.63
C GLN F 97 15.16 35.97 9.54
N TRP F 98 16.05 35.07 9.96
CA TRP F 98 17.25 35.52 10.73
C TRP F 98 17.99 36.63 9.97
N SER F 99 17.94 36.65 8.63
CA SER F 99 18.67 37.67 7.84
C SER F 99 18.22 39.09 8.19
N VAL F 100 16.98 39.27 8.66
CA VAL F 100 16.54 40.62 9.09
C VAL F 100 17.24 41.01 10.41
N LEU F 101 17.23 40.13 11.39
CA LEU F 101 17.73 40.47 12.73
C LEU F 101 19.25 40.59 12.69
N GLU F 102 19.92 40.04 11.69
CA GLU F 102 21.38 40.14 11.57
C GLU F 102 21.80 41.57 11.20
N THR F 103 20.86 42.44 10.80
CA THR F 103 21.15 43.90 10.61
C THR F 103 21.11 44.66 11.94
N LEU F 104 20.87 43.98 13.05
CA LEU F 104 20.92 44.53 14.42
C LEU F 104 22.35 44.42 14.92
N THR F 105 22.98 45.53 15.32
CA THR F 105 24.38 45.46 15.75
C THR F 105 24.42 45.57 17.26
N PRO F 106 25.55 45.20 17.86
CA PRO F 106 25.65 45.27 19.31
C PRO F 106 25.50 46.69 19.84
N SER F 107 25.99 47.67 19.08
CA SER F 107 25.84 49.14 19.34
C SER F 107 24.35 49.47 19.48
N GLU F 108 23.52 48.98 18.55
CA GLU F 108 22.06 49.17 18.62
C GLU F 108 21.45 48.44 19.83
N TYR F 109 21.75 47.15 20.00
CA TYR F 109 21.06 46.30 21.03
C TYR F 109 21.36 46.81 22.45
N MET F 110 22.58 47.28 22.69
CA MET F 110 22.95 47.70 24.06
C MET F 110 22.18 48.96 24.45
N GLY F 111 21.55 49.65 23.49
CA GLY F 111 20.62 50.76 23.75
C GLY F 111 19.34 50.34 24.45
N PHE F 112 18.90 49.09 24.35
CA PHE F 112 17.61 48.71 24.96
C PHE F 112 17.61 47.32 25.60
N ARG F 113 18.66 46.53 25.51
CA ARG F 113 18.62 45.15 26.10
C ARG F 113 18.20 45.18 27.59
N ASP F 114 18.60 46.24 28.31
N ASP F 114 18.60 46.23 28.32
CA ASP F 114 18.31 46.43 29.75
CA ASP F 114 18.27 46.36 29.77
C ASP F 114 16.80 46.41 30.04
C ASP F 114 16.76 46.26 30.00
N VAL F 115 15.94 46.78 29.08
CA VAL F 115 14.48 46.86 29.35
C VAL F 115 13.88 45.45 29.41
N LEU F 116 14.56 44.44 28.87
CA LEU F 116 13.96 43.08 28.74
C LEU F 116 13.91 42.36 30.10
N GLY F 117 14.66 42.83 31.11
CA GLY F 117 14.82 42.08 32.38
C GLY F 117 15.21 40.63 32.11
N PRO F 118 14.53 39.62 32.70
CA PRO F 118 14.89 38.22 32.48
C PRO F 118 14.15 37.57 31.31
N SER F 119 13.41 38.36 30.52
CA SER F 119 12.57 37.82 29.42
C SER F 119 13.50 37.19 28.36
N SER F 120 13.09 36.04 27.82
CA SER F 120 13.95 35.22 26.95
C SER F 120 13.09 34.25 26.14
N GLY F 121 13.49 33.95 24.89
CA GLY F 121 12.87 32.93 24.03
C GLY F 121 12.91 31.58 24.68
N PHE F 122 13.79 31.38 25.65
CA PHE F 122 13.79 30.18 26.51
C PHE F 122 12.39 29.97 27.08
N GLN F 123 11.62 31.04 27.30
CA GLN F 123 10.27 31.02 27.90
C GLN F 123 9.20 31.04 26.79
N SER F 124 9.54 30.71 25.54
CA SER F 124 8.54 30.53 24.45
C SER F 124 7.80 29.22 24.70
N LEU F 125 6.54 29.32 25.14
CA LEU F 125 5.65 28.15 25.32
C LEU F 125 5.45 27.45 23.97
N GLN F 126 5.22 28.19 22.89
CA GLN F 126 4.93 27.56 21.57
C GLN F 126 6.18 26.88 21.06
N TYR F 127 7.35 27.47 21.28
CA TYR F 127 8.58 26.79 20.83
C TYR F 127 8.72 25.45 21.57
N ARG F 128 8.57 25.47 22.88
CA ARG F 128 8.80 24.25 23.69
C ARG F 128 7.71 23.23 23.31
N TYR F 129 6.48 23.68 23.06
CA TYR F 129 5.40 22.77 22.58
C TYR F 129 5.88 22.03 21.33
N ILE F 130 6.45 22.75 20.36
CA ILE F 130 6.90 22.12 19.10
C ILE F 130 8.03 21.15 19.42
N GLU F 131 8.97 21.55 20.25
CA GLU F 131 10.13 20.68 20.57
C GLU F 131 9.64 19.37 21.18
N PHE F 132 8.68 19.47 22.09
CA PHE F 132 8.08 18.27 22.74
C PHE F 132 7.36 17.44 21.70
N LEU F 133 6.51 18.05 20.88
CA LEU F 133 5.72 17.34 19.83
C LEU F 133 6.68 16.58 18.90
N LEU F 134 7.82 17.16 18.53
CA LEU F 134 8.81 16.50 17.62
C LEU F 134 9.58 15.39 18.37
N GLY F 135 9.68 15.47 19.70
CA GLY F 135 10.23 14.37 20.51
C GLY F 135 11.23 14.77 21.59
N ASN F 136 11.75 16.02 21.61
CA ASN F 136 12.78 16.41 22.60
C ASN F 136 12.09 16.77 23.92
N LYS F 137 11.66 15.75 24.68
CA LYS F 137 10.84 15.95 25.90
C LYS F 137 11.77 16.24 27.07
N ASN F 138 11.39 17.24 27.86
CA ASN F 138 12.18 17.70 29.02
C ASN F 138 11.20 18.19 30.07
N PRO F 139 10.84 17.31 31.02
CA PRO F 139 9.88 17.66 32.07
C PRO F 139 10.39 18.81 32.97
N GLN F 140 11.71 18.99 33.05
CA GLN F 140 12.37 20.14 33.74
C GLN F 140 11.81 21.47 33.22
N MET F 141 11.27 21.54 32.01
CA MET F 141 10.75 22.81 31.42
C MET F 141 9.42 23.20 32.08
N LEU F 142 8.61 22.27 32.59
CA LEU F 142 7.25 22.65 33.04
C LEU F 142 7.34 23.75 34.13
N GLN F 143 8.34 23.70 34.99
CA GLN F 143 8.48 24.67 36.12
C GLN F 143 8.69 26.10 35.57
N VAL F 144 9.36 26.23 34.42
CA VAL F 144 9.52 27.56 33.75
C VAL F 144 8.14 28.21 33.59
N PHE F 145 7.09 27.42 33.42
CA PHE F 145 5.73 27.89 33.05
C PHE F 145 4.81 27.83 34.28
N ALA F 146 5.37 27.71 35.48
CA ALA F 146 4.58 27.79 36.75
C ALA F 146 3.74 29.08 36.75
N TYR F 147 4.29 30.22 36.28
CA TYR F 147 3.59 31.54 36.29
C TYR F 147 2.31 31.46 35.44
N ASP F 148 2.21 30.46 34.55
CA ASP F 148 1.09 30.31 33.57
C ASP F 148 0.56 28.88 33.67
N PRO F 149 -0.33 28.60 34.66
CA PRO F 149 -0.94 27.28 34.83
C PRO F 149 -1.60 26.70 33.58
N ALA F 150 -2.43 27.48 32.86
CA ALA F 150 -3.14 26.99 31.66
C ALA F 150 -2.09 26.60 30.59
N GLY F 151 -1.03 27.41 30.44
CA GLY F 151 0.06 27.10 29.48
C GLY F 151 0.86 25.88 29.90
N GLN F 152 1.20 25.79 31.19
CA GLN F 152 1.93 24.64 31.76
C GLN F 152 1.10 23.37 31.54
N ALA F 153 -0.22 23.43 31.73
CA ALA F 153 -1.13 22.28 31.46
C ALA F 153 -0.97 21.83 30.00
N ARG F 154 -0.99 22.78 29.05
CA ARG F 154 -0.89 22.51 27.59
C ARG F 154 0.43 21.78 27.31
N LEU F 155 1.51 22.22 27.95
CA LEU F 155 2.85 21.63 27.73
C LEU F 155 2.87 20.23 28.34
N ARG F 156 2.27 20.03 29.53
CA ARG F 156 2.15 18.69 30.18
C ARG F 156 1.38 17.74 29.25
N GLU F 157 0.32 18.20 28.58
CA GLU F 157 -0.53 17.36 27.71
C GLU F 157 0.32 16.82 26.55
N VAL F 158 1.12 17.66 25.88
CA VAL F 158 1.94 17.17 24.73
C VAL F 158 3.13 16.33 25.27
N LEU F 159 3.62 16.63 26.47
CA LEU F 159 4.69 15.82 27.11
C LEU F 159 4.20 14.37 27.32
N GLU F 160 2.91 14.19 27.66
CA GLU F 160 2.32 12.86 28.04
C GLU F 160 1.83 12.11 26.80
N ALA F 161 1.76 12.78 25.63
CA ALA F 161 1.31 12.19 24.36
C ALA F 161 2.50 11.62 23.58
N PRO F 162 2.27 10.58 22.73
CA PRO F 162 3.34 10.10 21.86
C PRO F 162 3.81 11.25 20.95
N SER F 163 5.08 11.25 20.62
CA SER F 163 5.71 12.29 19.75
C SER F 163 5.33 12.00 18.29
N LEU F 164 5.54 12.94 17.39
CA LEU F 164 5.41 12.67 15.93
C LEU F 164 6.26 11.45 15.57
N TYR F 165 7.43 11.30 16.18
CA TYR F 165 8.34 10.18 15.83
C TYR F 165 7.72 8.87 16.33
N GLU F 166 7.22 8.88 17.56
CA GLU F 166 6.56 7.67 18.13
C GLU F 166 5.33 7.32 17.32
N GLU F 167 4.55 8.29 16.84
CA GLU F 167 3.40 8.00 15.96
C GLU F 167 3.85 7.38 14.65
N PHE F 168 4.96 7.83 14.08
CA PHE F 168 5.56 7.21 12.89
C PHE F 168 5.91 5.73 13.15
N LEU F 169 6.54 5.44 14.27
CA LEU F 169 6.94 4.06 14.61
C LEU F 169 5.67 3.23 14.78
N ARG F 170 4.62 3.79 15.38
CA ARG F 170 3.36 3.02 15.58
C ARG F 170 2.71 2.76 14.22
N TYR F 171 2.80 3.70 13.29
CA TYR F 171 2.38 3.48 11.89
C TYR F 171 3.19 2.32 11.29
N LEU F 172 4.51 2.30 11.41
CA LEU F 172 5.34 1.22 10.81
C LEU F 172 4.87 -0.12 11.43
N ALA F 173 4.61 -0.15 12.73
CA ALA F 173 4.20 -1.40 13.43
C ALA F 173 2.86 -1.90 12.87
N ARG F 174 1.93 -1.01 12.51
CA ARG F 174 0.59 -1.42 11.98
C ARG F 174 0.74 -2.11 10.62
N PHE F 175 1.83 -1.87 9.88
CA PHE F 175 2.09 -2.45 8.54
C PHE F 175 3.15 -3.55 8.59
N GLY F 176 3.51 -4.01 9.78
CA GLY F 176 4.27 -5.24 9.98
C GLY F 176 5.77 -5.05 10.07
N HIS F 177 6.30 -3.82 10.07
CA HIS F 177 7.73 -3.62 10.41
C HIS F 177 7.99 -4.14 11.84
N ALA F 178 9.23 -4.55 12.11
CA ALA F 178 9.64 -5.19 13.38
C ALA F 178 9.94 -4.11 14.44
N ILE F 179 8.92 -3.38 14.88
CA ILE F 179 9.04 -2.32 15.91
C ILE F 179 8.88 -3.01 17.26
N PRO F 180 9.84 -2.89 18.21
CA PRO F 180 9.65 -3.42 19.56
C PRO F 180 8.31 -3.06 20.21
N GLN F 181 7.79 -3.98 21.02
CA GLN F 181 6.43 -3.90 21.64
C GLN F 181 6.33 -2.64 22.50
N GLN F 182 7.44 -2.13 23.05
CA GLN F 182 7.43 -0.99 24.01
C GLN F 182 6.81 0.27 23.35
N TYR F 183 6.87 0.40 22.02
CA TYR F 183 6.37 1.60 21.28
C TYR F 183 4.84 1.58 21.23
N GLN F 184 4.20 0.46 21.60
CA GLN F 184 2.72 0.35 21.75
C GLN F 184 2.27 1.07 23.03
N ALA F 185 3.07 1.01 24.09
CA ALA F 185 2.72 1.59 25.42
C ALA F 185 3.99 1.72 26.26
N ARG F 186 4.33 2.95 26.68
CA ARG F 186 5.49 3.25 27.55
C ARG F 186 5.27 4.64 28.16
N ASP F 187 6.23 5.11 28.98
CA ASP F 187 6.18 6.44 29.65
C ASP F 187 6.63 7.50 28.63
N TRP F 188 5.67 8.18 27.98
CA TRP F 188 5.93 9.12 26.86
C TRP F 188 6.61 10.41 27.36
N THR F 189 6.57 10.71 28.67
CA THR F 189 7.22 11.92 29.28
C THR F 189 8.75 11.79 29.20
N ALA F 190 9.29 10.56 29.14
CA ALA F 190 10.73 10.31 28.90
C ALA F 190 11.04 10.53 27.42
N ALA F 191 12.10 11.28 27.12
CA ALA F 191 12.59 11.54 25.74
C ALA F 191 13.15 10.25 25.14
N HIS F 192 12.79 9.95 23.89
CA HIS F 192 13.29 8.79 23.11
C HIS F 192 14.84 8.78 23.09
N VAL F 193 15.44 7.61 23.35
CA VAL F 193 16.90 7.41 23.25
C VAL F 193 17.14 6.44 22.10
N ALA F 194 18.11 6.71 21.33
CA ALA F 194 18.50 5.94 20.11
C ALA F 194 18.45 4.41 20.38
N ASP F 195 17.73 3.65 19.54
CA ASP F 195 17.37 2.22 19.79
C ASP F 195 17.95 1.37 18.65
N ASP F 196 19.01 0.60 18.94
CA ASP F 196 19.72 -0.21 17.92
C ASP F 196 18.80 -1.28 17.30
N THR F 197 17.74 -1.71 17.98
CA THR F 197 16.82 -2.74 17.43
C THR F 197 16.01 -2.16 16.27
N LEU F 198 15.99 -0.83 16.07
CA LEU F 198 15.29 -0.18 14.91
C LEU F 198 16.21 -0.08 13.69
N ARG F 199 17.54 -0.26 13.82
CA ARG F 199 18.47 -0.12 12.67
C ARG F 199 18.05 -1.07 11.54
N PRO F 200 17.81 -2.39 11.81
CA PRO F 200 17.41 -3.29 10.73
C PRO F 200 16.07 -2.85 10.11
N VAL F 201 15.18 -2.23 10.90
CA VAL F 201 13.87 -1.74 10.36
C VAL F 201 14.16 -0.72 9.26
N PHE F 202 15.03 0.26 9.54
CA PHE F 202 15.27 1.36 8.57
C PHE F 202 16.22 0.90 7.46
N GLU F 203 17.14 -0.03 7.73
CA GLU F 203 17.98 -0.64 6.66
C GLU F 203 17.07 -1.25 5.61
N ARG F 204 16.06 -2.02 6.03
CA ARG F 204 15.16 -2.75 5.08
C ARG F 204 14.42 -1.74 4.21
N ILE F 205 13.89 -0.67 4.81
CA ILE F 205 13.17 0.40 4.07
C ILE F 205 14.10 1.01 3.02
N TYR F 206 15.31 1.43 3.41
CA TYR F 206 16.23 2.14 2.50
C TYR F 206 16.84 1.20 1.47
N GLU F 207 16.85 -0.11 1.74
CA GLU F 207 17.42 -1.13 0.81
C GLU F 207 16.35 -1.70 -0.15
N ASN F 208 15.08 -1.27 -0.02
N ASN F 208 15.05 -1.47 0.07
CA ASN F 208 13.92 -1.79 -0.77
CA ASN F 208 14.03 -1.77 -0.97
C ASN F 208 12.91 -0.67 -1.09
C ASN F 208 13.01 -0.64 -0.99
N THR F 209 13.36 0.44 -1.68
CA THR F 209 12.56 1.68 -1.77
C THR F 209 11.35 1.46 -2.66
N ASP F 210 11.41 0.59 -3.67
CA ASP F 210 10.22 0.24 -4.49
C ASP F 210 9.12 -0.35 -3.59
N ARG F 211 9.48 -1.31 -2.78
CA ARG F 211 8.52 -2.01 -1.87
C ARG F 211 8.04 -1.04 -0.78
N TYR F 212 8.96 -0.34 -0.11
CA TYR F 212 8.66 0.54 1.04
C TYR F 212 8.67 2.01 0.62
N TRP F 213 8.08 2.37 -0.52
CA TRP F 213 8.11 3.75 -1.05
C TRP F 213 7.39 4.71 -0.10
N ARG F 214 6.28 4.32 0.53
CA ARG F 214 5.53 5.20 1.46
C ARG F 214 6.42 5.47 2.69
N GLU F 215 7.00 4.42 3.28
CA GLU F 215 7.84 4.51 4.50
C GLU F 215 9.10 5.36 4.20
N TYR F 216 9.76 5.07 3.08
CA TYR F 216 10.96 5.80 2.58
C TYR F 216 10.65 7.31 2.48
N SER F 217 9.55 7.65 1.82
CA SER F 217 9.08 9.04 1.59
CA SER F 217 9.09 9.03 1.59
C SER F 217 8.92 9.75 2.94
N LEU F 218 8.29 9.08 3.91
CA LEU F 218 8.07 9.66 5.26
C LEU F 218 9.40 9.77 6.01
N CYS F 219 10.32 8.80 5.84
CA CYS F 219 11.63 8.86 6.51
C CYS F 219 12.36 10.15 6.05
N GLU F 220 12.37 10.38 4.75
CA GLU F 220 13.04 11.56 4.14
C GLU F 220 12.32 12.85 4.55
N ASP F 221 11.00 12.85 4.65
CA ASP F 221 10.27 14.03 5.17
C ASP F 221 10.74 14.33 6.59
N LEU F 222 10.89 13.34 7.46
CA LEU F 222 11.24 13.58 8.87
C LEU F 222 12.70 14.07 8.94
N VAL F 223 13.57 13.50 8.11
CA VAL F 223 14.98 13.99 7.99
C VAL F 223 14.95 15.46 7.57
N ASP F 224 14.09 15.82 6.60
CA ASP F 224 13.91 17.21 6.10
C ASP F 224 13.53 18.10 7.28
N VAL F 225 12.53 17.70 8.06
CA VAL F 225 12.02 18.51 9.21
C VAL F 225 13.14 18.71 10.22
N GLU F 226 13.84 17.62 10.60
CA GLU F 226 14.90 17.74 11.62
C GLU F 226 16.03 18.65 11.08
N THR F 227 16.46 18.41 9.85
CA THR F 227 17.53 19.23 9.24
C THR F 227 17.14 20.72 9.31
N GLN F 228 15.91 21.09 8.91
CA GLN F 228 15.52 22.52 8.86
C GLN F 228 15.45 23.07 10.28
N PHE F 229 14.99 22.24 11.23
CA PHE F 229 14.90 22.68 12.64
C PHE F 229 16.32 22.93 13.15
N GLN F 230 17.29 22.07 12.79
CA GLN F 230 18.69 22.26 13.23
C GLN F 230 19.25 23.53 12.59
N LEU F 231 18.89 23.83 11.33
N LEU F 231 18.89 23.84 11.35
CA LEU F 231 19.28 25.11 10.66
CA LEU F 231 19.32 25.11 10.69
C LEU F 231 18.72 26.31 11.44
C LEU F 231 18.73 26.32 11.44
N TRP F 232 17.47 26.24 11.88
CA TRP F 232 16.86 27.29 12.72
C TRP F 232 17.73 27.47 13.97
N ARG F 233 18.07 26.38 14.67
CA ARG F 233 18.85 26.49 15.92
C ARG F 233 20.21 27.12 15.60
N PHE F 234 20.83 26.71 14.51
CA PHE F 234 22.18 27.20 14.14
C PHE F 234 22.09 28.69 13.80
N ARG F 235 21.09 29.10 13.01
CA ARG F 235 21.01 30.52 12.61
C ARG F 235 20.74 31.37 13.83
N HIS F 236 19.93 30.87 14.75
CA HIS F 236 19.66 31.58 16.02
C HIS F 236 20.99 31.78 16.77
N MET F 237 21.73 30.70 16.95
N MET F 237 21.75 30.70 16.93
CA MET F 237 23.00 30.72 17.72
CA MET F 237 23.00 30.71 17.72
C MET F 237 23.95 31.75 17.09
C MET F 237 24.02 31.67 17.09
N ARG F 238 24.12 31.71 15.76
CA ARG F 238 25.02 32.65 15.04
C ARG F 238 24.53 34.08 15.22
N THR F 239 23.21 34.30 15.25
CA THR F 239 22.70 35.67 15.50
C THR F 239 23.07 36.06 16.95
N VAL F 240 22.89 35.17 17.92
CA VAL F 240 23.26 35.49 19.33
C VAL F 240 24.73 35.85 19.35
N MET F 241 25.58 35.05 18.68
CA MET F 241 27.03 35.31 18.66
C MET F 241 27.33 36.74 18.15
N ARG F 242 26.64 37.21 17.10
CA ARG F 242 27.00 38.54 16.52
C ARG F 242 26.34 39.66 17.31
N VAL F 243 25.32 39.40 18.14
CA VAL F 243 24.62 40.49 18.87
C VAL F 243 25.15 40.58 20.32
N ILE F 244 25.20 39.50 21.09
CA ILE F 244 25.71 39.52 22.51
C ILE F 244 27.01 38.73 22.66
N GLY F 245 27.54 38.07 21.65
CA GLY F 245 28.77 37.27 21.79
C GLY F 245 28.60 36.21 22.87
N PHE F 246 29.59 36.07 23.76
CA PHE F 246 29.58 35.02 24.82
C PHE F 246 29.08 35.62 26.12
N LYS F 247 28.25 36.66 26.07
CA LYS F 247 27.63 37.14 27.33
C LYS F 247 26.61 36.10 27.83
N ARG F 248 26.33 36.11 29.14
CA ARG F 248 25.20 35.32 29.70
C ARG F 248 23.89 35.88 29.14
N GLY F 249 22.87 35.03 28.98
CA GLY F 249 21.57 35.44 28.43
C GLY F 249 20.70 36.12 29.47
N THR F 250 19.73 36.89 29.01
CA THR F 250 18.71 37.50 29.88
C THR F 250 17.97 36.41 30.68
N GLY F 251 17.77 35.24 30.05
CA GLY F 251 17.07 34.13 30.68
C GLY F 251 17.91 33.42 31.75
N GLY F 252 19.17 33.81 31.93
CA GLY F 252 20.08 33.30 32.99
C GLY F 252 21.00 32.15 32.57
N SER F 253 20.97 31.67 31.32
CA SER F 253 21.90 30.64 30.81
C SER F 253 23.27 31.25 30.46
N SER F 254 24.21 30.36 30.16
CA SER F 254 25.55 30.68 29.62
C SER F 254 25.49 31.27 28.20
N GLY F 255 24.32 31.26 27.55
CA GLY F 255 24.11 31.83 26.20
C GLY F 255 24.54 30.85 25.10
N VAL F 256 25.51 31.23 24.28
CA VAL F 256 25.91 30.44 23.07
C VAL F 256 26.22 28.97 23.43
N GLY F 257 26.93 28.70 24.54
CA GLY F 257 27.30 27.31 24.88
C GLY F 257 26.07 26.45 25.17
N PHE F 258 25.12 27.01 25.92
CA PHE F 258 23.82 26.39 26.24
C PHE F 258 23.05 26.09 24.94
N LEU F 259 23.01 27.08 24.02
CA LEU F 259 22.32 26.91 22.72
C LEU F 259 22.99 25.78 21.93
N GLN F 260 24.33 25.75 21.92
CA GLN F 260 25.13 24.73 21.15
C GLN F 260 24.78 23.29 21.60
N GLN F 261 24.51 23.08 22.88
CA GLN F 261 24.13 21.75 23.42
C GLN F 261 22.85 21.28 22.71
N ALA F 262 21.91 22.18 22.41
CA ALA F 262 20.65 21.80 21.73
C ALA F 262 20.93 21.33 20.30
N LEU F 263 22.02 21.77 19.65
CA LEU F 263 22.36 21.34 18.27
C LEU F 263 22.83 19.89 18.28
N ALA F 264 23.26 19.38 19.44
CA ALA F 264 23.69 17.97 19.64
C ALA F 264 22.47 17.08 19.86
N LEU F 265 21.29 17.65 20.13
CA LEU F 265 20.01 16.88 20.28
C LEU F 265 19.56 16.36 18.90
N THR F 266 18.74 15.30 18.90
CA THR F 266 18.19 14.67 17.68
C THR F 266 16.75 14.25 17.99
N PHE F 267 15.87 14.45 17.04
CA PHE F 267 14.45 14.05 17.12
C PHE F 267 14.30 12.60 16.66
N PHE F 268 15.06 12.22 15.62
CA PHE F 268 14.85 10.98 14.81
C PHE F 268 16.19 10.26 14.69
N PRO F 269 16.79 9.87 15.83
CA PRO F 269 18.18 9.44 15.85
C PRO F 269 18.45 8.24 14.92
N GLU F 270 17.53 7.26 14.90
CA GLU F 270 17.73 6.02 14.10
C GLU F 270 17.69 6.34 12.62
N LEU F 271 16.99 7.40 12.21
CA LEU F 271 16.97 7.80 10.78
C LEU F 271 18.35 8.28 10.36
N PHE F 272 19.03 8.98 11.27
CA PHE F 272 20.42 9.45 11.07
C PHE F 272 21.37 8.26 11.26
N ASP F 273 21.20 7.44 12.31
CA ASP F 273 22.12 6.32 12.61
C ASP F 273 22.17 5.33 11.44
N VAL F 274 21.08 5.13 10.68
CA VAL F 274 21.01 4.06 9.65
C VAL F 274 21.88 4.45 8.46
N ARG F 275 22.21 5.73 8.30
CA ARG F 275 23.11 6.17 7.20
C ARG F 275 24.44 5.43 7.25
N THR F 276 24.93 5.08 8.43
CA THR F 276 26.26 4.44 8.60
C THR F 276 26.24 2.96 8.20
N SER F 277 25.08 2.33 7.96
CA SER F 277 25.04 0.88 7.61
C SER F 277 24.19 0.57 6.37
N VAL F 278 23.67 1.54 5.60
CA VAL F 278 22.92 1.18 4.34
C VAL F 278 23.93 0.91 3.20
N GLY F 279 23.75 -0.19 2.45
CA GLY F 279 24.54 -0.52 1.24
C GLY F 279 25.77 -1.39 1.54
N ASN G 2 41.50 29.20 15.79
CA ASN G 2 42.94 28.83 15.77
C ASN G 2 43.23 28.07 14.45
N LEU G 3 43.60 26.79 14.53
CA LEU G 3 44.07 25.97 13.38
C LEU G 3 43.73 24.50 13.68
N ARG G 4 43.10 23.80 12.73
CA ARG G 4 42.66 22.39 12.91
C ARG G 4 43.79 21.45 12.41
N ASP G 5 44.27 20.56 13.28
CA ASP G 5 45.31 19.57 12.92
C ASP G 5 44.68 18.54 11.99
N LEU G 6 45.41 18.14 10.95
CA LEU G 6 45.02 17.01 10.06
C LEU G 6 45.00 15.73 10.91
N GLU G 7 43.95 14.92 10.75
CA GLU G 7 43.84 13.54 11.31
C GLU G 7 44.83 12.62 10.61
N PRO G 8 45.42 11.64 11.34
CA PRO G 8 46.37 10.68 10.76
C PRO G 8 45.86 9.97 9.50
N GLY G 9 44.56 9.62 9.47
CA GLY G 9 43.94 8.83 8.39
C GLY G 9 43.77 9.58 7.07
N ILE G 10 43.92 10.90 7.04
CA ILE G 10 43.57 11.72 5.83
C ILE G 10 44.63 11.48 4.76
N HIS G 11 44.21 11.31 3.49
CA HIS G 11 45.07 11.04 2.32
C HIS G 11 45.69 12.34 1.80
N THR G 12 47.02 12.48 1.91
CA THR G 12 47.80 13.69 1.53
C THR G 12 48.58 13.43 0.23
N ASP G 13 49.07 12.20 0.05
CA ASP G 13 49.85 11.78 -1.15
C ASP G 13 48.88 11.25 -2.21
N LEU G 14 48.47 12.11 -3.16
CA LEU G 14 47.42 11.80 -4.16
C LEU G 14 48.02 11.68 -5.57
N GLU G 15 49.35 11.57 -5.72
CA GLU G 15 50.05 11.71 -7.03
C GLU G 15 49.34 10.91 -8.14
N GLY G 16 49.15 9.60 -7.95
CA GLY G 16 48.58 8.71 -8.98
C GLY G 16 47.18 8.21 -8.65
N ARG G 17 46.42 8.97 -7.86
CA ARG G 17 45.08 8.57 -7.33
C ARG G 17 44.00 9.45 -7.95
N LEU G 18 42.73 9.08 -7.83
CA LEU G 18 41.58 9.93 -8.28
C LEU G 18 41.40 11.06 -7.24
N THR G 19 41.62 12.29 -7.67
CA THR G 19 41.44 13.51 -6.86
C THR G 19 40.07 14.12 -7.17
N TYR G 20 39.57 14.92 -6.23
CA TYR G 20 38.40 15.80 -6.46
C TYR G 20 38.48 16.48 -7.83
N GLY G 21 39.60 17.17 -8.08
CA GLY G 21 39.79 17.97 -9.31
C GLY G 21 39.84 17.10 -10.55
N GLY G 22 40.37 15.87 -10.46
CA GLY G 22 40.36 14.93 -11.62
C GLY G 22 38.96 14.43 -11.94
N TYR G 23 38.25 13.97 -10.90
CA TYR G 23 36.86 13.45 -11.03
C TYR G 23 35.94 14.51 -11.63
N LEU G 24 36.04 15.75 -11.12
CA LEU G 24 35.20 16.88 -11.59
C LEU G 24 35.77 17.57 -12.83
N ARG G 25 36.88 17.11 -13.42
CA ARG G 25 37.46 17.71 -14.66
C ARG G 25 37.65 19.23 -14.49
N LEU G 26 38.17 19.67 -13.34
CA LEU G 26 38.32 21.14 -13.04
C LEU G 26 39.38 21.81 -13.93
N ASP G 27 40.41 21.10 -14.42
CA ASP G 27 41.35 21.69 -15.43
C ASP G 27 40.54 22.25 -16.60
N GLN G 28 39.57 21.46 -17.07
CA GLN G 28 38.67 21.82 -18.20
C GLN G 28 37.63 22.87 -17.75
N LEU G 29 36.92 22.59 -16.66
CA LEU G 29 35.83 23.50 -16.18
C LEU G 29 36.40 24.90 -15.88
N LEU G 30 37.54 24.99 -15.17
CA LEU G 30 38.09 26.27 -14.63
C LEU G 30 39.08 26.88 -15.64
N SER G 31 39.14 26.37 -16.87
CA SER G 31 39.81 27.08 -18.00
C SER G 31 38.80 27.51 -19.05
N ALA G 32 37.49 27.39 -18.79
CA ALA G 32 36.38 27.76 -19.71
C ALA G 32 35.98 29.25 -19.55
N GLN G 33 36.63 30.01 -18.67
CA GLN G 33 36.31 31.46 -18.44
C GLN G 33 37.34 32.31 -19.17
N GLN G 34 36.93 32.95 -20.28
CA GLN G 34 37.82 33.61 -21.26
C GLN G 34 37.26 35.00 -21.53
N PRO G 35 37.37 35.91 -20.55
CA PRO G 35 36.92 37.29 -20.74
C PRO G 35 37.64 37.88 -21.96
N LEU G 36 36.92 38.72 -22.72
CA LEU G 36 37.42 39.31 -23.99
C LEU G 36 37.85 40.76 -23.81
N SER G 37 37.54 41.44 -22.68
CA SER G 37 37.90 42.87 -22.51
C SER G 37 39.41 43.00 -22.52
N GLU G 38 39.90 44.03 -23.20
CA GLU G 38 41.33 44.44 -23.16
C GLU G 38 41.34 45.96 -22.91
N PRO G 39 41.88 46.45 -21.78
CA PRO G 39 42.40 45.59 -20.71
C PRO G 39 41.25 44.87 -19.97
N ALA G 40 41.59 43.89 -19.11
CA ALA G 40 40.62 43.11 -18.31
C ALA G 40 39.65 44.08 -17.63
N HIS G 41 38.36 43.78 -17.70
CA HIS G 41 37.30 44.48 -16.93
C HIS G 41 36.91 43.63 -15.72
N HIS G 42 36.98 44.19 -14.53
CA HIS G 42 36.74 43.42 -13.30
C HIS G 42 35.42 42.63 -13.41
N ASP G 43 34.35 43.25 -13.96
CA ASP G 43 32.99 42.69 -13.77
C ASP G 43 32.66 41.63 -14.85
N GLU G 44 33.54 41.43 -15.84
CA GLU G 44 33.30 40.43 -16.91
C GLU G 44 33.35 39.02 -16.30
N MET G 45 34.15 38.79 -15.25
CA MET G 45 34.25 37.44 -14.63
C MET G 45 32.88 37.07 -14.02
N LEU G 46 32.23 37.98 -13.29
CA LEU G 46 30.86 37.73 -12.76
C LEU G 46 29.95 37.36 -13.94
N PHE G 47 30.03 38.12 -15.01
CA PHE G 47 29.10 38.00 -16.15
C PHE G 47 29.19 36.58 -16.72
N ILE G 48 30.41 36.12 -16.92
CA ILE G 48 30.64 34.77 -17.50
C ILE G 48 30.20 33.70 -16.50
N ILE G 49 30.60 33.79 -15.22
CA ILE G 49 30.27 32.76 -14.18
CA ILE G 49 30.28 32.73 -14.22
C ILE G 49 28.75 32.69 -13.97
N GLN G 50 28.06 33.83 -14.05
CA GLN G 50 26.59 33.87 -13.83
C GLN G 50 25.90 32.95 -14.87
N SER G 51 26.24 33.11 -16.15
CA SER G 51 25.70 32.28 -17.27
C SER G 51 26.18 30.85 -17.21
N GLN G 52 27.47 30.62 -16.92
CA GLN G 52 28.01 29.25 -16.88
C GLN G 52 27.37 28.45 -15.74
N THR G 53 27.22 29.02 -14.53
CA THR G 53 26.54 28.26 -13.45
C THR G 53 25.13 27.94 -13.92
N SER G 54 24.46 28.89 -14.55
CA SER G 54 23.07 28.73 -15.06
C SER G 54 23.04 27.57 -16.09
N GLU G 55 24.03 27.49 -16.98
CA GLU G 55 24.07 26.38 -17.99
C GLU G 55 24.30 25.03 -17.31
N LEU G 56 25.12 24.97 -16.26
CA LEU G 56 25.31 23.72 -15.50
C LEU G 56 23.97 23.30 -14.87
N TRP G 57 23.27 24.20 -14.18
CA TRP G 57 21.93 23.85 -13.62
C TRP G 57 20.96 23.44 -14.75
N LEU G 58 20.98 24.10 -15.90
CA LEU G 58 20.05 23.76 -17.01
C LEU G 58 20.39 22.35 -17.53
N LYS G 59 21.66 21.96 -17.53
CA LYS G 59 22.06 20.61 -17.96
C LYS G 59 21.49 19.58 -16.99
N LEU G 60 21.55 19.85 -15.68
CA LEU G 60 20.95 18.91 -14.71
C LEU G 60 19.44 18.90 -14.92
N LEU G 61 18.83 20.08 -15.08
CA LEU G 61 17.35 20.17 -15.17
C LEU G 61 16.88 19.28 -16.34
N ALA G 62 17.47 19.42 -17.53
CA ALA G 62 17.14 18.54 -18.68
C ALA G 62 17.32 17.05 -18.30
N HIS G 63 18.40 16.68 -17.60
CA HIS G 63 18.68 15.28 -17.16
C HIS G 63 17.57 14.76 -16.22
N GLU G 64 17.15 15.55 -15.23
CA GLU G 64 16.04 15.17 -14.33
C GLU G 64 14.70 15.15 -15.12
N LEU G 65 14.44 16.14 -15.96
CA LEU G 65 13.12 16.23 -16.66
C LEU G 65 12.95 15.03 -17.64
N ARG G 66 14.00 14.58 -18.33
CA ARG G 66 13.97 13.35 -19.18
C ARG G 66 13.58 12.15 -18.31
N ALA G 67 14.12 12.04 -17.09
CA ALA G 67 13.84 10.92 -16.16
C ALA G 67 12.39 11.02 -15.66
N ALA G 68 11.87 12.22 -15.35
CA ALA G 68 10.45 12.44 -14.99
C ALA G 68 9.54 11.89 -16.10
N ILE G 69 9.90 12.14 -17.36
CA ILE G 69 9.10 11.69 -18.54
C ILE G 69 9.14 10.15 -18.59
N VAL G 70 10.31 9.54 -18.42
CA VAL G 70 10.42 8.05 -18.46
C VAL G 70 9.51 7.49 -17.36
N HIS G 71 9.63 8.01 -16.13
CA HIS G 71 8.74 7.57 -15.01
C HIS G 71 7.27 7.73 -15.42
N LEU G 72 6.85 8.88 -15.95
CA LEU G 72 5.43 9.10 -16.35
C LEU G 72 5.02 8.03 -17.37
N GLN G 73 5.88 7.75 -18.35
CA GLN G 73 5.63 6.72 -19.40
C GLN G 73 5.34 5.37 -18.76
N ARG G 74 5.99 5.04 -17.66
CA ARG G 74 5.90 3.73 -16.96
C ARG G 74 4.93 3.77 -15.77
N ASP G 75 4.12 4.83 -15.69
CA ASP G 75 3.10 5.07 -14.62
C ASP G 75 3.75 5.05 -13.24
N GLU G 76 5.03 5.40 -13.17
CA GLU G 76 5.79 5.40 -11.89
C GLU G 76 5.63 6.79 -11.26
N VAL G 77 4.47 7.02 -10.65
CA VAL G 77 4.07 8.32 -10.04
C VAL G 77 5.05 8.72 -8.91
N TRP G 78 5.33 7.89 -7.89
CA TRP G 78 6.14 8.36 -6.74
C TRP G 78 7.54 8.75 -7.23
N GLN G 79 8.13 7.95 -8.13
CA GLN G 79 9.46 8.22 -8.72
C GLN G 79 9.39 9.54 -9.50
N CYS G 80 8.39 9.69 -10.36
CA CYS G 80 8.18 10.94 -11.13
C CYS G 80 8.20 12.15 -10.17
N ARG G 81 7.39 12.07 -9.10
CA ARG G 81 7.24 13.18 -8.11
C ARG G 81 8.60 13.45 -7.43
N LYS G 82 9.39 12.42 -7.13
CA LYS G 82 10.70 12.61 -6.45
C LYS G 82 11.64 13.38 -7.38
N VAL G 83 11.60 13.05 -8.67
CA VAL G 83 12.41 13.69 -9.73
C VAL G 83 11.92 15.13 -9.94
N LEU G 84 10.60 15.37 -9.90
CA LEU G 84 10.05 16.74 -10.07
C LEU G 84 10.41 17.58 -8.84
N ALA G 85 10.51 16.99 -7.62
CA ALA G 85 10.91 17.74 -6.39
C ALA G 85 12.33 18.28 -6.62
N ARG G 86 13.24 17.45 -7.14
CA ARG G 86 14.62 17.88 -7.41
C ARG G 86 14.59 18.95 -8.50
N SER G 87 13.79 18.74 -9.54
CA SER G 87 13.65 19.70 -10.64
C SER G 87 13.25 21.08 -10.10
N LYS G 88 12.27 21.10 -9.20
CA LYS G 88 11.82 22.36 -8.56
C LYS G 88 12.99 22.99 -7.80
N GLN G 89 13.78 22.21 -7.05
CA GLN G 89 14.94 22.78 -6.29
C GLN G 89 15.95 23.38 -7.29
N VAL G 90 16.19 22.72 -8.44
CA VAL G 90 17.12 23.29 -9.47
C VAL G 90 16.57 24.62 -10.01
N LEU G 91 15.27 24.69 -10.33
CA LEU G 91 14.67 25.94 -10.85
C LEU G 91 14.77 27.02 -9.76
N ARG G 92 14.67 26.64 -8.47
CA ARG G 92 14.83 27.62 -7.34
C ARG G 92 16.26 28.20 -7.37
N GLN G 93 17.28 27.37 -7.58
CA GLN G 93 18.67 27.91 -7.61
C GLN G 93 18.81 28.87 -8.77
N LEU G 94 18.31 28.48 -9.95
CA LEU G 94 18.35 29.34 -11.16
C LEU G 94 17.66 30.68 -10.91
N THR G 95 16.62 30.73 -10.09
CA THR G 95 15.84 31.95 -9.84
C THR G 95 16.59 32.79 -8.78
N GLU G 96 17.08 32.12 -7.75
CA GLU G 96 17.76 32.73 -6.57
C GLU G 96 19.02 33.45 -7.02
N GLN G 97 19.76 32.88 -7.97
CA GLN G 97 21.10 33.40 -8.29
C GLN G 97 21.02 34.73 -9.03
N TRP G 98 19.85 35.21 -9.46
CA TRP G 98 19.77 36.56 -10.05
C TRP G 98 20.29 37.61 -9.04
N SER G 99 20.14 37.36 -7.73
CA SER G 99 20.60 38.34 -6.71
C SER G 99 22.08 38.67 -6.86
N VAL G 100 22.91 37.77 -7.40
CA VAL G 100 24.35 38.10 -7.57
C VAL G 100 24.47 39.12 -8.72
N LEU G 101 23.83 38.86 -9.85
CA LEU G 101 24.04 39.67 -11.08
C LEU G 101 23.38 41.04 -10.88
N GLU G 102 22.47 41.18 -9.93
CA GLU G 102 21.84 42.48 -9.68
C GLU G 102 22.84 43.43 -9.00
N THR G 103 24.03 42.96 -8.60
CA THR G 103 25.09 43.86 -8.08
C THR G 103 25.87 44.47 -9.24
N LEU G 104 25.51 44.11 -10.48
CA LEU G 104 26.13 44.69 -11.69
C LEU G 104 25.35 45.95 -12.05
N THR G 105 26.05 47.06 -12.20
CA THR G 105 25.41 48.36 -12.49
C THR G 105 25.64 48.67 -13.95
N PRO G 106 24.81 49.57 -14.49
CA PRO G 106 24.98 49.97 -15.89
C PRO G 106 26.38 50.54 -16.18
N SER G 107 26.93 51.28 -15.21
CA SER G 107 28.28 51.91 -15.21
C SER G 107 29.31 50.81 -15.47
N GLU G 108 29.14 49.65 -14.81
CA GLU G 108 30.09 48.53 -14.90
C GLU G 108 29.86 47.84 -16.26
N TYR G 109 28.60 47.51 -16.62
CA TYR G 109 28.26 46.76 -17.85
C TYR G 109 28.74 47.51 -19.10
N MET G 110 28.59 48.84 -19.13
CA MET G 110 28.94 49.69 -20.31
C MET G 110 30.43 49.52 -20.64
N GLY G 111 31.26 49.14 -19.66
CA GLY G 111 32.70 48.95 -19.85
C GLY G 111 33.04 47.72 -20.69
N PHE G 112 32.14 46.74 -20.86
CA PHE G 112 32.50 45.53 -21.64
C PHE G 112 31.36 45.01 -22.50
N ARG G 113 30.15 45.59 -22.47
CA ARG G 113 29.03 44.98 -23.25
C ARG G 113 29.43 44.85 -24.74
N ASP G 114 30.23 45.78 -25.24
CA ASP G 114 30.67 45.82 -26.67
C ASP G 114 31.45 44.55 -27.07
N VAL G 115 32.08 43.80 -26.17
CA VAL G 115 32.92 42.64 -26.58
C VAL G 115 32.02 41.45 -26.93
N LEU G 116 30.74 41.50 -26.57
CA LEU G 116 29.82 40.33 -26.64
C LEU G 116 29.35 40.16 -28.10
N GLY G 117 29.51 41.20 -28.92
CA GLY G 117 28.93 41.22 -30.27
C GLY G 117 27.46 40.85 -30.17
N PRO G 118 26.96 39.89 -30.99
CA PRO G 118 25.56 39.48 -30.95
C PRO G 118 25.24 38.29 -30.03
N SER G 119 26.22 37.85 -29.22
CA SER G 119 26.06 36.72 -28.28
C SER G 119 24.92 37.08 -27.32
N SER G 120 24.04 36.13 -27.08
CA SER G 120 22.80 36.33 -26.27
C SER G 120 22.31 34.99 -25.74
N GLY G 121 21.75 35.01 -24.53
CA GLY G 121 21.05 33.85 -23.93
C GLY G 121 19.94 33.34 -24.82
N PHE G 122 19.45 34.16 -25.74
CA PHE G 122 18.50 33.73 -26.79
C PHE G 122 19.09 32.52 -27.55
N GLN G 123 20.42 32.37 -27.56
CA GLN G 123 21.16 31.30 -28.30
C GLN G 123 21.57 30.19 -27.31
N SER G 124 20.91 30.12 -26.15
CA SER G 124 21.13 29.01 -25.20
C SER G 124 20.35 27.81 -25.76
N LEU G 125 21.09 26.90 -26.37
CA LEU G 125 20.54 25.59 -26.77
C LEU G 125 19.87 24.91 -25.56
N GLN G 126 20.54 24.88 -24.40
CA GLN G 126 20.01 24.07 -23.27
C GLN G 126 18.71 24.69 -22.78
N TYR G 127 18.62 26.02 -22.78
CA TYR G 127 17.39 26.73 -22.36
C TYR G 127 16.24 26.32 -23.30
N ARG G 128 16.50 26.41 -24.60
CA ARG G 128 15.44 26.22 -25.64
C ARG G 128 14.96 24.78 -25.59
N TYR G 129 15.87 23.84 -25.32
CA TYR G 129 15.54 22.41 -25.17
C TYR G 129 14.56 22.23 -24.00
N ILE G 130 14.81 22.89 -22.87
CA ILE G 130 13.92 22.77 -21.67
C ILE G 130 12.58 23.40 -22.02
N GLU G 131 12.60 24.56 -22.64
CA GLU G 131 11.33 25.22 -23.00
C GLU G 131 10.51 24.29 -23.93
N PHE G 132 11.19 23.62 -24.87
CA PHE G 132 10.50 22.69 -25.81
C PHE G 132 9.96 21.48 -25.06
N LEU G 133 10.80 20.89 -24.20
CA LEU G 133 10.46 19.71 -23.38
C LEU G 133 9.26 20.06 -22.49
N LEU G 134 9.19 21.28 -21.95
CA LEU G 134 8.03 21.68 -21.11
C LEU G 134 6.80 21.97 -21.98
N GLY G 135 6.97 22.27 -23.26
CA GLY G 135 5.82 22.34 -24.17
C GLY G 135 5.75 23.58 -25.01
N ASN G 136 6.57 24.62 -24.75
CA ASN G 136 6.52 25.87 -25.56
C ASN G 136 7.36 25.66 -26.84
N LYS G 137 6.89 24.80 -27.74
CA LYS G 137 7.57 24.47 -29.00
C LYS G 137 7.42 25.64 -29.98
N ASN G 138 8.47 25.86 -30.77
CA ASN G 138 8.54 26.96 -31.75
C ASN G 138 9.60 26.59 -32.76
N PRO G 139 9.20 25.98 -33.90
CA PRO G 139 10.13 25.56 -34.96
C PRO G 139 11.02 26.70 -35.50
N GLN G 140 10.55 27.96 -35.40
CA GLN G 140 11.27 29.19 -35.84
C GLN G 140 12.61 29.29 -35.11
N MET G 141 12.77 28.58 -33.99
CA MET G 141 14.00 28.61 -33.16
C MET G 141 15.07 27.72 -33.79
N LEU G 142 14.71 26.77 -34.64
CA LEU G 142 15.66 25.79 -35.20
C LEU G 142 16.74 26.52 -36.02
N GLN G 143 16.35 27.60 -36.72
CA GLN G 143 17.22 28.39 -37.64
C GLN G 143 18.33 29.11 -36.86
N VAL G 144 18.03 29.54 -35.63
CA VAL G 144 19.02 30.15 -34.70
C VAL G 144 20.22 29.20 -34.56
N PHE G 145 20.01 27.88 -34.59
CA PHE G 145 21.10 26.88 -34.34
C PHE G 145 21.61 26.27 -35.67
N ALA G 146 21.40 26.96 -36.80
CA ALA G 146 21.90 26.53 -38.13
C ALA G 146 23.43 26.41 -38.07
N TYR G 147 24.09 27.26 -37.29
CA TYR G 147 25.57 27.26 -37.13
C TYR G 147 26.04 25.97 -36.43
N ASP G 148 25.15 25.25 -35.72
CA ASP G 148 25.50 24.05 -34.91
C ASP G 148 24.58 22.90 -35.30
N PRO G 149 24.86 22.19 -36.43
CA PRO G 149 23.97 21.15 -36.94
C PRO G 149 23.66 20.05 -35.91
N ALA G 150 24.66 19.54 -35.21
CA ALA G 150 24.49 18.55 -34.11
C ALA G 150 23.51 19.12 -33.07
N GLY G 151 23.69 20.39 -32.66
CA GLY G 151 22.82 21.05 -31.67
C GLY G 151 21.41 21.21 -32.19
N GLN G 152 21.28 21.77 -33.40
CA GLN G 152 19.98 21.90 -34.11
C GLN G 152 19.23 20.56 -34.12
N ALA G 153 19.94 19.45 -34.33
CA ALA G 153 19.34 18.09 -34.43
C ALA G 153 18.77 17.68 -33.06
N ARG G 154 19.48 17.94 -31.96
CA ARG G 154 18.98 17.61 -30.59
C ARG G 154 17.69 18.40 -30.33
N LEU G 155 17.64 19.66 -30.75
CA LEU G 155 16.49 20.58 -30.62
C LEU G 155 15.31 20.06 -31.46
N ARG G 156 15.61 19.57 -32.68
CA ARG G 156 14.61 18.95 -33.57
C ARG G 156 13.98 17.74 -32.86
N GLU G 157 14.80 16.85 -32.29
CA GLU G 157 14.39 15.60 -31.60
C GLU G 157 13.32 15.96 -30.56
N VAL G 158 13.60 16.93 -29.69
CA VAL G 158 12.69 17.28 -28.56
C VAL G 158 11.47 18.02 -29.12
N LEU G 159 11.63 18.85 -30.16
CA LEU G 159 10.49 19.49 -30.88
C LEU G 159 9.53 18.40 -31.38
N GLU G 160 10.05 17.25 -31.83
CA GLU G 160 9.25 16.16 -32.46
C GLU G 160 8.64 15.20 -31.41
N ALA G 161 9.18 15.12 -30.19
CA ALA G 161 8.68 14.20 -29.13
C ALA G 161 7.51 14.84 -28.38
N PRO G 162 6.65 14.04 -27.71
CA PRO G 162 5.61 14.58 -26.83
C PRO G 162 6.23 15.41 -25.69
N SER G 163 5.59 16.52 -25.30
CA SER G 163 6.10 17.40 -24.22
C SER G 163 5.92 16.69 -22.88
N LEU G 164 6.51 17.22 -21.81
CA LEU G 164 6.25 16.68 -20.46
C LEU G 164 4.74 16.66 -20.23
N TYR G 165 4.05 17.73 -20.61
CA TYR G 165 2.60 17.92 -20.39
C TYR G 165 1.83 16.84 -21.16
N GLU G 166 2.18 16.66 -22.44
CA GLU G 166 1.54 15.64 -23.34
C GLU G 166 1.71 14.27 -22.72
N GLU G 167 2.90 13.96 -22.21
CA GLU G 167 3.16 12.68 -21.49
C GLU G 167 2.27 12.59 -20.24
N PHE G 168 1.97 13.70 -19.59
CA PHE G 168 1.04 13.74 -18.42
C PHE G 168 -0.38 13.39 -18.86
N LEU G 169 -0.87 13.99 -19.95
CA LEU G 169 -2.26 13.74 -20.47
C LEU G 169 -2.39 12.27 -20.91
N ARG G 170 -1.36 11.74 -21.56
CA ARG G 170 -1.32 10.30 -21.95
C ARG G 170 -1.36 9.41 -20.72
N TYR G 171 -0.69 9.80 -19.62
CA TYR G 171 -0.75 9.01 -18.36
C TYR G 171 -2.19 9.01 -17.83
N LEU G 172 -2.85 10.17 -17.86
CA LEU G 172 -4.25 10.32 -17.39
C LEU G 172 -5.19 9.43 -18.26
N ALA G 173 -4.95 9.38 -19.57
CA ALA G 173 -5.72 8.54 -20.53
C ALA G 173 -5.61 7.06 -20.12
N ARG G 174 -4.41 6.62 -19.69
CA ARG G 174 -4.12 5.21 -19.32
C ARG G 174 -4.84 4.84 -18.00
N PHE G 175 -5.40 5.80 -17.27
CA PHE G 175 -6.08 5.57 -15.95
C PHE G 175 -7.52 6.08 -16.02
N GLY G 176 -8.10 6.15 -17.23
CA GLY G 176 -9.57 6.24 -17.42
C GLY G 176 -10.08 7.66 -17.58
N HIS G 177 -9.22 8.68 -17.53
CA HIS G 177 -9.67 10.08 -17.72
C HIS G 177 -10.02 10.28 -19.19
N ALA G 178 -10.98 11.16 -19.42
CA ALA G 178 -11.59 11.47 -20.74
C ALA G 178 -10.69 12.44 -21.51
N ILE G 179 -9.51 11.95 -21.89
CA ILE G 179 -8.53 12.70 -22.72
C ILE G 179 -8.90 12.46 -24.17
N PRO G 180 -9.20 13.50 -24.98
CA PRO G 180 -9.45 13.33 -26.42
C PRO G 180 -8.40 12.48 -27.13
N GLN G 181 -8.74 11.94 -28.30
CA GLN G 181 -7.96 10.90 -29.02
C GLN G 181 -6.68 11.51 -29.60
N GLN G 182 -6.68 12.80 -29.96
CA GLN G 182 -5.54 13.45 -30.66
C GLN G 182 -4.25 13.37 -29.83
N TYR G 183 -4.34 13.15 -28.51
CA TYR G 183 -3.17 13.17 -27.58
C TYR G 183 -2.50 11.79 -27.61
N GLN G 184 -3.05 10.85 -28.38
CA GLN G 184 -2.45 9.52 -28.70
C GLN G 184 -1.41 9.65 -29.81
N ALA G 185 -1.64 10.53 -30.78
CA ALA G 185 -0.72 10.84 -31.90
C ALA G 185 -1.18 12.11 -32.63
N ARG G 186 -0.27 13.07 -32.83
CA ARG G 186 -0.54 14.36 -33.51
C ARG G 186 0.80 15.00 -33.91
N ASP G 187 0.74 16.12 -34.62
CA ASP G 187 1.93 16.93 -35.01
C ASP G 187 2.51 17.55 -33.73
N TRP G 188 3.41 16.83 -33.05
CA TRP G 188 4.03 17.25 -31.77
C TRP G 188 4.83 18.56 -31.92
N THR G 189 5.24 18.97 -33.14
CA THR G 189 6.06 20.20 -33.37
C THR G 189 5.19 21.45 -33.22
N ALA G 190 3.87 21.34 -33.35
CA ALA G 190 2.94 22.46 -33.07
C ALA G 190 2.88 22.67 -31.55
N ALA G 191 2.93 23.92 -31.09
CA ALA G 191 2.77 24.32 -29.66
C ALA G 191 1.32 24.06 -29.23
N HIS G 192 1.15 23.35 -28.12
CA HIS G 192 -0.16 23.05 -27.47
C HIS G 192 -0.98 24.33 -27.28
N VAL G 193 -2.25 24.32 -27.76
CA VAL G 193 -3.27 25.40 -27.52
C VAL G 193 -4.20 24.90 -26.41
N ALA G 194 -4.67 25.81 -25.53
CA ALA G 194 -5.68 25.55 -24.48
C ALA G 194 -6.85 24.78 -25.12
N ASP G 195 -7.18 23.64 -24.53
CA ASP G 195 -8.24 22.70 -25.01
C ASP G 195 -9.36 22.67 -23.95
N ASP G 196 -10.48 23.33 -24.23
CA ASP G 196 -11.60 23.46 -23.26
C ASP G 196 -12.22 22.10 -22.93
N THR G 197 -12.00 21.05 -23.72
CA THR G 197 -12.61 19.71 -23.46
C THR G 197 -11.95 19.09 -22.22
N LEU G 198 -10.75 19.56 -21.81
CA LEU G 198 -9.94 19.02 -20.68
C LEU G 198 -10.42 19.60 -19.34
N ARG G 199 -11.19 20.69 -19.35
CA ARG G 199 -11.78 21.34 -18.15
C ARG G 199 -12.45 20.28 -17.26
N PRO G 200 -13.51 19.57 -17.73
CA PRO G 200 -14.19 18.59 -16.87
C PRO G 200 -13.22 17.56 -16.27
N VAL G 201 -12.19 17.16 -17.02
CA VAL G 201 -11.15 16.20 -16.55
C VAL G 201 -10.50 16.78 -15.28
N PHE G 202 -10.10 18.05 -15.32
CA PHE G 202 -9.35 18.68 -14.20
C PHE G 202 -10.32 19.03 -13.08
N GLU G 203 -11.53 19.48 -13.40
CA GLU G 203 -12.59 19.71 -12.38
C GLU G 203 -12.77 18.42 -11.55
N ARG G 204 -12.86 17.27 -12.21
CA ARG G 204 -13.12 15.97 -11.56
C ARG G 204 -12.02 15.72 -10.52
N ILE G 205 -10.77 15.96 -10.94
CA ILE G 205 -9.54 15.66 -10.15
C ILE G 205 -9.52 16.51 -8.88
N TYR G 206 -9.69 17.82 -8.99
CA TYR G 206 -9.63 18.81 -7.88
C TYR G 206 -10.89 18.76 -6.99
N GLU G 207 -12.03 18.23 -7.48
CA GLU G 207 -13.30 18.16 -6.70
C GLU G 207 -13.41 16.78 -6.04
N ASN G 208 -12.51 15.84 -6.35
CA ASN G 208 -12.51 14.45 -5.82
C ASN G 208 -11.08 14.01 -5.50
N THR G 209 -10.38 14.78 -4.65
CA THR G 209 -8.93 14.61 -4.33
C THR G 209 -8.68 13.25 -3.67
N ASP G 210 -9.66 12.66 -2.97
CA ASP G 210 -9.48 11.33 -2.30
C ASP G 210 -9.33 10.23 -3.36
N ARG G 211 -10.16 10.22 -4.41
CA ARG G 211 -10.08 9.20 -5.48
C ARG G 211 -8.81 9.42 -6.31
N TYR G 212 -8.50 10.69 -6.58
CA TYR G 212 -7.52 11.14 -7.59
C TYR G 212 -6.29 11.81 -6.92
N TRP G 213 -5.83 11.26 -5.79
CA TRP G 213 -4.69 11.81 -5.00
C TRP G 213 -3.41 11.83 -5.85
N ARG G 214 -3.13 10.76 -6.60
CA ARG G 214 -1.92 10.70 -7.46
C ARG G 214 -2.00 11.81 -8.52
N GLU G 215 -3.14 11.95 -9.20
CA GLU G 215 -3.33 12.94 -10.30
C GLU G 215 -3.27 14.37 -9.74
N TYR G 216 -3.98 14.61 -8.64
CA TYR G 216 -4.01 15.89 -7.88
C TYR G 216 -2.57 16.33 -7.56
N SER G 217 -1.80 15.43 -6.95
CA SER G 217 -0.40 15.69 -6.55
CA SER G 217 -0.39 15.66 -6.55
C SER G 217 0.46 16.04 -7.77
N LEU G 218 0.30 15.31 -8.89
CA LEU G 218 1.06 15.61 -10.14
C LEU G 218 0.63 16.96 -10.72
N CYS G 219 -0.68 17.28 -10.67
CA CYS G 219 -1.20 18.57 -11.17
C CYS G 219 -0.48 19.70 -10.39
N GLU G 220 -0.45 19.56 -9.06
CA GLU G 220 0.19 20.61 -8.21
C GLU G 220 1.70 20.66 -8.49
N ASP G 221 2.36 19.52 -8.69
CA ASP G 221 3.80 19.47 -9.11
C ASP G 221 3.99 20.25 -10.40
N LEU G 222 3.14 20.07 -11.42
CA LEU G 222 3.35 20.81 -12.69
C LEU G 222 3.07 22.30 -12.48
N VAL G 223 2.03 22.66 -11.74
CA VAL G 223 1.77 24.11 -11.42
C VAL G 223 3.00 24.69 -10.68
N ASP G 224 3.64 23.93 -9.79
CA ASP G 224 4.87 24.38 -9.06
C ASP G 224 5.97 24.67 -10.08
N VAL G 225 6.21 23.73 -11.00
CA VAL G 225 7.25 23.84 -12.06
C VAL G 225 6.98 25.06 -12.95
N GLU G 226 5.74 25.24 -13.44
CA GLU G 226 5.44 26.39 -14.31
C GLU G 226 5.70 27.67 -13.51
N THR G 227 5.14 27.76 -12.29
CA THR G 227 5.24 29.00 -11.47
C THR G 227 6.72 29.35 -11.29
N GLN G 228 7.58 28.38 -10.99
CA GLN G 228 9.03 28.62 -10.70
C GLN G 228 9.69 29.05 -12.00
N PHE G 229 9.27 28.49 -13.14
CA PHE G 229 9.83 28.88 -14.45
C PHE G 229 9.47 30.33 -14.77
N GLN G 230 8.24 30.74 -14.45
CA GLN G 230 7.75 32.11 -14.72
C GLN G 230 8.51 33.07 -13.79
N LEU G 231 8.76 32.66 -12.55
CA LEU G 231 9.60 33.46 -11.60
C LEU G 231 10.99 33.66 -12.19
N TRP G 232 11.63 32.61 -12.70
CA TRP G 232 12.93 32.74 -13.42
C TRP G 232 12.82 33.82 -14.51
N ARG G 233 11.87 33.68 -15.44
CA ARG G 233 11.67 34.69 -16.53
C ARG G 233 11.52 36.09 -15.96
N PHE G 234 10.69 36.25 -14.92
CA PHE G 234 10.43 37.56 -14.35
C PHE G 234 11.72 38.13 -13.73
N ARG G 235 12.47 37.34 -12.98
CA ARG G 235 13.72 37.89 -12.36
C ARG G 235 14.76 38.18 -13.43
N HIS G 236 14.83 37.38 -14.49
CA HIS G 236 15.71 37.71 -15.65
C HIS G 236 15.29 39.06 -16.22
N MET G 237 14.01 39.23 -16.51
N MET G 237 14.01 39.24 -16.50
CA MET G 237 13.50 40.47 -17.13
CA MET G 237 13.51 40.47 -17.15
C MET G 237 13.83 41.68 -16.24
C MET G 237 13.78 41.70 -16.25
N ARG G 238 13.59 41.57 -14.93
CA ARG G 238 13.87 42.70 -13.99
C ARG G 238 15.38 42.99 -13.95
N THR G 239 16.22 41.96 -14.09
CA THR G 239 17.69 42.16 -14.15
C THR G 239 18.04 42.90 -15.43
N VAL G 240 17.48 42.48 -16.56
CA VAL G 240 17.66 43.19 -17.86
C VAL G 240 17.29 44.65 -17.68
N MET G 241 16.14 44.93 -17.07
CA MET G 241 15.66 46.31 -16.90
C MET G 241 16.69 47.13 -16.09
N ARG G 242 17.31 46.57 -15.04
CA ARG G 242 18.23 47.38 -14.19
C ARG G 242 19.62 47.45 -14.82
N VAL G 243 19.95 46.60 -15.79
CA VAL G 243 21.31 46.64 -16.42
C VAL G 243 21.28 47.38 -17.77
N ILE G 244 20.39 47.03 -18.71
CA ILE G 244 20.32 47.77 -20.02
C ILE G 244 19.02 48.57 -20.18
N GLY G 245 18.07 48.50 -19.27
CA GLY G 245 16.84 49.27 -19.44
C GLY G 245 16.05 48.76 -20.65
N PHE G 246 15.53 49.65 -21.48
CA PHE G 246 14.72 49.29 -22.68
C PHE G 246 15.60 49.36 -23.94
N LYS G 247 16.92 49.31 -23.79
CA LYS G 247 17.83 49.13 -24.96
C LYS G 247 17.43 47.86 -25.72
N ARG G 248 17.75 47.83 -27.02
CA ARG G 248 17.68 46.61 -27.85
C ARG G 248 18.75 45.63 -27.35
N GLY G 249 18.45 44.33 -27.44
CA GLY G 249 19.39 43.29 -26.97
C GLY G 249 20.52 43.07 -27.96
N THR G 250 21.62 42.47 -27.48
CA THR G 250 22.77 42.01 -28.30
C THR G 250 22.26 41.01 -29.35
N GLY G 251 21.28 40.19 -29.00
CA GLY G 251 20.75 39.12 -29.89
C GLY G 251 19.86 39.69 -30.98
N GLY G 252 19.55 40.98 -30.89
CA GLY G 252 18.82 41.73 -31.94
C GLY G 252 17.35 41.97 -31.61
N SER G 253 16.84 41.52 -30.45
CA SER G 253 15.43 41.75 -30.04
C SER G 253 15.24 43.16 -29.43
N SER G 254 13.97 43.53 -29.21
CA SER G 254 13.54 44.79 -28.56
C SER G 254 13.91 44.80 -27.06
N GLY G 255 14.38 43.65 -26.54
CA GLY G 255 14.82 43.49 -25.14
C GLY G 255 13.66 43.20 -24.21
N VAL G 256 13.44 44.06 -23.23
CA VAL G 256 12.42 43.79 -22.19
C VAL G 256 11.07 43.41 -22.82
N GLY G 257 10.61 44.08 -23.88
CA GLY G 257 9.29 43.81 -24.51
C GLY G 257 9.18 42.39 -25.03
N PHE G 258 10.24 41.90 -25.70
CA PHE G 258 10.32 40.51 -26.22
C PHE G 258 10.32 39.51 -25.03
N LEU G 259 11.00 39.83 -23.93
CA LEU G 259 11.01 38.92 -22.74
C LEU G 259 9.62 38.86 -22.10
N GLN G 260 8.92 40.00 -22.02
CA GLN G 260 7.57 40.08 -21.40
C GLN G 260 6.60 39.15 -22.15
N GLN G 261 6.70 39.09 -23.49
CA GLN G 261 5.82 38.22 -24.32
C GLN G 261 5.88 36.77 -23.84
N ALA G 262 7.08 36.27 -23.50
CA ALA G 262 7.29 34.90 -22.99
C ALA G 262 6.58 34.70 -21.64
N LEU G 263 6.49 35.75 -20.81
CA LEU G 263 5.78 35.69 -19.49
C LEU G 263 4.30 35.44 -19.76
N ALA G 264 3.80 35.80 -20.95
CA ALA G 264 2.38 35.58 -21.34
C ALA G 264 2.17 34.14 -21.83
N LEU G 265 3.25 33.38 -22.07
CA LEU G 265 3.17 31.95 -22.49
C LEU G 265 2.85 31.09 -21.26
N THR G 266 2.29 29.90 -21.49
CA THR G 266 1.88 28.93 -20.45
C THR G 266 2.26 27.55 -20.97
N PHE G 267 2.83 26.71 -20.13
CA PHE G 267 3.15 25.31 -20.47
C PHE G 267 1.88 24.46 -20.30
N PHE G 268 1.09 24.75 -19.25
CA PHE G 268 0.04 23.84 -18.72
C PHE G 268 -1.28 24.61 -18.57
N PRO G 269 -1.80 25.20 -19.66
CA PRO G 269 -2.89 26.18 -19.56
C PRO G 269 -4.14 25.65 -18.84
N GLU G 270 -4.54 24.40 -19.11
CA GLU G 270 -5.80 23.83 -18.57
C GLU G 270 -5.69 23.69 -17.05
N LEU G 271 -4.48 23.44 -16.52
CA LEU G 271 -4.25 23.40 -15.04
C LEU G 271 -4.53 24.77 -14.42
N PHE G 272 -4.21 25.86 -15.11
CA PHE G 272 -4.51 27.22 -14.60
C PHE G 272 -5.97 27.55 -14.90
N ASP G 273 -6.45 27.22 -16.11
CA ASP G 273 -7.85 27.54 -16.52
C ASP G 273 -8.84 26.94 -15.51
N VAL G 274 -8.56 25.74 -14.99
CA VAL G 274 -9.55 25.01 -14.14
C VAL G 274 -9.84 25.84 -12.88
N ARG G 275 -8.88 26.64 -12.40
CA ARG G 275 -9.08 27.42 -11.15
C ARG G 275 -10.37 28.24 -11.23
N THR G 276 -10.73 28.74 -12.41
CA THR G 276 -11.90 29.63 -12.61
C THR G 276 -13.20 28.87 -12.27
N SER G 277 -13.21 27.53 -12.32
CA SER G 277 -14.48 26.74 -12.21
C SER G 277 -14.47 25.64 -11.13
N VAL G 278 -13.38 25.32 -10.43
CA VAL G 278 -13.40 24.18 -9.45
C VAL G 278 -14.41 24.50 -8.33
N LYS H 1 21.29 13.59 21.20
CA LYS H 1 19.85 13.67 20.77
C LYS H 1 18.93 13.23 21.91
N ASN H 2 19.49 13.34 23.11
CA ASN H 2 18.92 12.84 24.36
C ASN H 2 18.22 14.02 25.05
N LEU H 3 18.90 14.66 26.00
CA LEU H 3 18.27 15.56 27.00
C LEU H 3 19.32 16.60 27.45
N ARG H 4 19.03 17.89 27.30
CA ARG H 4 19.89 18.98 27.82
C ARG H 4 19.38 19.39 29.21
N ASP H 5 20.24 19.26 30.22
CA ASP H 5 19.92 19.67 31.61
C ASP H 5 19.80 21.19 31.62
N LEU H 6 18.80 21.72 32.35
CA LEU H 6 18.71 23.17 32.66
C LEU H 6 20.00 23.58 33.37
N GLU H 7 20.70 24.60 32.88
CA GLU H 7 21.86 25.11 33.66
C GLU H 7 21.33 25.72 34.94
N PRO H 8 22.06 25.60 36.07
CA PRO H 8 21.81 26.43 37.23
C PRO H 8 22.25 27.86 36.84
N GLY H 9 21.41 28.83 37.14
CA GLY H 9 21.51 30.19 36.60
C GLY H 9 20.24 30.56 35.90
N ILE H 10 19.59 29.59 35.23
CA ILE H 10 18.40 29.90 34.41
C ILE H 10 17.25 30.30 35.32
N HIS H 11 16.56 31.39 34.99
CA HIS H 11 15.38 31.90 35.74
C HIS H 11 14.15 31.04 35.43
N THR H 12 13.56 30.39 36.45
CA THR H 12 12.36 29.52 36.31
C THR H 12 11.19 30.06 37.13
N ASP H 13 11.46 30.82 38.20
CA ASP H 13 10.43 31.46 39.06
C ASP H 13 10.12 32.85 38.49
N LEU H 14 9.19 32.96 37.55
CA LEU H 14 8.98 34.20 36.75
C LEU H 14 7.67 34.90 37.16
N GLU H 15 6.95 34.39 38.18
CA GLU H 15 5.63 34.93 38.60
C GLU H 15 5.71 36.45 38.77
N GLY H 16 6.58 37.09 39.44
CA GLY H 16 6.43 38.56 39.52
C GLY H 16 7.20 39.32 38.44
N ARG H 17 7.61 38.63 37.38
CA ARG H 17 8.61 39.24 36.47
C ARG H 17 8.11 39.41 35.04
N LEU H 18 8.91 40.14 34.26
CA LEU H 18 8.62 40.36 32.82
C LEU H 18 9.08 39.10 32.06
N THR H 19 8.15 38.40 31.45
CA THR H 19 8.44 37.15 30.70
C THR H 19 8.49 37.49 29.21
N TYR H 20 9.05 36.61 28.41
CA TYR H 20 8.93 36.66 26.93
C TYR H 20 7.49 36.93 26.50
N GLY H 21 6.52 36.10 26.95
CA GLY H 21 5.10 36.31 26.61
C GLY H 21 4.56 37.66 27.00
N GLY H 22 4.99 38.17 28.15
CA GLY H 22 4.55 39.45 28.71
C GLY H 22 5.04 40.61 27.86
N TYR H 23 6.34 40.59 27.59
CA TYR H 23 7.04 41.64 26.78
C TYR H 23 6.47 41.70 25.37
N LEU H 24 6.28 40.54 24.75
CA LEU H 24 5.74 40.45 23.36
C LEU H 24 4.20 40.45 23.32
N ARG H 25 3.52 40.65 24.47
CA ARG H 25 2.03 40.72 24.52
C ARG H 25 1.45 39.52 23.75
N LEU H 26 1.95 38.32 24.01
CA LEU H 26 1.51 37.13 23.26
C LEU H 26 0.05 36.74 23.60
N ASP H 27 -0.47 37.05 24.79
CA ASP H 27 -1.90 36.79 25.09
C ASP H 27 -2.75 37.53 24.04
N GLN H 28 -2.39 38.77 23.71
CA GLN H 28 -3.09 39.59 22.69
C GLN H 28 -2.73 39.06 21.30
N LEU H 29 -1.45 38.85 20.98
CA LEU H 29 -1.05 38.53 19.58
C LEU H 29 -1.69 37.20 19.16
N LEU H 30 -1.64 36.22 20.03
CA LEU H 30 -2.04 34.82 19.75
C LEU H 30 -3.53 34.56 20.08
N SER H 31 -4.34 35.60 20.31
CA SER H 31 -5.82 35.45 20.33
C SER H 31 -6.41 36.27 19.19
N ALA H 32 -5.57 36.71 18.24
CA ALA H 32 -6.01 37.53 17.09
C ALA H 32 -6.34 36.66 15.87
N GLN H 33 -6.26 35.32 15.98
CA GLN H 33 -6.57 34.37 14.89
C GLN H 33 -7.99 33.84 15.14
N GLN H 34 -8.98 34.35 14.43
CA GLN H 34 -10.41 34.01 14.68
C GLN H 34 -11.02 33.51 13.37
N PRO H 35 -10.69 32.27 12.97
CA PRO H 35 -11.26 31.69 11.75
C PRO H 35 -12.79 31.75 11.81
N LEU H 36 -13.46 31.93 10.67
CA LEU H 36 -14.94 32.10 10.63
C LEU H 36 -15.64 30.83 10.14
N SER H 37 -14.94 29.88 9.53
CA SER H 37 -15.60 28.74 8.83
C SER H 37 -16.22 27.83 9.90
N GLU H 38 -17.44 27.34 9.64
CA GLU H 38 -18.19 26.53 10.62
C GLU H 38 -18.73 25.34 9.84
N PRO H 39 -18.21 24.11 10.06
CA PRO H 39 -17.23 23.85 11.11
C PRO H 39 -15.83 24.30 10.65
N ALA H 40 -14.85 24.32 11.56
CA ALA H 40 -13.49 24.87 11.32
C ALA H 40 -12.89 24.20 10.06
N HIS H 41 -12.29 24.98 9.17
CA HIS H 41 -11.59 24.43 7.98
C HIS H 41 -10.08 24.45 8.30
N HIS H 42 -9.38 23.35 8.11
CA HIS H 42 -7.97 23.20 8.52
C HIS H 42 -7.14 24.35 7.92
N ASP H 43 -7.42 24.73 6.68
CA ASP H 43 -6.50 25.60 5.90
C ASP H 43 -6.77 27.07 6.20
N GLU H 44 -7.79 27.40 6.99
CA GLU H 44 -8.09 28.79 7.33
C GLU H 44 -6.99 29.35 8.22
N MET H 45 -6.35 28.54 9.05
CA MET H 45 -5.32 29.09 10.00
C MET H 45 -4.11 29.58 9.18
N LEU H 46 -3.66 28.80 8.21
CA LEU H 46 -2.58 29.23 7.26
C LEU H 46 -2.99 30.56 6.66
N PHE H 47 -4.21 30.64 6.16
CA PHE H 47 -4.67 31.85 5.46
C PHE H 47 -4.52 33.08 6.37
N ILE H 48 -4.99 32.96 7.62
CA ILE H 48 -4.93 34.08 8.59
C ILE H 48 -3.46 34.41 8.92
N ILE H 49 -2.66 33.39 9.21
CA ILE H 49 -1.26 33.62 9.67
C ILE H 49 -0.43 34.16 8.50
N GLN H 50 -0.69 33.70 7.27
CA GLN H 50 0.01 34.23 6.06
C GLN H 50 -0.15 35.75 5.98
N SER H 51 -1.39 36.27 6.02
CA SER H 51 -1.62 37.73 5.96
C SER H 51 -1.14 38.42 7.25
N GLN H 52 -1.31 37.83 8.44
CA GLN H 52 -0.88 38.50 9.71
C GLN H 52 0.64 38.65 9.77
N THR H 53 1.41 37.63 9.41
CA THR H 53 2.89 37.72 9.35
C THR H 53 3.20 38.86 8.39
N SER H 54 2.58 38.89 7.21
CA SER H 54 2.83 39.98 6.23
C SER H 54 2.56 41.34 6.87
N GLU H 55 1.49 41.47 7.65
CA GLU H 55 1.14 42.77 8.27
C GLU H 55 2.18 43.16 9.33
N LEU H 56 2.68 42.22 10.12
CA LEU H 56 3.77 42.54 11.06
C LEU H 56 5.01 43.03 10.28
N TRP H 57 5.36 42.38 9.17
CA TRP H 57 6.52 42.82 8.35
C TRP H 57 6.24 44.19 7.75
N LEU H 58 5.01 44.47 7.30
CA LEU H 58 4.68 45.79 6.76
C LEU H 58 4.78 46.87 7.84
N LYS H 59 4.39 46.59 9.08
CA LYS H 59 4.50 47.55 10.19
C LYS H 59 5.98 47.89 10.39
N LEU H 60 6.85 46.89 10.39
CA LEU H 60 8.29 47.15 10.54
C LEU H 60 8.79 47.93 9.32
N LEU H 61 8.39 47.54 8.12
CA LEU H 61 8.91 48.18 6.89
C LEU H 61 8.55 49.68 6.95
N ALA H 62 7.32 50.04 7.32
CA ALA H 62 6.90 51.46 7.46
C ALA H 62 7.80 52.19 8.46
N HIS H 63 8.00 51.60 9.63
CA HIS H 63 8.86 52.14 10.70
C HIS H 63 10.28 52.43 10.18
N GLU H 64 10.86 51.50 9.43
CA GLU H 64 12.21 51.64 8.87
C GLU H 64 12.20 52.69 7.76
N LEU H 65 11.26 52.63 6.80
CA LEU H 65 11.25 53.60 5.66
C LEU H 65 11.05 55.03 6.20
N ARG H 66 10.18 55.26 7.20
CA ARG H 66 10.07 56.59 7.81
C ARG H 66 11.45 57.05 8.29
N ALA H 67 12.23 56.20 8.97
CA ALA H 67 13.55 56.59 9.52
C ALA H 67 14.51 56.81 8.35
N ALA H 68 14.42 56.02 7.29
CA ALA H 68 15.30 56.24 6.13
C ALA H 68 15.05 57.67 5.59
N ILE H 69 13.79 58.07 5.50
CA ILE H 69 13.41 59.42 4.99
C ILE H 69 14.00 60.49 5.93
N VAL H 70 13.85 60.32 7.24
CA VAL H 70 14.40 61.33 8.19
C VAL H 70 15.91 61.44 8.01
N HIS H 71 16.62 60.32 7.89
CA HIS H 71 18.08 60.36 7.63
C HIS H 71 18.38 61.09 6.33
N LEU H 72 17.63 60.84 5.26
CA LEU H 72 17.88 61.48 3.93
C LEU H 72 17.61 62.99 4.02
N GLN H 73 16.58 63.40 4.76
CA GLN H 73 16.25 64.83 4.97
C GLN H 73 17.41 65.53 5.64
N ARG H 74 18.18 64.82 6.48
CA ARG H 74 19.30 65.41 7.26
C ARG H 74 20.64 65.11 6.61
N ASP H 75 20.66 64.62 5.36
CA ASP H 75 21.91 64.36 4.60
C ASP H 75 22.72 63.27 5.32
N GLU H 76 22.07 62.41 6.12
CA GLU H 76 22.75 61.27 6.80
C GLU H 76 22.72 60.05 5.88
N VAL H 77 23.66 60.01 4.92
CA VAL H 77 23.60 58.99 3.85
C VAL H 77 23.93 57.60 4.42
N TRP H 78 25.01 57.43 5.18
CA TRP H 78 25.37 56.06 5.62
C TRP H 78 24.23 55.49 6.49
N GLN H 79 23.61 56.31 7.34
CA GLN H 79 22.51 55.84 8.21
C GLN H 79 21.33 55.48 7.35
N CYS H 80 21.01 56.33 6.38
CA CYS H 80 19.93 56.03 5.40
C CYS H 80 20.18 54.67 4.71
N ARG H 81 21.40 54.45 4.21
CA ARG H 81 21.73 53.21 3.52
C ARG H 81 21.61 52.01 4.48
N LYS H 82 21.93 52.20 5.75
CA LYS H 82 21.83 51.06 6.71
C LYS H 82 20.35 50.70 6.92
N VAL H 83 19.52 51.72 7.03
CA VAL H 83 18.06 51.50 7.22
C VAL H 83 17.46 50.89 5.94
N LEU H 84 17.92 51.30 4.79
CA LEU H 84 17.42 50.72 3.51
C LEU H 84 17.92 49.28 3.39
N ALA H 85 19.11 48.94 3.91
CA ALA H 85 19.57 47.53 3.89
C ALA H 85 18.57 46.66 4.66
N ARG H 86 18.18 47.07 5.86
CA ARG H 86 17.18 46.34 6.68
C ARG H 86 15.84 46.29 5.95
N SER H 87 15.46 47.36 5.24
CA SER H 87 14.20 47.45 4.47
C SER H 87 14.20 46.41 3.37
N LYS H 88 15.33 46.27 2.69
CA LYS H 88 15.45 45.25 1.62
C LYS H 88 15.26 43.85 2.23
N GLN H 89 15.85 43.56 3.38
CA GLN H 89 15.71 42.23 4.03
C GLN H 89 14.25 41.99 4.42
N VAL H 90 13.55 43.01 4.92
CA VAL H 90 12.11 42.85 5.25
C VAL H 90 11.31 42.53 3.98
N LEU H 91 11.60 43.25 2.90
CA LEU H 91 10.90 43.02 1.61
C LEU H 91 11.20 41.61 1.13
N ARG H 92 12.40 41.12 1.42
CA ARG H 92 12.80 39.80 0.97
C ARG H 92 11.98 38.77 1.74
N GLN H 93 11.73 38.96 3.05
CA GLN H 93 10.86 38.02 3.80
C GLN H 93 9.45 38.04 3.23
N LEU H 94 8.91 39.21 2.99
CA LEU H 94 7.56 39.37 2.43
C LEU H 94 7.46 38.64 1.09
N THR H 95 8.53 38.59 0.29
CA THR H 95 8.50 37.92 -1.03
CA THR H 95 8.50 37.92 -1.03
C THR H 95 8.70 36.40 -0.86
N GLU H 96 9.66 36.00 -0.04
CA GLU H 96 9.94 34.56 0.22
C GLU H 96 8.71 33.83 0.76
N GLN H 97 7.92 34.45 1.62
CA GLN H 97 6.90 33.71 2.37
C GLN H 97 5.77 33.28 1.43
N TRP H 98 5.67 33.77 0.19
CA TRP H 98 4.67 33.25 -0.77
C TRP H 98 4.79 31.73 -0.88
N SER H 99 5.99 31.14 -0.69
CA SER H 99 6.23 29.68 -0.82
C SER H 99 5.33 28.92 0.14
N VAL H 100 4.96 29.51 1.28
CA VAL H 100 4.07 28.80 2.24
C VAL H 100 2.65 28.69 1.66
N LEU H 101 2.08 29.81 1.23
CA LEU H 101 0.68 29.91 0.75
C LEU H 101 0.52 29.16 -0.59
N GLU H 102 1.59 28.91 -1.35
CA GLU H 102 1.53 28.09 -2.60
C GLU H 102 1.22 26.61 -2.31
N THR H 103 1.30 26.17 -1.05
CA THR H 103 0.83 24.83 -0.62
C THR H 103 -0.70 24.81 -0.38
N LEU H 104 -1.40 25.91 -0.64
CA LEU H 104 -2.88 26.00 -0.57
C LEU H 104 -3.42 25.75 -1.97
N THR H 105 -4.25 24.72 -2.14
CA THR H 105 -4.81 24.38 -3.46
C THR H 105 -6.18 25.02 -3.60
N PRO H 106 -6.66 25.13 -4.85
CA PRO H 106 -7.99 25.66 -5.15
C PRO H 106 -9.10 24.88 -4.42
N SER H 107 -8.94 23.57 -4.32
CA SER H 107 -9.86 22.63 -3.61
C SER H 107 -9.94 23.02 -2.13
N GLU H 108 -8.80 23.30 -1.50
CA GLU H 108 -8.76 23.77 -0.09
C GLU H 108 -9.43 25.16 0.02
N TYR H 109 -9.02 26.14 -0.78
CA TYR H 109 -9.49 27.53 -0.62
C TYR H 109 -11.02 27.59 -0.80
N MET H 110 -11.56 26.85 -1.76
CA MET H 110 -13.01 26.95 -2.08
C MET H 110 -13.82 26.45 -0.87
N GLY H 111 -13.18 25.74 0.05
CA GLY H 111 -13.74 25.31 1.34
C GLY H 111 -14.10 26.47 2.25
N PHE H 112 -13.47 27.66 2.11
CA PHE H 112 -13.74 28.76 3.08
C PHE H 112 -13.67 30.15 2.46
N ARG H 113 -13.41 30.31 1.16
CA ARG H 113 -13.33 31.66 0.54
C ARG H 113 -14.63 32.42 0.80
N ASP H 114 -15.76 31.70 0.84
CA ASP H 114 -17.10 32.28 1.12
C ASP H 114 -17.12 33.07 2.46
N VAL H 115 -16.37 32.68 3.48
CA VAL H 115 -16.49 33.35 4.82
C VAL H 115 -15.87 34.75 4.76
N LEU H 116 -15.18 35.09 3.67
CA LEU H 116 -14.32 36.31 3.64
C LEU H 116 -15.20 37.50 3.26
N GLY H 117 -16.37 37.22 2.69
CA GLY H 117 -17.24 38.28 2.16
C GLY H 117 -16.43 39.15 1.21
N PRO H 118 -16.48 40.49 1.36
CA PRO H 118 -15.78 41.41 0.45
C PRO H 118 -14.37 41.79 0.93
N SER H 119 -13.89 41.14 1.99
CA SER H 119 -12.56 41.45 2.58
C SER H 119 -11.47 41.13 1.55
N SER H 120 -10.43 41.97 1.48
CA SER H 120 -9.39 41.84 0.44
C SER H 120 -8.16 42.62 0.89
N GLY H 121 -6.97 42.17 0.49
CA GLY H 121 -5.72 42.91 0.76
C GLY H 121 -5.73 44.24 0.03
N PHE H 122 -6.60 44.39 -0.96
CA PHE H 122 -6.85 45.73 -1.55
C PHE H 122 -7.09 46.72 -0.42
N GLN H 123 -7.66 46.27 0.70
CA GLN H 123 -8.01 47.10 1.87
C GLN H 123 -6.90 47.06 2.94
N SER H 124 -5.67 46.67 2.59
CA SER H 124 -4.55 46.70 3.55
C SER H 124 -4.11 48.15 3.70
N LEU H 125 -4.42 48.77 4.83
CA LEU H 125 -3.96 50.14 5.09
C LEU H 125 -2.41 50.18 5.04
N GLN H 126 -1.72 49.23 5.68
CA GLN H 126 -0.25 49.29 5.81
C GLN H 126 0.41 49.06 4.45
N TYR H 127 -0.17 48.20 3.62
CA TYR H 127 0.32 48.01 2.24
C TYR H 127 0.25 49.34 1.48
N ARG H 128 -0.91 50.01 1.56
CA ARG H 128 -1.11 51.24 0.78
C ARG H 128 -0.21 52.34 1.36
N TYR H 129 0.01 52.34 2.67
CA TYR H 129 0.91 53.32 3.32
C TYR H 129 2.30 53.22 2.66
N ILE H 130 2.81 52.00 2.53
CA ILE H 130 4.14 51.72 1.91
C ILE H 130 4.13 52.18 0.46
N GLU H 131 3.12 51.76 -0.31
CA GLU H 131 2.99 52.13 -1.76
CA GLU H 131 3.08 52.12 -1.75
C GLU H 131 3.09 53.65 -1.90
N PHE H 132 2.39 54.36 -1.01
CA PHE H 132 2.38 55.85 -0.99
C PHE H 132 3.76 56.37 -0.66
N LEU H 133 4.38 55.85 0.41
N LEU H 133 4.41 55.84 0.39
CA LEU H 133 5.73 56.25 0.87
CA LEU H 133 5.72 56.36 0.83
C LEU H 133 6.73 56.13 -0.29
C LEU H 133 6.77 56.11 -0.26
N LEU H 134 6.65 55.05 -1.05
CA LEU H 134 7.63 54.81 -2.16
C LEU H 134 7.28 55.70 -3.37
N GLY H 135 6.06 56.18 -3.43
CA GLY H 135 5.68 57.23 -4.38
C GLY H 135 4.45 56.96 -5.21
N ASN H 136 3.87 55.76 -5.18
N ASN H 136 3.84 55.76 -5.13
CA ASN H 136 2.69 55.46 -6.04
CA ASN H 136 2.66 55.39 -5.95
C ASN H 136 1.43 56.03 -5.37
C ASN H 136 1.41 56.04 -5.32
N LYS H 137 1.33 57.37 -5.35
CA LYS H 137 0.27 58.14 -4.66
C LYS H 137 -1.03 57.92 -5.43
N ASN H 138 -2.13 57.74 -4.73
CA ASN H 138 -3.44 57.57 -5.41
C ASN H 138 -4.52 58.03 -4.46
N PRO H 139 -4.94 59.30 -4.56
CA PRO H 139 -5.97 59.84 -3.67
C PRO H 139 -7.29 59.04 -3.74
N GLN H 140 -7.58 58.33 -4.85
CA GLN H 140 -8.82 57.49 -4.98
C GLN H 140 -8.87 56.48 -3.84
N MET H 141 -7.72 56.13 -3.23
CA MET H 141 -7.66 55.08 -2.21
C MET H 141 -8.20 55.58 -0.87
N LEU H 142 -8.20 56.88 -0.62
CA LEU H 142 -8.60 57.39 0.72
C LEU H 142 -10.04 56.96 1.05
N GLN H 143 -10.94 56.93 0.06
CA GLN H 143 -12.39 56.59 0.24
C GLN H 143 -12.54 55.14 0.75
N VAL H 144 -11.60 54.27 0.38
CA VAL H 144 -11.61 52.84 0.80
C VAL H 144 -11.57 52.81 2.33
N PHE H 145 -10.93 53.79 2.96
CA PHE H 145 -10.67 53.75 4.41
C PHE H 145 -11.60 54.72 5.15
N ALA H 146 -12.67 55.19 4.50
CA ALA H 146 -13.70 56.05 5.13
C ALA H 146 -14.21 55.43 6.44
N TYR H 147 -14.33 54.09 6.51
CA TYR H 147 -14.81 53.34 7.69
C TYR H 147 -13.85 53.49 8.87
N ASP H 148 -12.59 53.89 8.65
CA ASP H 148 -11.55 53.97 9.72
C ASP H 148 -10.92 55.37 9.67
N PRO H 149 -11.59 56.41 10.25
CA PRO H 149 -11.10 57.78 10.12
C PRO H 149 -9.64 57.95 10.51
N ALA H 150 -9.22 57.34 11.62
CA ALA H 150 -7.85 57.46 12.14
C ALA H 150 -6.88 56.88 11.10
N GLY H 151 -7.16 55.70 10.55
CA GLY H 151 -6.28 55.09 9.53
C GLY H 151 -6.27 55.91 8.24
N GLN H 152 -7.43 56.42 7.81
CA GLN H 152 -7.59 57.26 6.61
C GLN H 152 -6.67 58.48 6.77
N ALA H 153 -6.62 59.07 7.95
CA ALA H 153 -5.81 60.27 8.25
C ALA H 153 -4.32 59.91 8.15
N ARG H 154 -3.93 58.73 8.62
CA ARG H 154 -2.50 58.28 8.55
C ARG H 154 -2.12 58.13 7.07
N LEU H 155 -3.02 57.59 6.25
CA LEU H 155 -2.77 57.42 4.80
C LEU H 155 -2.74 58.81 4.13
N ARG H 156 -3.60 59.74 4.52
CA ARG H 156 -3.62 61.13 3.99
C ARG H 156 -2.31 61.85 4.33
N GLU H 157 -1.78 61.63 5.52
CA GLU H 157 -0.53 62.27 5.97
C GLU H 157 0.60 61.86 5.01
N VAL H 158 0.72 60.57 4.69
CA VAL H 158 1.86 60.12 3.84
C VAL H 158 1.55 60.53 2.40
N LEU H 159 0.28 60.60 2.02
CA LEU H 159 -0.11 61.07 0.66
C LEU H 159 0.40 62.51 0.47
N GLU H 160 0.30 63.33 1.48
CA GLU H 160 0.59 64.78 1.37
C GLU H 160 2.07 65.11 1.55
N ALA H 161 2.90 64.17 1.98
CA ALA H 161 4.36 64.35 2.22
C ALA H 161 5.11 63.91 0.97
N PRO H 162 6.28 64.50 0.69
CA PRO H 162 7.15 64.00 -0.36
C PRO H 162 7.41 62.50 -0.14
N SER H 163 7.53 61.77 -1.23
CA SER H 163 7.83 60.32 -1.23
C SER H 163 9.33 60.14 -0.87
N LEU H 164 9.74 58.90 -0.67
CA LEU H 164 11.17 58.58 -0.50
C LEU H 164 11.96 59.05 -1.73
N TYR H 165 11.40 58.93 -2.92
CA TYR H 165 12.08 59.33 -4.17
C TYR H 165 12.22 60.83 -4.21
N GLU H 166 11.16 61.58 -3.86
CA GLU H 166 11.20 63.04 -3.87
C GLU H 166 12.17 63.56 -2.82
N GLU H 167 12.31 62.89 -1.68
CA GLU H 167 13.30 63.28 -0.64
C GLU H 167 14.70 63.00 -1.20
N PHE H 168 14.88 61.97 -2.00
CA PHE H 168 16.17 61.74 -2.69
C PHE H 168 16.44 62.87 -3.71
N LEU H 169 15.44 63.23 -4.53
CA LEU H 169 15.66 64.36 -5.46
C LEU H 169 15.99 65.63 -4.65
N ARG H 170 15.37 65.91 -3.52
CA ARG H 170 15.65 67.15 -2.73
C ARG H 170 17.09 67.07 -2.15
N TYR H 171 17.52 65.90 -1.68
CA TYR H 171 18.96 65.64 -1.31
C TYR H 171 19.89 66.00 -2.46
N LEU H 172 19.58 65.58 -3.68
CA LEU H 172 20.46 65.87 -4.84
C LEU H 172 20.48 67.40 -5.06
N ALA H 173 19.32 68.07 -4.90
CA ALA H 173 19.25 69.55 -5.04
C ALA H 173 20.18 70.23 -4.01
N ARG H 174 20.10 69.80 -2.75
CA ARG H 174 20.92 70.38 -1.65
C ARG H 174 22.42 70.23 -1.93
N PHE H 175 22.85 69.28 -2.76
CA PHE H 175 24.27 69.08 -3.12
C PHE H 175 24.58 69.53 -4.55
N GLY H 176 23.72 70.36 -5.13
CA GLY H 176 24.08 71.11 -6.36
C GLY H 176 23.72 70.40 -7.64
N HIS H 177 22.99 69.28 -7.62
CA HIS H 177 22.54 68.62 -8.85
C HIS H 177 21.47 69.52 -9.50
N ALA H 178 21.29 69.39 -10.82
CA ALA H 178 20.37 70.23 -11.62
C ALA H 178 18.94 69.71 -11.47
N ILE H 179 18.39 69.86 -10.27
CA ILE H 179 17.02 69.44 -9.90
C ILE H 179 16.09 70.62 -10.20
N PRO H 180 15.12 70.39 -11.09
CA PRO H 180 14.14 71.43 -11.40
C PRO H 180 13.47 72.05 -10.14
N GLN H 181 13.05 73.30 -10.31
CA GLN H 181 12.40 74.13 -9.26
C GLN H 181 11.17 73.43 -8.67
N GLN H 182 10.40 72.69 -9.45
CA GLN H 182 9.12 72.14 -8.95
C GLN H 182 9.38 71.19 -7.77
N TYR H 183 10.59 70.58 -7.67
CA TYR H 183 10.83 69.61 -6.56
C TYR H 183 11.04 70.34 -5.23
N GLN H 184 11.15 71.67 -5.25
CA GLN H 184 11.18 72.47 -4.00
C GLN H 184 9.81 72.49 -3.31
N ALA H 185 8.72 72.54 -4.06
CA ALA H 185 7.33 72.68 -3.53
C ALA H 185 6.37 72.35 -4.67
N ARG H 186 5.62 71.27 -4.52
CA ARG H 186 4.56 70.88 -5.47
C ARG H 186 3.50 70.12 -4.68
N ASP H 187 2.39 69.83 -5.34
CA ASP H 187 1.34 69.01 -4.71
C ASP H 187 1.82 67.55 -4.66
N TRP H 188 2.33 67.15 -3.50
CA TRP H 188 2.96 65.82 -3.29
C TRP H 188 1.88 64.72 -3.40
N THR H 189 0.57 65.07 -3.40
CA THR H 189 -0.51 64.06 -3.50
C THR H 189 -0.60 63.48 -4.89
N ALA H 190 -0.04 64.15 -5.88
CA ALA H 190 -0.01 63.73 -7.29
C ALA H 190 1.17 62.81 -7.50
N ALA H 191 0.94 61.62 -8.02
CA ALA H 191 2.02 60.66 -8.27
C ALA H 191 3.07 61.29 -9.20
N HIS H 192 4.35 61.11 -8.89
CA HIS H 192 5.48 61.52 -9.75
C HIS H 192 5.30 60.90 -11.14
N VAL H 193 5.48 61.71 -12.18
CA VAL H 193 5.56 61.18 -13.57
C VAL H 193 6.98 61.44 -14.08
N ALA H 194 7.51 60.50 -14.86
CA ALA H 194 8.85 60.55 -15.49
C ALA H 194 9.12 61.95 -16.04
N ASP H 195 10.26 62.48 -15.65
CA ASP H 195 10.74 63.85 -15.95
C ASP H 195 12.03 63.70 -16.75
N ASP H 196 11.96 63.90 -18.06
CA ASP H 196 13.13 63.78 -18.96
C ASP H 196 14.25 64.78 -18.62
N THR H 197 13.94 65.86 -17.89
CA THR H 197 14.95 66.89 -17.52
C THR H 197 15.86 66.34 -16.41
N LEU H 198 15.49 65.21 -15.79
CA LEU H 198 16.34 64.50 -14.76
C LEU H 198 17.34 63.57 -15.43
N ARG H 199 17.14 63.20 -16.71
CA ARG H 199 18.05 62.28 -17.44
C ARG H 199 19.50 62.72 -17.28
N PRO H 200 19.90 63.98 -17.61
CA PRO H 200 21.30 64.37 -17.50
C PRO H 200 21.81 64.29 -16.05
N VAL H 201 20.94 64.48 -15.05
CA VAL H 201 21.37 64.38 -13.62
C VAL H 201 21.85 62.95 -13.35
N PHE H 202 21.04 61.97 -13.71
CA PHE H 202 21.42 60.56 -13.47
C PHE H 202 22.56 60.12 -14.40
N GLU H 203 22.60 60.62 -15.64
CA GLU H 203 23.74 60.29 -16.54
C GLU H 203 25.04 60.70 -15.85
N ARG H 204 25.09 61.91 -15.34
CA ARG H 204 26.29 62.51 -14.71
C ARG H 204 26.72 61.63 -13.52
N ILE H 205 25.77 61.26 -12.64
CA ILE H 205 26.07 60.38 -11.47
C ILE H 205 26.70 59.06 -11.95
N TYR H 206 26.08 58.37 -12.92
CA TYR H 206 26.51 57.03 -13.33
C TYR H 206 27.78 57.11 -14.19
N GLU H 207 28.07 58.27 -14.75
CA GLU H 207 29.28 58.42 -15.63
C GLU H 207 30.48 58.90 -14.83
N ASN H 208 30.32 59.21 -13.55
CA ASN H 208 31.43 59.61 -12.68
C ASN H 208 31.17 59.11 -11.25
N THR H 209 31.25 57.79 -11.06
CA THR H 209 30.87 57.17 -9.77
C THR H 209 31.86 57.54 -8.67
N ASP H 210 33.12 57.82 -9.00
CA ASP H 210 34.15 58.20 -7.98
C ASP H 210 33.72 59.53 -7.34
N ARG H 211 33.31 60.49 -8.15
CA ARG H 211 32.84 61.79 -7.63
C ARG H 211 31.48 61.65 -6.92
N TYR H 212 30.54 60.91 -7.50
CA TYR H 212 29.12 60.86 -7.07
C TYR H 212 28.86 59.53 -6.35
N TRP H 213 29.82 59.03 -5.55
CA TRP H 213 29.70 57.66 -4.96
C TRP H 213 28.46 57.56 -4.06
N ARG H 214 28.17 58.58 -3.27
CA ARG H 214 27.01 58.58 -2.36
C ARG H 214 25.74 58.48 -3.20
N GLU H 215 25.64 59.30 -4.24
CA GLU H 215 24.45 59.36 -5.10
C GLU H 215 24.28 58.03 -5.82
N TYR H 216 25.39 57.49 -6.37
CA TYR H 216 25.39 56.21 -7.12
C TYR H 216 24.89 55.09 -6.18
N SER H 217 25.39 55.06 -4.94
CA SER H 217 24.98 53.99 -4.00
CA SER H 217 25.01 54.06 -3.93
C SER H 217 23.49 54.12 -3.64
N LEU H 218 23.00 55.33 -3.46
CA LEU H 218 21.58 55.55 -3.15
C LEU H 218 20.70 55.18 -4.36
N CYS H 219 21.13 55.53 -5.57
CA CYS H 219 20.39 55.16 -6.80
C CYS H 219 20.24 53.63 -6.84
N GLU H 220 21.33 52.89 -6.60
CA GLU H 220 21.27 51.42 -6.68
C GLU H 220 20.43 50.86 -5.53
N ASP H 221 20.43 51.49 -4.35
CA ASP H 221 19.58 51.05 -3.22
C ASP H 221 18.10 51.21 -3.63
N LEU H 222 17.77 52.29 -4.32
CA LEU H 222 16.35 52.55 -4.71
C LEU H 222 15.95 51.57 -5.80
N VAL H 223 16.86 51.28 -6.75
CA VAL H 223 16.56 50.24 -7.78
C VAL H 223 16.38 48.89 -7.09
N ASP H 224 17.17 48.58 -6.05
CA ASP H 224 16.99 47.32 -5.30
C ASP H 224 15.58 47.29 -4.70
N VAL H 225 15.20 48.35 -4.00
CA VAL H 225 13.90 48.43 -3.30
C VAL H 225 12.77 48.24 -4.30
N GLU H 226 12.84 48.93 -5.44
CA GLU H 226 11.76 48.80 -6.45
C GLU H 226 11.74 47.40 -7.04
N THR H 227 12.91 46.82 -7.36
CA THR H 227 12.97 45.46 -7.91
C THR H 227 12.32 44.49 -6.92
N GLN H 228 12.65 44.54 -5.63
CA GLN H 228 12.10 43.57 -4.64
CA GLN H 228 12.09 43.58 -4.65
C GLN H 228 10.59 43.79 -4.50
N PHE H 229 10.15 45.03 -4.52
CA PHE H 229 8.70 45.33 -4.42
C PHE H 229 7.96 44.74 -5.64
N GLN H 230 8.51 44.91 -6.84
CA GLN H 230 7.90 44.31 -8.06
C GLN H 230 7.89 42.79 -7.91
N LEU H 231 8.94 42.14 -7.39
CA LEU H 231 8.93 40.67 -7.17
CA LEU H 231 8.93 40.67 -7.18
C LEU H 231 7.81 40.30 -6.21
N TRP H 232 7.59 41.10 -5.16
CA TRP H 232 6.44 40.84 -4.26
C TRP H 232 5.15 40.81 -5.09
N ARG H 233 4.93 41.86 -5.87
CA ARG H 233 3.67 42.02 -6.67
C ARG H 233 3.59 40.81 -7.60
N PHE H 234 4.72 40.40 -8.19
CA PHE H 234 4.70 39.27 -9.17
C PHE H 234 4.34 37.96 -8.45
N ARG H 235 4.96 37.69 -7.29
CA ARG H 235 4.72 36.42 -6.56
C ARG H 235 3.29 36.39 -6.03
N HIS H 236 2.77 37.51 -5.57
CA HIS H 236 1.33 37.60 -5.15
C HIS H 236 0.45 37.24 -6.35
N MET H 237 0.70 37.87 -7.49
CA MET H 237 -0.11 37.63 -8.73
CA MET H 237 -0.09 37.65 -8.73
C MET H 237 -0.03 36.16 -9.14
N ARG H 238 1.15 35.56 -9.11
CA ARG H 238 1.30 34.14 -9.49
C ARG H 238 0.58 33.26 -8.47
N THR H 239 0.53 33.65 -7.21
CA THR H 239 -0.22 32.90 -6.18
C THR H 239 -1.72 32.98 -6.50
N VAL H 240 -2.20 34.19 -6.78
CA VAL H 240 -3.62 34.43 -7.14
C VAL H 240 -3.94 33.52 -8.31
N MET H 241 -3.06 33.51 -9.31
CA MET H 241 -3.31 32.68 -10.51
C MET H 241 -3.50 31.22 -10.14
N ARG H 242 -2.69 30.63 -9.26
CA ARG H 242 -2.75 29.19 -8.94
C ARG H 242 -3.85 28.92 -7.92
N VAL H 243 -4.44 29.91 -7.25
CA VAL H 243 -5.49 29.66 -6.21
C VAL H 243 -6.87 29.97 -6.80
N ILE H 244 -7.08 31.12 -7.41
CA ILE H 244 -8.42 31.48 -7.99
C ILE H 244 -8.38 31.67 -9.50
N GLY H 245 -7.23 31.49 -10.15
CA GLY H 245 -7.09 31.80 -11.59
C GLY H 245 -7.66 33.16 -11.96
N PHE H 246 -8.54 33.22 -12.96
CA PHE H 246 -9.04 34.50 -13.52
C PHE H 246 -10.43 34.83 -12.95
N LYS H 247 -10.78 34.31 -11.78
CA LYS H 247 -12.04 34.74 -11.08
C LYS H 247 -11.92 36.20 -10.62
N ARG H 248 -13.03 36.91 -10.53
CA ARG H 248 -13.07 38.25 -9.92
C ARG H 248 -12.67 38.10 -8.44
N GLY H 249 -12.04 39.13 -7.87
CA GLY H 249 -11.64 39.06 -6.45
C GLY H 249 -12.78 39.40 -5.52
N THR H 250 -12.63 39.00 -4.25
CA THR H 250 -13.55 39.34 -3.13
C THR H 250 -13.72 40.86 -3.06
N GLY H 251 -12.66 41.64 -3.34
CA GLY H 251 -12.66 43.10 -3.17
C GLY H 251 -13.42 43.80 -4.29
N GLY H 252 -13.86 43.06 -5.31
CA GLY H 252 -14.71 43.55 -6.41
C GLY H 252 -13.95 43.87 -7.68
N SER H 253 -12.64 43.59 -7.75
CA SER H 253 -11.83 43.82 -8.97
C SER H 253 -11.88 42.60 -9.89
N SER H 254 -11.39 42.77 -11.13
CA SER H 254 -11.19 41.72 -12.17
C SER H 254 -10.11 40.71 -11.76
N GLY H 255 -9.36 40.94 -10.68
CA GLY H 255 -8.36 40.00 -10.14
C GLY H 255 -7.02 40.12 -10.85
N VAL H 256 -6.52 39.04 -11.43
CA VAL H 256 -5.15 38.99 -12.04
C VAL H 256 -4.90 40.22 -12.94
N GLY H 257 -5.79 40.54 -13.88
CA GLY H 257 -5.62 41.70 -14.78
C GLY H 257 -5.48 43.04 -14.04
N PHE H 258 -6.23 43.23 -12.96
CA PHE H 258 -6.14 44.46 -12.13
C PHE H 258 -4.78 44.49 -11.42
N LEU H 259 -4.27 43.33 -11.02
CA LEU H 259 -2.95 43.20 -10.32
C LEU H 259 -1.81 43.46 -11.32
N GLN H 260 -1.95 42.99 -12.57
CA GLN H 260 -0.94 43.15 -13.64
C GLN H 260 -0.74 44.63 -13.93
N GLN H 261 -1.79 45.46 -13.81
CA GLN H 261 -1.68 46.91 -14.05
C GLN H 261 -0.69 47.54 -13.06
N ALA H 262 -0.62 47.05 -11.81
CA ALA H 262 0.30 47.67 -10.83
C ALA H 262 1.74 47.24 -11.14
N LEU H 263 1.91 46.07 -11.74
CA LEU H 263 3.27 45.63 -12.19
C LEU H 263 3.79 46.59 -13.25
N ALA H 264 2.97 47.42 -13.89
CA ALA H 264 3.44 48.41 -14.87
C ALA H 264 3.75 49.72 -14.17
N LEU H 265 3.35 49.87 -12.91
CA LEU H 265 3.67 51.10 -12.16
C LEU H 265 5.19 51.09 -11.90
N THR H 266 5.78 52.27 -11.75
CA THR H 266 7.21 52.44 -11.40
C THR H 266 7.26 53.47 -10.29
N PHE H 267 8.11 53.24 -9.31
CA PHE H 267 8.39 54.24 -8.28
C PHE H 267 9.41 55.21 -8.80
N PHE H 268 10.46 54.72 -9.50
CA PHE H 268 11.71 55.53 -9.67
C PHE H 268 12.05 55.56 -11.14
N PRO H 269 11.16 56.09 -12.00
CA PRO H 269 11.27 55.86 -13.43
C PRO H 269 12.60 56.31 -14.05
N GLU H 270 13.13 57.47 -13.65
CA GLU H 270 14.32 58.05 -14.30
C GLU H 270 15.54 57.15 -14.02
N LEU H 271 15.52 56.42 -12.90
CA LEU H 271 16.61 55.46 -12.56
C LEU H 271 16.64 54.35 -13.61
N PHE H 272 15.47 53.87 -14.04
CA PHE H 272 15.41 52.80 -15.08
C PHE H 272 15.69 53.43 -16.44
N ASP H 273 15.09 54.60 -16.72
CA ASP H 273 15.20 55.27 -18.04
C ASP H 273 16.67 55.56 -18.35
N VAL H 274 17.51 55.88 -17.35
CA VAL H 274 18.89 56.35 -17.60
C VAL H 274 19.69 55.19 -18.17
N ARG H 275 19.24 53.93 -17.94
CA ARG H 275 19.99 52.76 -18.47
C ARG H 275 20.13 52.88 -20.01
N THR H 276 19.17 53.52 -20.70
CA THR H 276 19.21 53.54 -22.20
C THR H 276 20.28 54.51 -22.69
N SER H 277 20.80 55.43 -21.85
CA SER H 277 21.72 56.52 -22.28
C SER H 277 23.06 56.57 -21.54
N VAL H 278 23.25 55.88 -20.42
CA VAL H 278 24.56 55.89 -19.67
C VAL H 278 25.67 55.40 -20.63
N GLY H 279 26.71 56.21 -20.82
CA GLY H 279 27.81 55.94 -21.79
C GLY H 279 27.34 55.99 -23.24
N VAL H 280 26.76 57.12 -23.69
CA VAL H 280 26.26 57.38 -25.08
C VAL H 280 25.72 56.08 -25.67
#